data_9EF4
#
_entry.id   9EF4
#
_cell.length_a   1.00
_cell.length_b   1.00
_cell.length_c   1.00
_cell.angle_alpha   90.00
_cell.angle_beta   90.00
_cell.angle_gamma   90.00
#
_symmetry.space_group_name_H-M   'P 1'
#
loop_
_entity.id
_entity.type
_entity.pdbx_description
1 polymer 'DILP1 B-chain'
2 polymer 'DILP1 A-chain'
3 polymer 'Insulin-like receptor'
4 non-polymer 2-acetamido-2-deoxy-beta-D-glucopyranose
#
loop_
_entity_poly.entity_id
_entity_poly.type
_entity_poly.pdbx_seq_one_letter_code
_entity_poly.pdbx_strand_id
1 'polypeptide(L)' MVTPTGSGHQLLPPGNHKLCGPALSDAMDVVCPHGFNTLPK C,E
2 'polypeptide(L)' HLTGGVYDECCVKTCSYLELAIYCLPK D,F
3 'polypeptide(L)'
;MFNMPRGVTKSKSKRGKIKMENDMAAAATTTACTLGHICVLCRQEMLLDTCCCRQAVEAVDSPASSEEAYSSSNSSSCQA
SSEISAEEVWFLSHDDIVLCRRPKFDEVETTGKKRDVKCSGHQCSNECDDGSTKNNRQQRENFNIFSNCHNILRTLQSLL
LLMFNCGIFNKRRRRQHQQQHHHHYQHHHQQHHQQHHQRQQANVSYTKFLLLLQTLAAATTRLSLSPKNYKQQQQLQHNQ
QLPRATPQQKQQEKDRHKCFHYKHNYSYSPGISLLLFILLANTLAIQAVVLPAHQQHLLHNDIADGLDKTALSVSGTQSR
WTRSESNPTMRLSQNVKPCKSMDIRNMVSHFNQLENCTVIEGFLLIDLINDASPLNRSFPKLTEVTDYIIIYRVTGLHSL
SKIFPNLSVIRGNKLFDGYALVVYSNFDLMDLGLHKLRSITRGGVRIEKNHKLCYDRTIDWLEILAENETQLVVLTENGK
EKECRLSKCPGEIRIEEGHDTTAIEGELNASCQLHNNRRLCWNSKLCQTKCPEKCRNNCIDEHTCCSQDCLGGCVIDKNG
NESCISCRNVSFNNICMDSCPKGYYQFDSRCVTANECITLTKFETNSVYSGIPYNGQCITHCPTGYQKSENKRMCEPCPG
GKCDKECSSGLIDSLERAREFHGCTIITGTEPLTISIKRESGAHVMDELKYGLAAVHKIQSSLMVHLTYGLKSLKFFQSL
TEISGDPPMDADKYALYVLDNRDLDELWGPNQTVFIRKGGVFFHFNPKLCVSTINQLLPMLASKPKFFEKSDVGADSNGN
RGSCGTAVLNVTLQSVGANSAMLNVTTKVEIGEPQKPSNATIVFKDPRAFIGFVFYHMIDPYGNSTKSSDDPCDDRWKVS
SPEKSGVMVLSNLIPYTNYSYYVRTMAISSELTNAESDVKNFRTNPGRPSKVTEVVATAISDSKINVTWSYLDKPYGVLT
RYFIKAKLINRPTRNNNRDYCTEPLVKAMENDLPATTPTKKISDPLAGDCKCVEGSKKTSSQEYDDRKVQAGMEFENALQ
NFIFVPNIRKSKNGSSDKSDGAEGAALDSNAIPNGGATNPSRRRRDVALEPELDDVEGSVLLRHVRSITDDTDAFFEKDD
ENTYKDEEDLSSNKQFYEVFAKELPPNQTHFVFEKLRHFTRYAIFVVACREEIPSEKLRDTSFKKSLCSDYDTVFQTTKR
KKFADIVMDLKVDLEHANNTESPVRVRWTPPVDPNGEIVTYEVAYKLQKPDQVEEKKCIPAADFNQTAGYLIKLNEGLYS
FRVRANSIAGYGDFTEVEHIKVEPPPSYAKVFFWLLGIGLAFLIVSLFGYVCYLHKRKVPSNDLHMNTEVNPFYASMQYI
PDDWEVLRENIIQLAPLGQGSFGMVYEGILKSFPPNGVDRECAIKTVNENATDRERTNFLSEASVMKEFDTYHVVRLLGV
CSRGQPALVVMELMKKGDLKSYLRAHRPEERDEAMMTYLNRIGVTGNVQPPTYGRIYQMAIEIADGMAYLAAKKFVHRDL
AARNCMVADDLTVKIGDFGMTRDIYETDYYRKGTKGLLPVRWMPPESLRDGVYSSASDVFSFGVVLWEMATLAAQPYQGL
SNEQVLRYVIDGGVMERPENCPDFLHKLMQRCWHHRSSARPSFLDIIAYLEPQCPNSQFKEVSFYHSEAGLQHREKERKE
RNQLDAFAAVPLDQDLQDREQQEDATTPLRMGDYQQNSSLDQPPESPIAMVDDQGSHLPFSLPSGFIASSTPDGQTVMAT
AFQNIPAAQGDISATYVVPDADALDGDRGYEIYDPSPKCAELPTSRSGSTGGGKLSGEQHLLPRKGRQPTIMSSSMPDDV
IGGSSLQPSTASAGSSNASSHTGRPSLKKTVADSVRNKANFINRHLFNHKRTGSNASHKSNASNAPSTSSNTNLTSHPVA
MGNLGTIESGGSGSAGSYTGTPRFYTPSATPGGGSGMAISDNPNYRLLDESIASEQATILTTSSPNPNYEMMHPPTSLVS
TNPNYMPMNETPVQMAGVTISHNPNYQPMQAPLNARQSQSSSDEDNEQEEDDEDEDDDVDDEHVEHIKMERMPLSRPRQR
ALPSKTQPPRSRSVSQTRKSPTNPNSGIGATGAGNRSNLLKENWLRPASTPRPPPPNGFIGREA
;
A,B
#
loop_
_chem_comp.id
_chem_comp.type
_chem_comp.name
_chem_comp.formula
NAG D-saccharide, beta linking 2-acetamido-2-deoxy-beta-D-glucopyranose 'C8 H15 N O6'
#
# COMPACT_ATOMS: atom_id res chain seq x y z
N LEU A 12 -39.56 13.26 -29.16
CA LEU A 12 -40.75 12.36 -29.28
C LEU A 12 -41.03 11.97 -30.73
N PRO A 13 -40.98 12.93 -31.66
CA PRO A 13 -41.29 12.61 -33.06
C PRO A 13 -40.37 11.56 -33.64
N PRO A 14 -39.04 11.72 -33.51
CA PRO A 14 -38.13 10.82 -34.23
C PRO A 14 -38.35 9.37 -33.85
N GLY A 15 -38.12 8.49 -34.82
CA GLY A 15 -38.45 7.09 -34.69
C GLY A 15 -37.31 6.11 -34.53
N ASN A 16 -36.06 6.58 -34.40
CA ASN A 16 -34.96 5.63 -34.27
C ASN A 16 -34.71 5.34 -32.80
N HIS A 17 -34.26 6.34 -32.05
CA HIS A 17 -34.33 6.29 -30.58
C HIS A 17 -33.86 4.97 -29.97
N LYS A 18 -32.55 4.73 -29.95
CA LYS A 18 -32.02 3.56 -29.28
C LYS A 18 -32.26 3.71 -27.78
N LEU A 19 -33.50 3.44 -27.38
CA LEU A 19 -33.94 3.72 -26.02
C LEU A 19 -33.67 2.51 -25.13
N CYS A 20 -33.22 2.75 -23.90
CA CYS A 20 -32.76 1.69 -23.02
C CYS A 20 -33.15 1.95 -21.58
N GLY A 21 -33.19 0.88 -20.80
CA GLY A 21 -33.25 0.93 -19.37
C GLY A 21 -34.25 1.92 -18.81
N PRO A 22 -33.89 2.62 -17.73
CA PRO A 22 -34.88 3.47 -17.07
C PRO A 22 -35.49 4.49 -18.00
N ALA A 23 -34.71 4.98 -18.97
CA ALA A 23 -35.29 5.86 -19.98
C ALA A 23 -36.44 5.17 -20.69
N LEU A 24 -36.27 3.89 -21.05
CA LEU A 24 -37.34 3.14 -21.69
C LEU A 24 -38.55 3.05 -20.78
N SER A 25 -38.33 2.72 -19.51
CA SER A 25 -39.44 2.59 -18.57
C SER A 25 -40.23 3.89 -18.49
N ASP A 26 -39.54 5.00 -18.30
CA ASP A 26 -40.23 6.29 -18.19
C ASP A 26 -40.91 6.67 -19.49
N ALA A 27 -40.29 6.37 -20.62
CA ALA A 27 -40.90 6.68 -21.91
C ALA A 27 -42.19 5.90 -22.08
N MET A 28 -42.23 4.68 -21.57
CA MET A 28 -43.47 3.91 -21.61
C MET A 28 -44.60 4.70 -20.94
N ASP A 29 -44.35 5.22 -19.75
CA ASP A 29 -45.38 5.97 -19.04
C ASP A 29 -45.76 7.24 -19.80
N VAL A 30 -44.76 8.03 -20.18
CA VAL A 30 -45.08 9.32 -20.79
C VAL A 30 -45.80 9.13 -22.12
N VAL A 31 -45.45 8.09 -22.87
CA VAL A 31 -46.08 7.85 -24.16
C VAL A 31 -47.55 7.50 -23.96
N CYS A 32 -47.87 6.80 -22.90
CA CYS A 32 -49.22 6.29 -22.73
C CYS A 32 -49.49 5.95 -21.27
N PRO A 33 -49.95 6.92 -20.47
CA PRO A 33 -50.16 6.65 -19.04
C PRO A 33 -51.47 5.92 -18.75
N HIS A 34 -52.40 5.86 -19.71
CA HIS A 34 -53.72 5.33 -19.41
C HIS A 34 -53.68 3.88 -18.91
N GLY A 35 -52.90 3.03 -19.54
CA GLY A 35 -52.83 1.65 -19.10
C GLY A 35 -52.13 0.70 -20.06
N PHE A 36 -52.18 -0.59 -19.75
CA PHE A 36 -51.51 -1.61 -20.53
C PHE A 36 -52.43 -2.81 -20.68
N ASN A 37 -51.95 -3.81 -21.42
CA ASN A 37 -52.83 -4.90 -21.84
C ASN A 37 -53.00 -5.99 -20.79
N THR A 38 -52.05 -6.14 -19.86
CA THR A 38 -52.05 -7.28 -18.95
C THR A 38 -51.75 -8.56 -19.73
N LEU A 39 -51.16 -9.55 -19.05
CA LEU A 39 -50.57 -10.68 -19.80
C LEU A 39 -51.62 -11.62 -20.37
N PRO A 40 -52.52 -12.22 -19.57
CA PRO A 40 -53.40 -13.26 -20.10
C PRO A 40 -54.14 -12.85 -21.36
N GLY B 4 -41.70 -9.16 -31.08
CA GLY B 4 -41.12 -9.76 -29.84
C GLY B 4 -41.37 -8.92 -28.62
N GLY B 5 -40.57 -9.14 -27.58
CA GLY B 5 -40.70 -8.37 -26.35
C GLY B 5 -40.11 -6.98 -26.49
N VAL B 6 -40.35 -6.16 -25.46
CA VAL B 6 -39.86 -4.78 -25.47
C VAL B 6 -38.35 -4.76 -25.62
N TYR B 7 -37.65 -5.55 -24.82
CA TYR B 7 -36.20 -5.61 -24.92
C TYR B 7 -35.72 -6.25 -26.21
N ASP B 8 -36.62 -6.87 -26.97
CA ASP B 8 -36.27 -7.40 -28.28
C ASP B 8 -36.33 -6.32 -29.37
N GLU B 9 -37.31 -5.42 -29.27
CA GLU B 9 -37.50 -4.39 -30.28
C GLU B 9 -36.83 -3.07 -29.90
N CYS B 10 -36.60 -2.84 -28.62
CA CYS B 10 -35.99 -1.59 -28.16
C CYS B 10 -34.86 -1.92 -27.20
N CYS B 11 -33.88 -1.01 -27.17
CA CYS B 11 -32.65 -1.17 -26.39
C CYS B 11 -31.72 -2.19 -27.02
N VAL B 12 -32.19 -2.87 -28.05
CA VAL B 12 -31.37 -3.58 -29.01
C VAL B 12 -32.03 -3.33 -30.36
N LYS B 13 -31.21 -3.03 -31.38
CA LYS B 13 -31.76 -2.43 -32.57
C LYS B 13 -32.41 -1.11 -32.14
N THR B 14 -33.38 -0.63 -32.90
CA THR B 14 -34.02 0.64 -32.59
C THR B 14 -35.49 0.58 -32.97
N CYS B 15 -36.31 1.31 -32.20
CA CYS B 15 -37.74 1.29 -32.38
C CYS B 15 -38.28 2.71 -32.35
N SER B 16 -39.40 2.92 -33.05
CA SER B 16 -40.05 4.22 -33.06
C SER B 16 -41.19 4.27 -32.05
N TYR B 17 -41.44 5.46 -31.51
CA TYR B 17 -42.46 5.60 -30.48
C TYR B 17 -43.81 5.08 -30.97
N LEU B 18 -44.28 5.58 -32.12
CA LEU B 18 -45.59 5.17 -32.62
C LEU B 18 -45.71 3.66 -32.74
N GLU B 19 -44.66 2.98 -33.21
CA GLU B 19 -44.67 1.52 -33.18
C GLU B 19 -44.62 1.00 -31.75
N LEU B 20 -43.87 1.68 -30.88
CA LEU B 20 -43.76 1.26 -29.50
C LEU B 20 -45.07 1.45 -28.73
N ALA B 21 -46.02 2.20 -29.28
CA ALA B 21 -47.27 2.42 -28.59
C ALA B 21 -48.13 1.17 -28.51
N ILE B 22 -47.76 0.10 -29.24
CA ILE B 22 -48.60 -1.09 -29.28
C ILE B 22 -48.76 -1.68 -27.89
N TYR B 23 -47.75 -1.56 -27.03
CA TYR B 23 -47.75 -2.23 -25.75
C TYR B 23 -48.80 -1.70 -24.79
N CYS B 24 -49.43 -0.57 -25.09
CA CYS B 24 -50.34 0.07 -24.14
C CYS B 24 -51.62 0.50 -24.84
N LEU B 25 -52.22 -0.39 -25.61
CA LEU B 25 -53.53 -0.14 -26.17
C LEU B 25 -54.58 -0.17 -25.06
N PRO B 26 -55.74 0.46 -25.28
CA PRO B 26 -56.80 0.46 -24.27
C PRO B 26 -57.45 -0.91 -24.12
N LEU C 12 28.80 -35.70 -21.63
CA LEU C 12 29.69 -36.08 -22.76
C LEU C 12 29.05 -37.12 -23.68
N PRO C 13 28.43 -38.16 -23.11
CA PRO C 13 27.87 -39.23 -23.95
C PRO C 13 26.73 -38.74 -24.83
N PRO C 14 25.67 -38.17 -24.26
CA PRO C 14 24.44 -37.97 -25.04
C PRO C 14 24.63 -37.00 -26.19
N GLY C 15 23.82 -37.21 -27.23
CA GLY C 15 23.97 -36.45 -28.46
C GLY C 15 23.10 -35.23 -28.59
N ASN C 16 22.08 -35.06 -27.73
CA ASN C 16 21.22 -33.89 -27.85
C ASN C 16 21.70 -32.78 -26.93
N HIS C 17 21.60 -32.99 -25.62
CA HIS C 17 22.24 -32.13 -24.64
C HIS C 17 22.11 -30.64 -24.97
N LYS C 18 20.90 -30.09 -24.83
CA LYS C 18 20.63 -28.71 -25.24
C LYS C 18 21.36 -27.73 -24.34
N LEU C 19 22.65 -27.54 -24.59
CA LEU C 19 23.45 -26.59 -23.84
C LEU C 19 23.02 -25.16 -24.17
N CYS C 20 23.14 -24.26 -23.20
CA CYS C 20 22.76 -22.88 -23.38
C CYS C 20 23.51 -22.00 -22.41
N GLY C 21 23.52 -20.69 -22.70
CA GLY C 21 24.06 -19.70 -21.80
C GLY C 21 25.39 -20.08 -21.21
N PRO C 22 25.61 -19.76 -19.93
CA PRO C 22 26.94 -20.04 -19.35
C PRO C 22 27.32 -21.51 -19.43
N ALA C 23 26.34 -22.41 -19.31
CA ALA C 23 26.63 -23.82 -19.47
C ALA C 23 27.27 -24.10 -20.81
N LEU C 24 26.83 -23.40 -21.86
CA LEU C 24 27.42 -23.61 -23.18
C LEU C 24 28.90 -23.27 -23.17
N SER C 25 29.25 -22.11 -22.62
CA SER C 25 30.65 -21.70 -22.60
C SER C 25 31.48 -22.65 -21.74
N ASP C 26 30.93 -23.07 -20.59
CA ASP C 26 31.67 -23.98 -19.73
C ASP C 26 31.91 -25.31 -20.42
N ALA C 27 30.91 -25.84 -21.12
CA ALA C 27 31.11 -27.07 -21.86
C ALA C 27 32.09 -26.87 -23.00
N MET C 28 32.07 -25.69 -23.61
CA MET C 28 32.97 -25.41 -24.73
C MET C 28 34.42 -25.43 -24.27
N ASP C 29 34.72 -24.71 -23.18
CA ASP C 29 36.10 -24.51 -22.77
C ASP C 29 36.74 -25.79 -22.22
N VAL C 30 35.96 -26.87 -22.08
CA VAL C 30 36.48 -28.15 -21.67
C VAL C 30 36.45 -29.17 -22.80
N VAL C 31 35.31 -29.29 -23.49
CA VAL C 31 35.26 -30.16 -24.65
C VAL C 31 36.26 -29.69 -25.70
N CYS C 32 36.60 -28.40 -25.67
CA CYS C 32 37.68 -27.83 -26.46
C CYS C 32 38.64 -27.18 -25.48
N PRO C 33 39.61 -27.94 -24.95
CA PRO C 33 40.38 -27.43 -23.81
C PRO C 33 41.63 -26.64 -24.18
N HIS C 34 42.01 -26.57 -25.44
CA HIS C 34 43.34 -26.08 -25.79
C HIS C 34 43.38 -24.97 -26.84
N GLY C 35 42.31 -24.71 -27.58
CA GLY C 35 42.37 -23.62 -28.54
C GLY C 35 41.18 -23.43 -29.44
N PHE C 36 41.07 -22.23 -30.01
CA PHE C 36 39.99 -21.85 -30.91
C PHE C 36 40.63 -21.12 -32.09
N ASN C 37 40.23 -21.48 -33.31
CA ASN C 37 41.04 -21.22 -34.48
C ASN C 37 41.04 -19.77 -34.95
N THR C 38 40.44 -18.86 -34.19
CA THR C 38 40.47 -17.44 -34.53
C THR C 38 39.67 -17.15 -35.79
N LEU C 39 39.19 -15.91 -35.93
CA LEU C 39 38.26 -15.60 -37.01
C LEU C 39 38.94 -15.52 -38.37
N PRO C 40 39.91 -14.61 -38.59
CA PRO C 40 40.40 -14.40 -39.95
C PRO C 40 41.18 -15.59 -40.50
N GLY D 4 24.54 -21.83 -38.65
CA GLY D 4 25.38 -20.65 -38.33
C GLY D 4 26.39 -20.93 -37.23
N GLY D 5 26.56 -19.97 -36.32
CA GLY D 5 27.49 -20.11 -35.24
C GLY D 5 27.00 -21.08 -34.19
N VAL D 6 27.67 -21.05 -33.03
CA VAL D 6 27.36 -21.99 -31.96
C VAL D 6 25.92 -21.82 -31.51
N TYR D 7 25.53 -20.58 -31.19
CA TYR D 7 24.17 -20.37 -30.72
C TYR D 7 23.13 -20.66 -31.78
N ASP D 8 23.51 -20.66 -33.06
CA ASP D 8 22.62 -21.07 -34.12
C ASP D 8 22.59 -22.58 -34.32
N GLU D 9 23.68 -23.27 -33.99
CA GLU D 9 23.75 -24.72 -34.13
C GLU D 9 23.41 -25.45 -32.84
N CYS D 10 23.62 -24.83 -31.69
CA CYS D 10 23.35 -25.42 -30.39
C CYS D 10 22.62 -24.39 -29.54
N CYS D 11 21.92 -24.87 -28.50
CA CYS D 11 21.01 -24.06 -27.70
C CYS D 11 19.73 -23.79 -28.48
N VAL D 12 19.69 -24.23 -29.73
CA VAL D 12 18.47 -24.28 -30.52
C VAL D 12 18.64 -25.40 -31.53
N LYS D 13 17.71 -26.35 -31.53
CA LYS D 13 17.89 -27.60 -32.27
C LYS D 13 19.18 -28.27 -31.80
N THR D 14 19.16 -28.68 -30.54
CA THR D 14 20.37 -29.03 -29.82
C THR D 14 21.28 -29.94 -30.64
N CYS D 15 22.57 -29.88 -30.32
CA CYS D 15 23.63 -30.53 -31.08
C CYS D 15 24.34 -31.55 -30.20
N SER D 16 25.17 -32.37 -30.84
CA SER D 16 25.96 -33.36 -30.13
C SER D 16 27.36 -32.85 -29.87
N TYR D 17 28.00 -33.42 -28.85
CA TYR D 17 29.38 -33.02 -28.54
C TYR D 17 30.31 -33.30 -29.71
N LEU D 18 30.12 -34.44 -30.38
CA LEU D 18 30.99 -34.76 -31.51
C LEU D 18 30.92 -33.70 -32.59
N GLU D 19 29.72 -33.26 -32.96
CA GLU D 19 29.59 -32.17 -33.92
C GLU D 19 30.16 -30.88 -33.33
N LEU D 20 29.91 -30.65 -32.05
CA LEU D 20 30.38 -29.44 -31.40
C LEU D 20 31.90 -29.35 -31.36
N ALA D 21 32.60 -30.46 -31.55
CA ALA D 21 34.05 -30.44 -31.56
C ALA D 21 34.60 -29.66 -32.75
N ILE D 22 33.75 -29.35 -33.74
CA ILE D 22 34.22 -28.66 -34.93
C ILE D 22 34.85 -27.32 -34.55
N TYR D 23 34.40 -26.71 -33.47
CA TYR D 23 34.97 -25.44 -33.00
C TYR D 23 36.24 -25.64 -32.21
N CYS D 24 37.24 -26.33 -32.77
CA CYS D 24 38.42 -26.68 -32.00
C CYS D 24 39.51 -27.11 -32.96
N LEU D 25 40.54 -27.77 -32.42
CA LEU D 25 41.65 -28.29 -33.18
C LEU D 25 42.30 -27.18 -34.00
N PRO D 26 42.96 -26.21 -33.34
CA PRO D 26 43.73 -25.19 -34.06
C PRO D 26 44.72 -25.80 -35.04
N PRO E 328 -49.83 -36.99 11.34
CA PRO E 328 -50.93 -37.81 10.81
C PRO E 328 -51.75 -37.07 9.75
N THR E 329 -52.64 -37.79 9.08
CA THR E 329 -53.55 -37.16 8.13
C THR E 329 -54.61 -36.38 8.90
N MET E 330 -54.83 -35.12 8.51
CA MET E 330 -55.71 -34.24 9.26
C MET E 330 -56.13 -33.07 8.38
N ARG E 331 -57.08 -32.30 8.89
CA ARG E 331 -57.66 -31.20 8.14
C ARG E 331 -56.75 -29.99 8.16
N LEU E 332 -56.66 -29.30 7.03
CA LEU E 332 -55.97 -28.02 6.96
C LEU E 332 -56.93 -26.88 7.27
N SER E 333 -56.37 -25.78 7.76
CA SER E 333 -57.20 -24.67 8.24
C SER E 333 -58.09 -24.14 7.12
N GLN E 334 -59.37 -23.98 7.42
CA GLN E 334 -60.33 -23.40 6.48
C GLN E 334 -60.46 -24.24 5.22
N ASN E 335 -61.35 -23.84 4.32
CA ASN E 335 -61.52 -24.49 3.03
C ASN E 335 -61.03 -23.54 1.95
N VAL E 336 -60.17 -24.03 1.06
CA VAL E 336 -59.51 -23.17 0.10
C VAL E 336 -60.41 -22.92 -1.10
N LYS E 337 -60.24 -21.74 -1.72
CA LYS E 337 -60.81 -21.43 -3.02
C LYS E 337 -59.68 -20.95 -3.91
N PRO E 338 -58.92 -21.85 -4.53
CA PRO E 338 -57.80 -21.42 -5.37
C PRO E 338 -58.29 -20.64 -6.58
N CYS E 339 -57.42 -19.74 -7.07
CA CYS E 339 -57.70 -19.00 -8.27
C CYS E 339 -56.40 -18.81 -9.05
N LYS E 340 -56.53 -18.78 -10.37
CA LYS E 340 -55.37 -18.68 -11.24
C LYS E 340 -54.66 -17.34 -11.04
N SER E 341 -53.48 -17.22 -11.65
CA SER E 341 -52.67 -16.02 -11.50
C SER E 341 -53.52 -14.78 -11.72
N MET E 342 -53.18 -13.71 -11.01
CA MET E 342 -53.88 -12.44 -11.11
C MET E 342 -52.90 -11.36 -11.52
N ASP E 343 -53.40 -10.36 -12.25
CA ASP E 343 -52.58 -9.27 -12.77
C ASP E 343 -53.17 -7.96 -12.26
N ILE E 344 -52.64 -7.48 -11.14
CA ILE E 344 -53.04 -6.19 -10.60
C ILE E 344 -52.29 -5.14 -11.41
N ARG E 345 -53.00 -4.46 -12.32
CA ARG E 345 -52.35 -3.57 -13.26
C ARG E 345 -53.17 -2.31 -13.47
N ASN E 346 -52.47 -1.23 -13.82
CA ASN E 346 -53.09 0.03 -14.16
C ASN E 346 -53.67 0.73 -12.93
N MET E 347 -54.79 0.21 -12.42
CA MET E 347 -55.55 0.92 -11.40
C MET E 347 -56.02 -0.05 -10.33
N VAL E 348 -56.29 0.49 -9.14
CA VAL E 348 -56.65 -0.32 -7.99
C VAL E 348 -57.94 -1.09 -8.21
N SER E 349 -58.79 -0.65 -9.13
CA SER E 349 -60.09 -1.30 -9.32
C SER E 349 -59.95 -2.78 -9.62
N HIS E 350 -58.81 -3.19 -10.18
CA HIS E 350 -58.60 -4.59 -10.50
C HIS E 350 -58.41 -5.46 -9.26
N PHE E 351 -58.20 -4.86 -8.09
CA PHE E 351 -58.18 -5.64 -6.87
C PHE E 351 -59.49 -6.38 -6.64
N ASN E 352 -60.57 -5.94 -7.28
CA ASN E 352 -61.87 -6.57 -7.12
C ASN E 352 -61.89 -7.95 -7.74
N GLN E 353 -60.80 -8.32 -8.42
CA GLN E 353 -60.62 -9.67 -8.93
C GLN E 353 -59.85 -10.57 -7.98
N LEU E 354 -59.37 -10.04 -6.85
CA LEU E 354 -58.52 -10.81 -5.95
C LEU E 354 -59.25 -11.34 -4.72
N GLU E 355 -60.46 -10.87 -4.45
CA GLU E 355 -61.16 -11.30 -3.25
C GLU E 355 -61.52 -12.78 -3.33
N ASN E 356 -61.71 -13.38 -2.15
CA ASN E 356 -62.15 -14.77 -2.05
C ASN E 356 -61.09 -15.73 -2.55
N CYS E 357 -59.89 -15.24 -2.83
CA CYS E 357 -58.81 -16.11 -3.28
C CYS E 357 -57.98 -16.55 -2.09
N THR E 358 -58.19 -17.78 -1.64
CA THR E 358 -57.40 -18.31 -0.54
C THR E 358 -55.94 -18.45 -0.94
N VAL E 359 -55.68 -19.06 -2.10
CA VAL E 359 -54.34 -19.30 -2.59
C VAL E 359 -54.28 -18.95 -4.07
N ILE E 360 -53.06 -18.69 -4.55
CA ILE E 360 -52.83 -18.33 -5.95
C ILE E 360 -52.20 -19.53 -6.64
N GLU E 361 -52.91 -20.09 -7.61
CA GLU E 361 -52.44 -21.27 -8.31
C GLU E 361 -51.28 -21.00 -9.22
N GLY E 362 -50.93 -19.73 -9.44
CA GLY E 362 -49.82 -19.41 -10.31
C GLY E 362 -48.94 -18.32 -9.73
N PHE E 363 -48.65 -17.28 -10.51
CA PHE E 363 -47.91 -16.13 -10.00
C PHE E 363 -48.84 -14.95 -9.77
N LEU E 364 -48.40 -14.06 -8.88
CA LEU E 364 -49.11 -12.83 -8.58
C LEU E 364 -48.15 -11.67 -8.78
N LEU E 365 -48.46 -10.83 -9.76
CA LEU E 365 -47.62 -9.68 -10.08
C LEU E 365 -48.44 -8.41 -9.97
N ILE E 366 -47.82 -7.38 -9.41
CA ILE E 366 -48.40 -6.05 -9.27
C ILE E 366 -47.47 -5.09 -9.97
N ASP E 367 -47.94 -4.48 -11.06
CA ASP E 367 -47.10 -3.58 -11.82
C ASP E 367 -47.89 -2.34 -12.23
N LEU E 368 -47.27 -1.19 -12.05
CA LEU E 368 -47.77 0.07 -12.59
C LEU E 368 -49.14 0.42 -12.01
N ILE E 369 -49.25 0.42 -10.69
CA ILE E 369 -50.34 1.12 -10.02
C ILE E 369 -49.91 2.55 -9.78
N ASN E 370 -50.58 3.50 -10.43
CA ASN E 370 -50.19 4.89 -10.31
C ASN E 370 -50.39 5.41 -8.89
N ASP E 371 -51.35 4.85 -8.15
CA ASP E 371 -51.59 5.28 -6.78
C ASP E 371 -52.34 4.16 -6.05
N ALA E 372 -51.68 3.55 -5.07
CA ALA E 372 -52.31 2.49 -4.30
C ALA E 372 -53.03 3.00 -3.05
N SER E 373 -52.93 4.30 -2.76
CA SER E 373 -53.58 4.83 -1.57
C SER E 373 -55.07 4.55 -1.53
N PRO E 374 -55.83 4.71 -2.63
CA PRO E 374 -57.29 4.48 -2.54
C PRO E 374 -57.68 3.07 -2.16
N LEU E 375 -56.74 2.15 -1.94
CA LEU E 375 -57.09 0.82 -1.50
C LEU E 375 -57.87 0.91 -0.19
N ASN E 376 -59.14 0.55 -0.22
CA ASN E 376 -60.02 0.67 0.92
C ASN E 376 -60.21 -0.65 1.68
N ARG E 377 -59.33 -1.62 1.46
CA ARG E 377 -59.55 -2.96 1.98
C ARG E 377 -58.23 -3.66 2.21
N SER E 378 -58.29 -4.75 2.96
CA SER E 378 -57.22 -5.73 3.06
C SER E 378 -57.80 -7.08 2.73
N PHE E 379 -56.93 -8.03 2.38
CA PHE E 379 -57.35 -9.34 1.89
C PHE E 379 -56.66 -10.43 2.72
N PRO E 380 -57.10 -10.62 3.96
CA PRO E 380 -56.48 -11.66 4.80
C PRO E 380 -56.67 -13.06 4.29
N LYS E 381 -57.68 -13.31 3.46
CA LYS E 381 -57.91 -14.68 2.97
C LYS E 381 -56.73 -15.18 2.15
N LEU E 382 -56.16 -14.34 1.29
CA LEU E 382 -54.96 -14.71 0.55
C LEU E 382 -53.86 -15.09 1.52
N THR E 383 -53.38 -16.33 1.40
CA THR E 383 -52.40 -16.85 2.36
C THR E 383 -51.20 -17.47 1.66
N GLU E 384 -51.43 -18.07 0.49
CA GLU E 384 -50.41 -18.91 -0.13
C GLU E 384 -50.37 -18.67 -1.62
N VAL E 385 -49.15 -18.67 -2.16
CA VAL E 385 -48.93 -18.47 -3.59
C VAL E 385 -47.94 -19.51 -4.10
N THR E 386 -48.17 -20.00 -5.31
CA THR E 386 -47.43 -21.15 -5.79
C THR E 386 -46.13 -20.77 -6.48
N ASP E 387 -46.17 -19.83 -7.43
CA ASP E 387 -45.01 -19.57 -8.28
C ASP E 387 -44.15 -18.49 -7.66
N TYR E 388 -44.62 -17.24 -7.57
CA TYR E 388 -43.75 -16.18 -7.09
C TYR E 388 -44.54 -14.89 -6.95
N ILE E 389 -43.91 -13.91 -6.32
CA ILE E 389 -44.48 -12.59 -6.12
C ILE E 389 -43.50 -11.56 -6.68
N ILE E 390 -43.98 -10.72 -7.59
CA ILE E 390 -43.22 -9.58 -8.07
C ILE E 390 -44.06 -8.34 -7.87
N ILE E 391 -43.49 -7.35 -7.20
CA ILE E 391 -44.10 -6.04 -7.03
C ILE E 391 -43.18 -5.06 -7.74
N TYR E 392 -43.49 -4.74 -8.99
CA TYR E 392 -42.64 -3.90 -9.81
C TYR E 392 -43.34 -2.58 -10.07
N ARG E 393 -42.72 -1.48 -9.66
CA ARG E 393 -43.22 -0.14 -9.95
C ARG E 393 -44.68 0.00 -9.53
N VAL E 394 -44.94 -0.27 -8.26
CA VAL E 394 -46.22 0.10 -7.66
C VAL E 394 -46.02 1.40 -6.90
N THR E 395 -46.90 2.36 -7.14
CA THR E 395 -46.77 3.70 -6.56
C THR E 395 -48.00 4.00 -5.71
N GLY E 396 -47.76 4.71 -4.61
CA GLY E 396 -48.83 5.01 -3.67
C GLY E 396 -49.12 3.91 -2.68
N LEU E 397 -48.19 2.97 -2.50
CA LEU E 397 -48.32 1.92 -1.50
C LEU E 397 -47.21 2.09 -0.47
N HIS E 398 -47.60 2.16 0.81
CA HIS E 398 -46.63 2.35 1.88
C HIS E 398 -46.10 1.04 2.44
N SER E 399 -46.96 0.03 2.58
CA SER E 399 -46.53 -1.26 3.10
C SER E 399 -47.26 -2.38 2.39
N LEU E 400 -46.63 -3.55 2.38
CA LEU E 400 -47.23 -4.72 1.75
C LEU E 400 -48.19 -5.45 2.67
N SER E 401 -48.28 -5.06 3.93
CA SER E 401 -49.21 -5.72 4.84
C SER E 401 -50.64 -5.55 4.38
N LYS E 402 -50.99 -4.35 3.91
CA LYS E 402 -52.38 -4.07 3.55
C LYS E 402 -52.89 -5.06 2.52
N ILE E 403 -52.04 -5.45 1.57
CA ILE E 403 -52.49 -6.33 0.50
C ILE E 403 -52.19 -7.79 0.82
N PHE E 404 -51.25 -8.05 1.74
CA PHE E 404 -50.85 -9.41 2.11
C PHE E 404 -50.92 -9.55 3.63
N PRO E 405 -52.13 -9.49 4.21
CA PRO E 405 -52.21 -9.66 5.66
C PRO E 405 -51.70 -11.02 6.13
N ASN E 406 -51.93 -12.07 5.36
CA ASN E 406 -51.65 -13.43 5.81
C ASN E 406 -50.82 -14.23 4.81
N LEU E 407 -50.18 -13.58 3.85
CA LEU E 407 -49.27 -14.30 2.97
C LEU E 407 -48.22 -15.02 3.80
N SER E 408 -48.18 -16.34 3.67
CA SER E 408 -47.38 -17.15 4.57
C SER E 408 -46.14 -17.71 3.88
N VAL E 409 -46.33 -18.36 2.74
CA VAL E 409 -45.26 -19.09 2.08
C VAL E 409 -45.34 -18.90 0.58
N ILE E 410 -44.20 -19.04 -0.08
CA ILE E 410 -44.09 -18.92 -1.52
C ILE E 410 -43.46 -20.22 -2.02
N ARG E 411 -44.28 -21.09 -2.60
CA ARG E 411 -43.83 -22.44 -2.89
C ARG E 411 -42.80 -22.49 -4.00
N GLY E 412 -42.76 -21.49 -4.86
CA GLY E 412 -41.74 -21.45 -5.89
C GLY E 412 -41.76 -22.62 -6.84
N ASN E 413 -42.95 -23.14 -7.16
CA ASN E 413 -43.04 -24.16 -8.20
C ASN E 413 -42.54 -23.65 -9.53
N LYS E 414 -42.58 -22.34 -9.75
CA LYS E 414 -42.00 -21.71 -10.93
C LYS E 414 -41.21 -20.50 -10.45
N LEU E 415 -40.14 -20.19 -11.17
CA LEU E 415 -39.27 -19.07 -10.80
C LEU E 415 -39.18 -18.08 -11.96
N PHE E 416 -39.23 -16.80 -11.61
CA PHE E 416 -39.03 -15.73 -12.56
C PHE E 416 -37.56 -15.32 -12.52
N ASP E 417 -36.76 -15.89 -13.42
CA ASP E 417 -35.32 -15.63 -13.44
C ASP E 417 -34.66 -16.20 -12.20
N GLY E 418 -35.29 -17.20 -11.59
CA GLY E 418 -34.75 -17.85 -10.41
C GLY E 418 -35.19 -17.26 -9.10
N TYR E 419 -35.70 -16.03 -9.08
CA TYR E 419 -36.16 -15.41 -7.85
C TYR E 419 -37.61 -15.80 -7.57
N ALA E 420 -38.00 -15.67 -6.30
CA ALA E 420 -39.33 -16.05 -5.87
C ALA E 420 -40.16 -14.89 -5.35
N LEU E 421 -39.53 -13.87 -4.77
CA LEU E 421 -40.23 -12.68 -4.30
C LEU E 421 -39.41 -11.46 -4.69
N VAL E 422 -39.94 -10.67 -5.62
CA VAL E 422 -39.26 -9.48 -6.13
C VAL E 422 -40.09 -8.26 -5.80
N VAL E 423 -39.48 -7.29 -5.12
CA VAL E 423 -40.10 -6.02 -4.83
C VAL E 423 -39.20 -4.96 -5.47
N TYR E 424 -39.70 -4.30 -6.50
CA TYR E 424 -38.82 -3.57 -7.42
C TYR E 424 -39.30 -2.15 -7.65
N SER E 425 -38.32 -1.23 -7.72
CA SER E 425 -38.52 0.13 -8.24
C SER E 425 -39.85 0.72 -7.77
N ASN E 426 -39.98 0.88 -6.47
CA ASN E 426 -41.15 1.53 -5.88
C ASN E 426 -40.69 2.73 -5.06
N PHE E 427 -41.30 3.89 -5.33
CA PHE E 427 -40.87 5.11 -4.68
C PHE E 427 -41.55 5.32 -3.34
N ASP E 428 -42.60 4.56 -3.05
CA ASP E 428 -43.45 4.83 -1.90
C ASP E 428 -43.51 3.69 -0.89
N LEU E 429 -42.68 2.66 -1.02
CA LEU E 429 -42.73 1.56 -0.09
C LEU E 429 -41.88 1.88 1.14
N MET E 430 -42.54 2.15 2.26
CA MET E 430 -41.82 2.42 3.50
C MET E 430 -41.42 1.14 4.20
N ASP E 431 -42.33 0.18 4.32
CA ASP E 431 -42.12 -1.02 5.11
C ASP E 431 -42.69 -2.21 4.36
N LEU E 432 -42.17 -3.39 4.67
CA LEU E 432 -42.70 -4.60 4.05
C LEU E 432 -44.06 -4.95 4.64
N GLY E 433 -44.11 -5.21 5.94
CA GLY E 433 -45.34 -5.61 6.59
C GLY E 433 -45.65 -7.08 6.50
N LEU E 434 -44.69 -7.92 6.08
CA LEU E 434 -44.94 -9.34 5.95
C LEU E 434 -44.86 -10.02 7.31
N HIS E 435 -45.87 -9.79 8.15
CA HIS E 435 -45.84 -10.37 9.49
C HIS E 435 -45.94 -11.88 9.46
N LYS E 436 -46.80 -12.42 8.59
CA LYS E 436 -47.08 -13.85 8.57
C LYS E 436 -46.18 -14.62 7.61
N LEU E 437 -45.25 -13.96 6.94
CA LEU E 437 -44.28 -14.67 6.11
C LEU E 437 -43.55 -15.71 6.94
N ARG E 438 -43.55 -16.95 6.47
CA ARG E 438 -43.13 -18.08 7.29
C ARG E 438 -42.17 -19.05 6.59
N SER E 439 -42.20 -19.19 5.26
CA SER E 439 -41.33 -20.14 4.59
C SER E 439 -41.30 -19.85 3.10
N ILE E 440 -40.11 -19.88 2.52
CA ILE E 440 -39.90 -19.76 1.08
C ILE E 440 -39.24 -21.05 0.61
N THR E 441 -39.88 -21.71 -0.36
CA THR E 441 -39.48 -23.07 -0.70
C THR E 441 -38.40 -23.14 -1.77
N ARG E 442 -38.33 -22.18 -2.68
CA ARG E 442 -37.39 -22.25 -3.78
C ARG E 442 -36.93 -20.85 -4.16
N GLY E 443 -35.82 -20.78 -4.87
CA GLY E 443 -35.32 -19.50 -5.32
C GLY E 443 -34.97 -18.62 -4.14
N GLY E 444 -35.18 -17.31 -4.31
CA GLY E 444 -34.86 -16.37 -3.26
C GLY E 444 -35.56 -15.02 -3.41
N VAL E 445 -34.92 -13.97 -2.89
CA VAL E 445 -35.55 -12.66 -2.79
C VAL E 445 -34.60 -11.61 -3.36
N ARG E 446 -35.16 -10.69 -4.15
CA ARG E 446 -34.42 -9.55 -4.67
C ARG E 446 -35.21 -8.28 -4.36
N ILE E 447 -34.55 -7.31 -3.77
CA ILE E 447 -35.15 -6.02 -3.43
C ILE E 447 -34.26 -4.93 -3.99
N GLU E 448 -34.82 -4.09 -4.84
CA GLU E 448 -34.03 -3.12 -5.59
C GLU E 448 -34.81 -1.83 -5.76
N LYS E 449 -34.07 -0.72 -5.70
CA LYS E 449 -34.60 0.59 -6.04
C LYS E 449 -35.89 0.90 -5.29
N ASN E 450 -35.93 0.60 -4.00
CA ASN E 450 -36.97 1.06 -3.10
C ASN E 450 -36.29 1.99 -2.09
N HIS E 451 -36.22 3.26 -2.45
CA HIS E 451 -35.45 4.21 -1.65
C HIS E 451 -36.01 4.34 -0.25
N LYS E 452 -37.34 4.43 -0.12
CA LYS E 452 -37.94 4.71 1.17
C LYS E 452 -38.18 3.46 2.01
N LEU E 453 -37.92 2.27 1.47
CA LEU E 453 -38.10 1.06 2.24
C LEU E 453 -37.09 1.02 3.38
N CYS E 454 -37.55 0.55 4.54
CA CYS E 454 -36.69 0.38 5.70
C CYS E 454 -37.11 -0.87 6.46
N TYR E 455 -36.22 -1.31 7.35
CA TYR E 455 -36.43 -2.51 8.17
C TYR E 455 -36.24 -3.77 7.33
N ASP E 456 -36.08 -3.63 6.01
CA ASP E 456 -35.87 -4.79 5.17
C ASP E 456 -34.51 -5.42 5.42
N ARG E 457 -33.49 -4.59 5.65
CA ARG E 457 -32.14 -5.09 5.89
C ARG E 457 -31.97 -5.70 7.27
N THR E 458 -33.05 -5.89 8.02
CA THR E 458 -32.95 -6.49 9.35
C THR E 458 -33.18 -7.99 9.29
N ILE E 459 -34.15 -8.45 8.50
CA ILE E 459 -34.56 -9.85 8.54
C ILE E 459 -33.40 -10.73 8.11
N ASP E 460 -33.30 -11.90 8.74
CA ASP E 460 -32.30 -12.91 8.37
C ASP E 460 -32.86 -13.78 7.26
N TRP E 461 -32.66 -13.32 6.02
CA TRP E 461 -33.24 -14.02 4.89
C TRP E 461 -32.73 -15.45 4.79
N LEU E 462 -31.52 -15.71 5.27
CA LEU E 462 -30.96 -17.05 5.17
C LEU E 462 -31.74 -18.07 5.98
N GLU E 463 -32.48 -17.62 7.01
CA GLU E 463 -33.27 -18.55 7.81
C GLU E 463 -34.62 -18.85 7.17
N ILE E 464 -35.14 -17.93 6.36
CA ILE E 464 -36.47 -18.11 5.80
C ILE E 464 -36.41 -18.92 4.50
N LEU E 465 -35.28 -18.90 3.81
CA LEU E 465 -35.14 -19.60 2.54
C LEU E 465 -34.84 -21.08 2.78
N ALA E 466 -34.76 -21.82 1.68
CA ALA E 466 -34.28 -23.20 1.76
C ALA E 466 -32.86 -23.21 2.29
N GLU E 467 -32.59 -24.13 3.22
CA GLU E 467 -31.35 -24.10 3.97
C GLU E 467 -30.12 -24.28 3.10
N ASN E 468 -30.20 -25.05 2.02
CA ASN E 468 -29.01 -25.47 1.29
C ASN E 468 -28.41 -24.38 0.41
N GLU E 469 -29.22 -23.50 -0.17
CA GLU E 469 -28.75 -22.56 -1.19
C GLU E 469 -29.27 -21.17 -0.88
N THR E 470 -29.04 -20.71 0.34
CA THR E 470 -29.65 -19.49 0.86
C THR E 470 -29.11 -18.22 0.23
N GLN E 471 -28.34 -18.33 -0.86
CA GLN E 471 -27.56 -17.20 -1.36
C GLN E 471 -28.39 -16.10 -2.00
N LEU E 472 -29.64 -16.37 -2.38
CA LEU E 472 -30.45 -15.40 -3.13
C LEU E 472 -31.16 -14.45 -2.15
N VAL E 473 -30.40 -13.51 -1.61
CA VAL E 473 -30.93 -12.55 -0.65
C VAL E 473 -30.53 -11.13 -1.01
N VAL E 474 -30.33 -10.85 -2.29
CA VAL E 474 -29.75 -9.60 -2.75
C VAL E 474 -30.70 -8.44 -2.44
N LEU E 475 -30.13 -7.32 -1.98
CA LEU E 475 -30.85 -6.07 -1.80
C LEU E 475 -29.92 -4.93 -2.12
N THR E 476 -30.49 -3.77 -2.48
CA THR E 476 -29.67 -2.61 -2.80
C THR E 476 -30.47 -1.33 -2.66
N GLU E 477 -29.74 -0.22 -2.49
CA GLU E 477 -30.28 1.15 -2.47
C GLU E 477 -31.61 1.25 -1.74
N ASN E 478 -31.67 0.68 -0.54
CA ASN E 478 -32.84 0.85 0.31
C ASN E 478 -32.65 2.01 1.27
N GLY E 479 -32.28 3.18 0.75
CA GLY E 479 -32.11 4.35 1.57
C GLY E 479 -31.21 4.18 2.77
N LYS E 480 -30.30 3.20 2.73
CA LYS E 480 -29.48 2.87 3.89
C LYS E 480 -28.52 4.00 4.27
N GLU E 481 -28.31 4.98 3.39
CA GLU E 481 -27.22 5.92 3.59
C GLU E 481 -27.34 6.64 4.94
N LYS E 482 -28.30 7.56 5.05
CA LYS E 482 -28.47 8.31 6.29
C LYS E 482 -29.91 8.30 6.79
N GLU E 483 -30.87 8.34 5.86
CA GLU E 483 -32.25 8.58 6.25
C GLU E 483 -32.89 7.35 6.86
N CYS E 484 -32.41 6.15 6.52
CA CYS E 484 -33.03 4.92 6.97
C CYS E 484 -32.46 4.43 8.31
N ARG E 485 -31.94 5.34 9.13
CA ARG E 485 -31.40 4.95 10.44
C ARG E 485 -32.48 4.62 11.45
N LEU E 486 -33.75 4.88 11.13
CA LEU E 486 -34.85 4.56 12.03
C LEU E 486 -35.23 3.09 12.01
N SER E 487 -34.35 2.20 11.55
CA SER E 487 -34.66 0.78 11.42
C SER E 487 -34.36 0.05 12.73
N LYS E 488 -34.34 0.77 13.84
CA LYS E 488 -33.88 0.22 15.11
C LYS E 488 -34.74 -0.93 15.61
N CYS E 489 -35.94 -1.12 15.07
CA CYS E 489 -36.81 -2.20 15.51
C CYS E 489 -37.17 -1.98 16.98
N PRO E 490 -37.95 -2.86 17.63
CA PRO E 490 -38.36 -2.58 19.01
C PRO E 490 -37.21 -2.34 19.98
N GLY E 491 -35.98 -2.62 19.54
CA GLY E 491 -34.81 -2.34 20.34
C GLY E 491 -34.62 -0.86 20.61
N CYS E 512 -35.90 -10.59 19.31
CA CYS E 512 -36.97 -9.69 18.89
C CYS E 512 -36.47 -8.25 18.84
N GLN E 513 -35.85 -7.80 19.93
CA GLN E 513 -35.27 -6.46 19.97
C GLN E 513 -33.88 -6.45 19.34
N LEU E 514 -32.94 -7.19 19.93
CA LEU E 514 -31.56 -7.25 19.46
C LEU E 514 -31.07 -8.69 19.37
N HIS E 515 -31.97 -9.62 19.05
CA HIS E 515 -31.57 -11.01 18.96
C HIS E 515 -30.50 -11.19 17.89
N ASN E 516 -29.55 -12.08 18.15
CA ASN E 516 -28.39 -12.28 17.29
C ASN E 516 -27.52 -11.03 17.22
N ASN E 517 -27.64 -10.13 18.20
CA ASN E 517 -26.94 -8.85 18.20
C ASN E 517 -27.37 -7.99 17.03
N ARG E 518 -28.53 -8.29 16.45
CA ARG E 518 -29.08 -7.51 15.35
C ARG E 518 -30.58 -7.38 15.53
N ARG E 519 -31.13 -6.31 14.96
CA ARG E 519 -32.58 -6.18 14.91
C ARG E 519 -33.14 -7.09 13.82
N LEU E 520 -34.39 -7.51 14.01
CA LEU E 520 -35.08 -8.33 13.02
C LEU E 520 -36.57 -8.04 13.16
N CYS E 521 -37.10 -7.18 12.29
CA CYS E 521 -38.47 -6.74 12.43
C CYS E 521 -38.99 -6.26 11.08
N TRP E 522 -40.32 -6.34 10.93
CA TRP E 522 -41.04 -5.66 9.86
C TRP E 522 -41.59 -4.38 10.45
N ASN E 523 -40.75 -3.35 10.50
CA ASN E 523 -41.02 -2.12 11.23
C ASN E 523 -40.98 -2.38 12.73
N SER E 524 -40.70 -1.33 13.51
CA SER E 524 -40.58 -1.46 14.95
C SER E 524 -41.89 -1.91 15.58
N LYS E 525 -43.01 -1.77 14.86
CA LYS E 525 -44.28 -2.23 15.40
C LYS E 525 -44.25 -3.73 15.66
N LEU E 526 -43.43 -4.47 14.93
CA LEU E 526 -43.39 -5.93 14.99
C LEU E 526 -41.96 -6.39 15.23
N CYS E 527 -41.79 -7.71 15.27
CA CYS E 527 -40.46 -8.30 15.18
C CYS E 527 -40.62 -9.71 14.64
N GLN E 528 -39.53 -10.24 14.09
CA GLN E 528 -39.58 -11.49 13.36
C GLN E 528 -40.02 -12.64 14.25
N THR E 529 -40.81 -13.56 13.68
CA THR E 529 -41.29 -14.74 14.41
C THR E 529 -40.30 -15.89 14.20
N LYS E 530 -39.19 -15.81 14.93
CA LYS E 530 -38.16 -16.84 14.84
C LYS E 530 -38.70 -18.17 15.33
N CYS E 531 -38.14 -19.25 14.78
CA CYS E 531 -38.49 -20.61 15.18
C CYS E 531 -37.26 -21.33 15.69
N PRO E 532 -37.43 -22.28 16.63
CA PRO E 532 -36.29 -23.00 17.16
C PRO E 532 -35.71 -23.97 16.14
N GLU E 533 -34.44 -24.30 16.33
CA GLU E 533 -33.76 -25.18 15.39
C GLU E 533 -34.42 -26.55 15.30
N LYS E 534 -35.11 -26.98 16.36
CA LYS E 534 -35.78 -28.28 16.33
C LYS E 534 -36.82 -28.33 15.22
N CYS E 535 -37.46 -27.21 14.92
CA CYS E 535 -38.51 -27.14 13.90
C CYS E 535 -38.20 -25.92 13.02
N ARG E 536 -36.96 -25.85 12.55
CA ARG E 536 -36.45 -24.72 11.77
C ARG E 536 -37.53 -24.17 10.85
N ASN E 537 -37.86 -22.89 11.04
CA ASN E 537 -38.89 -22.18 10.29
C ASN E 537 -40.14 -23.03 10.13
N ASN E 538 -40.45 -23.86 11.13
CA ASN E 538 -41.59 -24.76 11.10
C ASN E 538 -42.37 -24.63 12.41
N CYS E 539 -42.61 -23.39 12.82
CA CYS E 539 -43.24 -23.09 14.10
C CYS E 539 -44.30 -22.02 13.91
N ILE E 540 -45.25 -21.99 14.84
CA ILE E 540 -46.19 -20.89 14.93
C ILE E 540 -45.71 -19.81 15.89
N ASP E 541 -44.78 -20.14 16.79
CA ASP E 541 -44.11 -19.14 17.63
C ASP E 541 -42.78 -19.73 18.09
N GLU E 542 -42.04 -18.94 18.86
CA GLU E 542 -40.65 -19.28 19.16
C GLU E 542 -40.51 -20.61 19.88
N HIS E 543 -41.57 -21.12 20.51
CA HIS E 543 -41.52 -22.41 21.19
C HIS E 543 -42.61 -23.38 20.76
N THR E 544 -43.65 -22.93 20.06
CA THR E 544 -44.73 -23.80 19.61
C THR E 544 -44.39 -24.31 18.21
N CYS E 545 -43.69 -25.44 18.18
CA CYS E 545 -43.31 -26.04 16.91
C CYS E 545 -44.53 -26.62 16.20
N CYS E 546 -44.31 -27.04 14.95
CA CYS E 546 -45.35 -27.59 14.11
C CYS E 546 -44.91 -28.95 13.55
N SER E 547 -45.89 -29.79 13.26
CA SER E 547 -45.59 -31.10 12.71
C SER E 547 -45.04 -30.99 11.30
N GLN E 548 -44.32 -32.03 10.88
CA GLN E 548 -43.71 -32.05 9.56
C GLN E 548 -44.72 -32.18 8.44
N ASP E 549 -45.96 -32.55 8.73
CA ASP E 549 -46.97 -32.68 7.70
C ASP E 549 -47.40 -31.31 7.17
N CYS E 550 -47.44 -30.31 8.04
CA CYS E 550 -47.85 -28.97 7.65
C CYS E 550 -46.69 -28.21 7.00
N LEU E 551 -47.06 -27.21 6.21
CA LEU E 551 -46.12 -26.26 5.64
C LEU E 551 -46.76 -24.88 5.72
N GLY E 552 -46.00 -23.92 6.23
CA GLY E 552 -46.46 -22.57 6.36
C GLY E 552 -47.08 -22.21 7.69
N GLY E 553 -47.20 -23.16 8.60
CA GLY E 553 -47.78 -22.88 9.90
C GLY E 553 -48.93 -23.80 10.20
N CYS E 554 -49.33 -23.81 11.48
CA CYS E 554 -50.47 -24.58 11.92
C CYS E 554 -51.09 -23.93 13.14
N VAL E 555 -52.41 -24.06 13.26
CA VAL E 555 -53.19 -23.41 14.30
C VAL E 555 -53.98 -24.47 15.05
N ILE E 556 -53.89 -24.45 16.38
CA ILE E 556 -54.66 -25.37 17.20
C ILE E 556 -56.14 -25.08 17.00
N ASP E 557 -56.91 -26.11 16.67
CA ASP E 557 -58.31 -25.94 16.35
C ASP E 557 -59.14 -25.87 17.64
N LYS E 558 -60.46 -25.77 17.48
CA LYS E 558 -61.35 -25.74 18.63
C LYS E 558 -61.29 -27.04 19.42
N ASN E 559 -60.90 -28.15 18.79
CA ASN E 559 -60.77 -29.42 19.48
C ASN E 559 -59.46 -29.56 20.23
N GLY E 560 -58.58 -28.56 20.14
CA GLY E 560 -57.27 -28.67 20.74
C GLY E 560 -56.27 -29.45 19.93
N ASN E 561 -56.48 -29.56 18.62
CA ASN E 561 -55.62 -30.34 17.74
C ASN E 561 -55.06 -29.45 16.64
N GLU E 562 -53.93 -29.86 16.09
CA GLU E 562 -53.25 -29.07 15.07
C GLU E 562 -54.08 -29.01 13.79
N SER E 563 -53.92 -27.90 13.06
CA SER E 563 -54.53 -27.73 11.75
C SER E 563 -53.54 -27.00 10.85
N CYS E 564 -53.15 -27.64 9.75
CA CYS E 564 -52.12 -27.08 8.89
C CYS E 564 -52.61 -25.83 8.17
N ILE E 565 -51.71 -24.87 8.03
CA ILE E 565 -51.97 -23.72 7.16
C ILE E 565 -51.98 -24.18 5.70
N SER E 566 -51.07 -25.08 5.35
CA SER E 566 -51.03 -25.63 4.00
C SER E 566 -50.25 -26.93 4.03
N CYS E 567 -50.70 -27.89 3.21
CA CYS E 567 -50.10 -29.21 3.20
C CYS E 567 -48.74 -29.18 2.51
N ARG E 568 -47.77 -29.87 3.12
CA ARG E 568 -46.40 -29.82 2.61
C ARG E 568 -46.27 -30.57 1.28
N ASN E 569 -46.82 -31.77 1.19
CA ASN E 569 -46.61 -32.61 0.00
C ASN E 569 -47.74 -32.41 -1.00
N VAL E 570 -48.97 -32.74 -0.60
CA VAL E 570 -50.15 -32.54 -1.44
C VAL E 570 -51.35 -32.38 -0.51
N SER E 571 -52.48 -32.01 -1.11
CA SER E 571 -53.73 -31.82 -0.37
C SER E 571 -54.89 -32.35 -1.20
N PHE E 572 -55.81 -33.04 -0.54
CA PHE E 572 -57.03 -33.53 -1.18
C PHE E 572 -58.17 -33.44 -0.19
N ASN E 573 -59.28 -32.85 -0.63
CA ASN E 573 -60.46 -32.68 0.20
C ASN E 573 -60.11 -31.98 1.51
N ASN E 574 -59.25 -30.96 1.41
CA ASN E 574 -58.80 -30.17 2.54
C ASN E 574 -57.96 -30.97 3.53
N ILE E 575 -57.55 -32.18 3.18
CA ILE E 575 -56.77 -33.04 4.04
C ILE E 575 -55.38 -33.18 3.44
N CYS E 576 -54.37 -33.30 4.30
CA CYS E 576 -53.00 -33.44 3.85
C CYS E 576 -52.60 -34.90 3.77
N MET E 577 -51.86 -35.25 2.73
CA MET E 577 -51.33 -36.59 2.56
C MET E 577 -50.04 -36.51 1.77
N ASP E 578 -49.37 -37.64 1.63
CA ASP E 578 -48.12 -37.66 0.88
C ASP E 578 -48.38 -37.61 -0.62
N SER E 579 -49.38 -38.34 -1.11
CA SER E 579 -49.63 -38.43 -2.54
C SER E 579 -51.13 -38.45 -2.79
N CYS E 580 -51.49 -38.22 -4.05
CA CYS E 580 -52.89 -38.12 -4.42
C CYS E 580 -53.54 -39.51 -4.47
N PRO E 581 -54.86 -39.58 -4.31
CA PRO E 581 -55.55 -40.85 -4.51
C PRO E 581 -55.64 -41.21 -5.98
N LYS E 582 -55.92 -42.48 -6.24
CA LYS E 582 -56.03 -42.95 -7.61
C LYS E 582 -57.14 -42.20 -8.33
N GLY E 583 -56.91 -41.92 -9.61
CA GLY E 583 -57.84 -41.14 -10.40
C GLY E 583 -57.69 -39.65 -10.27
N TYR E 584 -56.80 -39.18 -9.39
CA TYR E 584 -56.53 -37.77 -9.21
C TYR E 584 -55.06 -37.48 -9.48
N TYR E 585 -54.78 -36.29 -9.97
CA TYR E 585 -53.44 -35.88 -10.35
C TYR E 585 -53.02 -34.66 -9.55
N GLN E 586 -51.75 -34.63 -9.15
CA GLN E 586 -51.23 -33.52 -8.36
C GLN E 586 -51.04 -32.31 -9.25
N PHE E 587 -51.72 -31.22 -8.92
CA PHE E 587 -51.49 -29.93 -9.56
C PHE E 587 -50.90 -29.01 -8.50
N ASP E 588 -49.57 -28.90 -8.49
CA ASP E 588 -48.89 -28.09 -7.49
C ASP E 588 -49.26 -28.53 -6.09
N SER E 589 -50.18 -27.82 -5.44
CA SER E 589 -50.46 -28.02 -4.02
C SER E 589 -51.77 -28.75 -3.74
N ARG E 590 -52.43 -29.28 -4.76
CA ARG E 590 -53.67 -30.02 -4.54
C ARG E 590 -53.87 -31.04 -5.64
N CYS E 591 -54.72 -32.02 -5.36
CA CYS E 591 -55.00 -33.12 -6.26
C CYS E 591 -56.34 -32.90 -6.95
N VAL E 592 -56.36 -33.08 -8.27
CA VAL E 592 -57.58 -32.89 -9.06
C VAL E 592 -57.72 -34.05 -10.03
N THR E 593 -58.93 -34.22 -10.53
CA THR E 593 -59.19 -35.28 -11.50
C THR E 593 -58.56 -34.91 -12.85
N ALA E 594 -58.56 -35.89 -13.76
CA ALA E 594 -58.06 -35.64 -15.11
C ALA E 594 -58.89 -34.57 -15.80
N ASN E 595 -60.21 -34.61 -15.63
CA ASN E 595 -61.08 -33.61 -16.24
C ASN E 595 -60.71 -32.22 -15.75
N GLU E 596 -60.51 -32.06 -14.44
CA GLU E 596 -60.11 -30.76 -13.90
C GLU E 596 -58.75 -30.35 -14.43
N CYS E 597 -57.77 -31.26 -14.40
CA CYS E 597 -56.43 -30.94 -14.87
C CYS E 597 -56.45 -30.48 -16.31
N ILE E 598 -57.35 -31.03 -17.12
CA ILE E 598 -57.45 -30.61 -18.52
C ILE E 598 -57.78 -29.13 -18.60
N THR E 599 -58.56 -28.62 -17.65
CA THR E 599 -58.96 -27.22 -17.65
C THR E 599 -57.92 -26.30 -17.03
N LEU E 600 -57.08 -26.80 -16.14
CA LEU E 600 -56.11 -25.95 -15.45
C LEU E 600 -55.09 -25.41 -16.44
N THR E 601 -54.54 -24.24 -16.12
CA THR E 601 -53.59 -23.58 -17.00
C THR E 601 -52.57 -22.81 -16.17
N LYS E 602 -51.40 -22.61 -16.76
CA LYS E 602 -50.34 -21.78 -16.17
C LYS E 602 -49.64 -21.01 -17.27
N PHE E 603 -49.42 -19.72 -17.01
CA PHE E 603 -48.83 -18.83 -18.01
C PHE E 603 -47.31 -19.02 -18.05
N GLU E 604 -46.75 -18.94 -19.26
CA GLU E 604 -45.33 -19.18 -19.44
C GLU E 604 -44.86 -18.42 -20.69
N THR E 605 -43.98 -17.44 -20.48
CA THR E 605 -43.27 -16.77 -21.57
C THR E 605 -44.20 -16.39 -22.71
N ASN E 606 -45.13 -15.48 -22.45
CA ASN E 606 -46.09 -15.04 -23.47
C ASN E 606 -46.83 -16.24 -24.07
N SER E 607 -47.18 -17.20 -23.23
CA SER E 607 -47.95 -18.36 -23.67
C SER E 607 -48.68 -18.95 -22.47
N VAL E 608 -49.74 -19.68 -22.77
CA VAL E 608 -50.55 -20.35 -21.75
C VAL E 608 -50.60 -21.83 -22.11
N TYR E 609 -50.21 -22.67 -21.17
CA TYR E 609 -50.18 -24.12 -21.36
C TYR E 609 -51.18 -24.77 -20.43
N SER E 610 -52.07 -25.58 -21.00
CA SER E 610 -53.03 -26.33 -20.21
C SER E 610 -52.35 -27.52 -19.53
N GLY E 611 -52.97 -27.98 -18.45
CA GLY E 611 -52.42 -29.11 -17.70
C GLY E 611 -52.80 -30.44 -18.33
N ILE E 612 -51.84 -31.34 -18.37
CA ILE E 612 -52.00 -32.68 -18.93
C ILE E 612 -51.95 -33.68 -17.78
N PRO E 613 -53.02 -34.45 -17.51
CA PRO E 613 -52.98 -35.45 -16.44
C PRO E 613 -52.13 -36.64 -16.85
N TYR E 614 -50.95 -36.75 -16.26
CA TYR E 614 -50.00 -37.79 -16.63
C TYR E 614 -49.35 -38.35 -15.38
N ASN E 615 -49.38 -39.68 -15.25
CA ASN E 615 -48.67 -40.39 -14.19
C ASN E 615 -48.98 -39.82 -12.81
N GLY E 616 -50.25 -39.50 -12.55
CA GLY E 616 -50.64 -38.97 -11.27
C GLY E 616 -50.31 -37.51 -11.06
N GLN E 617 -49.78 -36.83 -12.08
CA GLN E 617 -49.45 -35.42 -12.00
C GLN E 617 -50.06 -34.67 -13.15
N CYS E 618 -50.50 -33.45 -12.89
CA CYS E 618 -50.97 -32.54 -13.91
C CYS E 618 -49.76 -31.80 -14.46
N ILE E 619 -49.51 -31.96 -15.76
CA ILE E 619 -48.23 -31.58 -16.36
C ILE E 619 -48.47 -30.56 -17.45
N THR E 620 -47.51 -29.65 -17.62
CA THR E 620 -47.54 -28.68 -18.71
C THR E 620 -46.67 -29.09 -19.88
N HIS E 621 -45.54 -29.76 -19.63
CA HIS E 621 -44.65 -30.24 -20.68
C HIS E 621 -44.40 -31.72 -20.45
N CYS E 622 -44.56 -32.52 -21.51
CA CYS E 622 -44.39 -33.95 -21.38
C CYS E 622 -42.97 -34.26 -20.92
N PRO E 623 -42.77 -35.36 -20.19
CA PRO E 623 -41.44 -35.69 -19.71
C PRO E 623 -40.54 -36.15 -20.85
N THR E 624 -39.28 -36.42 -20.50
CA THR E 624 -38.32 -36.87 -21.48
C THR E 624 -38.80 -38.15 -22.15
N GLY E 625 -38.61 -38.22 -23.46
CA GLY E 625 -39.06 -39.38 -24.21
C GLY E 625 -40.55 -39.41 -24.49
N TYR E 626 -41.26 -38.33 -24.21
CA TYR E 626 -42.69 -38.26 -24.43
C TYR E 626 -43.03 -37.01 -25.22
N GLN E 627 -44.14 -37.08 -25.96
CA GLN E 627 -44.64 -35.95 -26.72
C GLN E 627 -46.15 -35.88 -26.55
N LYS E 628 -46.67 -34.66 -26.66
CA LYS E 628 -48.10 -34.43 -26.45
C LYS E 628 -48.91 -35.11 -27.56
N SER E 629 -50.10 -35.58 -27.19
CA SER E 629 -50.98 -36.21 -28.16
C SER E 629 -51.55 -35.17 -29.11
N GLU E 630 -52.13 -35.66 -30.22
CA GLU E 630 -52.74 -34.76 -31.19
C GLU E 630 -53.86 -33.94 -30.57
N ASN E 631 -54.64 -34.54 -29.66
CA ASN E 631 -55.67 -33.82 -28.93
C ASN E 631 -55.13 -33.09 -27.72
N LYS E 632 -53.83 -33.20 -27.45
CA LYS E 632 -53.15 -32.55 -26.33
C LYS E 632 -53.68 -33.04 -24.99
N ARG E 633 -54.42 -34.14 -24.97
CA ARG E 633 -55.01 -34.64 -23.73
C ARG E 633 -54.11 -35.60 -22.98
N MET E 634 -53.04 -36.10 -23.60
CA MET E 634 -52.13 -37.01 -22.91
C MET E 634 -50.78 -37.01 -23.60
N CYS E 635 -49.77 -37.49 -22.88
CA CYS E 635 -48.45 -37.73 -23.41
C CYS E 635 -48.24 -39.21 -23.66
N GLU E 636 -47.55 -39.53 -24.74
CA GLU E 636 -47.24 -40.91 -25.10
C GLU E 636 -45.80 -40.99 -25.54
N PRO E 637 -45.20 -42.18 -25.50
CA PRO E 637 -43.76 -42.29 -25.75
C PRO E 637 -43.37 -41.76 -27.11
N CYS E 638 -42.19 -41.13 -27.17
CA CYS E 638 -41.70 -40.58 -28.42
C CYS E 638 -41.14 -41.70 -29.30
N PRO E 639 -41.33 -41.62 -30.62
CA PRO E 639 -40.64 -42.56 -31.51
C PRO E 639 -39.13 -42.37 -31.43
N GLY E 640 -38.40 -43.47 -31.60
CA GLY E 640 -36.95 -43.39 -31.56
C GLY E 640 -36.39 -43.01 -30.22
N GLY E 641 -37.19 -43.06 -29.16
CA GLY E 641 -36.73 -42.74 -27.82
C GLY E 641 -36.82 -41.29 -27.43
N LYS E 642 -36.88 -40.37 -28.40
CA LYS E 642 -36.98 -38.95 -28.09
C LYS E 642 -37.35 -38.20 -29.36
N CYS E 643 -38.41 -37.39 -29.28
CA CYS E 643 -38.79 -36.56 -30.41
C CYS E 643 -37.82 -35.40 -30.57
N ASP E 644 -37.34 -35.20 -31.80
CA ASP E 644 -36.45 -34.09 -32.07
C ASP E 644 -37.23 -32.80 -32.24
N LYS E 645 -36.64 -31.71 -31.77
CA LYS E 645 -37.24 -30.39 -31.89
C LYS E 645 -36.14 -29.37 -32.19
N GLU E 646 -36.46 -28.40 -33.04
CA GLU E 646 -35.50 -27.42 -33.51
C GLU E 646 -35.88 -26.04 -32.99
N CYS E 647 -34.87 -25.27 -32.57
CA CYS E 647 -35.06 -23.91 -32.12
C CYS E 647 -33.97 -23.03 -32.70
N SER E 648 -34.36 -21.89 -33.24
CA SER E 648 -33.37 -20.97 -33.81
C SER E 648 -32.43 -20.50 -32.71
N SER E 649 -31.14 -20.49 -33.02
CA SER E 649 -30.15 -20.06 -32.05
C SER E 649 -30.30 -18.57 -31.75
N GLY E 650 -30.05 -18.21 -30.51
CA GLY E 650 -30.15 -16.82 -30.10
C GLY E 650 -29.55 -16.64 -28.73
N LEU E 651 -29.19 -15.40 -28.43
CA LEU E 651 -28.49 -15.12 -27.19
C LEU E 651 -29.35 -15.47 -25.99
N ILE E 652 -28.69 -15.78 -24.88
CA ILE E 652 -29.37 -16.08 -23.63
C ILE E 652 -28.77 -15.19 -22.55
N ASP E 653 -29.37 -14.02 -22.35
CA ASP E 653 -28.82 -13.06 -21.41
C ASP E 653 -29.33 -13.24 -19.99
N SER E 654 -30.19 -14.22 -19.74
CA SER E 654 -30.63 -14.50 -18.38
C SER E 654 -31.40 -15.81 -18.37
N LEU E 655 -31.57 -16.36 -17.16
CA LEU E 655 -32.17 -17.68 -17.03
C LEU E 655 -33.57 -17.71 -17.65
N GLU E 656 -34.34 -16.65 -17.45
CA GLU E 656 -35.69 -16.63 -18.00
C GLU E 656 -35.69 -16.87 -19.49
N ARG E 657 -34.75 -16.28 -20.21
CA ARG E 657 -34.62 -16.60 -21.63
C ARG E 657 -34.30 -18.07 -21.81
N ALA E 658 -33.41 -18.61 -20.98
CA ALA E 658 -33.01 -20.00 -21.13
C ALA E 658 -34.20 -20.94 -21.02
N ARG E 659 -35.18 -20.59 -20.18
CA ARG E 659 -36.33 -21.47 -20.03
C ARG E 659 -37.03 -21.72 -21.35
N GLU E 660 -36.98 -20.76 -22.27
CA GLU E 660 -37.65 -20.93 -23.55
C GLU E 660 -37.10 -22.10 -24.36
N PHE E 661 -35.85 -22.46 -24.15
CA PHE E 661 -35.24 -23.56 -24.89
C PHE E 661 -35.58 -24.93 -24.32
N HIS E 662 -36.53 -25.00 -23.40
CA HIS E 662 -36.85 -26.28 -22.75
C HIS E 662 -37.30 -27.31 -23.79
N GLY E 663 -36.76 -28.51 -23.66
CA GLY E 663 -37.19 -29.62 -24.49
C GLY E 663 -36.69 -29.58 -25.92
N CYS E 664 -35.86 -28.61 -26.27
CA CYS E 664 -35.38 -28.51 -27.65
C CYS E 664 -34.12 -29.35 -27.82
N THR E 665 -34.12 -30.19 -28.85
CA THR E 665 -33.00 -31.08 -29.12
C THR E 665 -31.95 -30.48 -30.02
N ILE E 666 -32.36 -29.73 -31.04
CA ILE E 666 -31.46 -29.19 -32.05
C ILE E 666 -31.53 -27.66 -32.00
N ILE E 667 -30.38 -27.02 -31.89
CA ILE E 667 -30.26 -25.58 -32.05
C ILE E 667 -29.58 -25.33 -33.39
N THR E 668 -30.26 -24.62 -34.27
CA THR E 668 -29.76 -24.45 -35.63
C THR E 668 -29.81 -22.97 -36.00
N GLY E 669 -29.22 -22.66 -37.16
CA GLY E 669 -29.12 -21.31 -37.64
C GLY E 669 -27.71 -20.77 -37.51
N THR E 670 -27.37 -19.87 -38.43
CA THR E 670 -26.03 -19.30 -38.45
C THR E 670 -25.69 -18.54 -37.18
N GLU E 671 -26.69 -18.11 -36.42
CA GLU E 671 -26.43 -17.35 -35.21
C GLU E 671 -25.79 -18.24 -34.15
N PRO E 672 -24.72 -17.80 -33.50
CA PRO E 672 -24.16 -18.60 -32.40
C PRO E 672 -25.05 -18.55 -31.17
N LEU E 673 -25.00 -19.61 -30.37
CA LEU E 673 -25.80 -19.74 -29.16
C LEU E 673 -25.11 -19.02 -27.99
N THR E 674 -25.09 -17.69 -28.07
CA THR E 674 -24.26 -16.89 -27.18
C THR E 674 -24.82 -16.84 -25.76
N ILE E 675 -24.26 -17.64 -24.86
CA ILE E 675 -24.62 -17.55 -23.45
C ILE E 675 -23.94 -16.32 -22.84
N SER E 676 -24.72 -15.49 -22.15
CA SER E 676 -24.17 -14.27 -21.58
C SER E 676 -24.72 -14.00 -20.19
N ILE E 677 -25.04 -15.05 -19.43
CA ILE E 677 -25.66 -14.87 -18.13
C ILE E 677 -24.79 -14.01 -17.24
N LYS E 678 -25.42 -13.17 -16.44
CA LYS E 678 -24.71 -12.29 -15.49
C LYS E 678 -25.43 -12.34 -14.15
N ARG E 679 -25.03 -13.28 -13.31
CA ARG E 679 -25.57 -13.36 -11.96
C ARG E 679 -24.64 -12.70 -10.97
N GLU E 680 -25.08 -12.64 -9.73
CA GLU E 680 -24.22 -12.38 -8.59
C GLU E 680 -24.35 -13.56 -7.64
N SER E 681 -23.23 -14.22 -7.36
CA SER E 681 -23.25 -15.45 -6.58
C SER E 681 -23.84 -16.59 -7.39
N GLY E 682 -23.40 -17.82 -7.12
CA GLY E 682 -23.84 -18.97 -7.88
C GLY E 682 -25.19 -19.48 -7.45
N ALA E 683 -26.25 -18.78 -7.89
CA ALA E 683 -27.61 -19.18 -7.58
C ALA E 683 -28.04 -20.34 -8.46
N HIS E 684 -29.34 -20.59 -8.54
CA HIS E 684 -29.88 -21.77 -9.23
C HIS E 684 -29.54 -21.82 -10.72
N VAL E 685 -28.75 -20.87 -11.22
CA VAL E 685 -28.38 -20.87 -12.64
C VAL E 685 -28.06 -22.28 -13.11
N MET E 686 -27.24 -22.99 -12.34
CA MET E 686 -26.84 -24.33 -12.75
C MET E 686 -28.02 -25.27 -12.92
N ASP E 687 -29.15 -24.98 -12.28
CA ASP E 687 -30.34 -25.81 -12.42
C ASP E 687 -31.35 -25.27 -13.42
N GLU E 688 -31.54 -23.95 -13.47
CA GLU E 688 -32.44 -23.40 -14.48
C GLU E 688 -31.91 -23.66 -15.88
N LEU E 689 -30.60 -23.43 -16.10
CA LEU E 689 -30.05 -23.76 -17.39
C LEU E 689 -30.15 -25.24 -17.68
N LYS E 690 -30.03 -26.08 -16.65
CA LYS E 690 -30.23 -27.51 -16.85
C LYS E 690 -31.62 -27.79 -17.39
N TYR E 691 -32.62 -27.18 -16.75
CA TYR E 691 -33.99 -27.35 -17.23
C TYR E 691 -34.14 -26.87 -18.66
N GLY E 692 -33.44 -25.78 -19.00
CA GLY E 692 -33.64 -25.15 -20.29
C GLY E 692 -32.82 -25.76 -21.41
N LEU E 693 -31.81 -26.56 -21.09
CA LEU E 693 -30.90 -27.07 -22.11
C LEU E 693 -30.49 -28.51 -21.92
N ALA E 694 -30.98 -29.22 -20.92
CA ALA E 694 -30.57 -30.61 -20.74
C ALA E 694 -30.95 -31.48 -21.91
N ALA E 695 -31.89 -31.03 -22.74
CA ALA E 695 -32.37 -31.87 -23.84
C ALA E 695 -31.47 -31.82 -25.06
N VAL E 696 -30.85 -30.67 -25.36
CA VAL E 696 -30.08 -30.55 -26.59
C VAL E 696 -28.98 -31.62 -26.59
N HIS E 697 -28.83 -32.29 -27.74
CA HIS E 697 -27.78 -33.29 -27.91
C HIS E 697 -26.76 -32.93 -28.96
N LYS E 698 -27.10 -32.07 -29.92
CA LYS E 698 -26.12 -31.58 -30.87
C LYS E 698 -26.56 -30.20 -31.34
N ILE E 699 -25.58 -29.35 -31.63
CA ILE E 699 -25.80 -27.98 -32.06
C ILE E 699 -25.29 -27.85 -33.48
N GLN E 700 -26.16 -27.38 -34.38
CA GLN E 700 -25.73 -27.13 -35.75
C GLN E 700 -24.89 -25.85 -35.84
N SER E 701 -25.16 -24.89 -34.98
CA SER E 701 -24.41 -23.64 -34.97
C SER E 701 -23.21 -23.79 -34.04
N SER E 702 -22.57 -22.68 -33.71
CA SER E 702 -21.43 -22.68 -32.80
C SER E 702 -21.79 -22.01 -31.50
N LEU E 703 -21.29 -22.59 -30.41
CA LEU E 703 -21.54 -22.08 -29.07
C LEU E 703 -20.61 -20.92 -28.76
N MET E 704 -21.03 -20.06 -27.85
CA MET E 704 -20.23 -18.91 -27.45
C MET E 704 -20.67 -18.45 -26.07
N VAL E 705 -19.69 -18.06 -25.24
CA VAL E 705 -19.97 -17.87 -23.83
C VAL E 705 -19.44 -16.50 -23.41
N HIS E 706 -19.52 -15.54 -24.31
CA HIS E 706 -18.98 -14.21 -24.06
C HIS E 706 -19.47 -13.61 -22.75
N LEU E 707 -18.54 -13.26 -21.87
CA LEU E 707 -18.79 -12.38 -20.74
C LEU E 707 -19.90 -12.85 -19.80
N THR E 708 -19.67 -13.95 -19.09
CA THR E 708 -20.64 -14.42 -18.11
C THR E 708 -20.10 -14.23 -16.71
N TYR E 709 -21.01 -14.10 -15.75
CA TYR E 709 -20.69 -14.04 -14.33
C TYR E 709 -21.46 -15.13 -13.60
N GLY E 710 -20.79 -15.79 -12.67
CA GLY E 710 -21.44 -16.82 -11.89
C GLY E 710 -21.74 -18.08 -12.64
N LEU E 711 -21.25 -18.23 -13.86
CA LEU E 711 -21.41 -19.46 -14.63
C LEU E 711 -20.25 -20.38 -14.30
N LYS E 712 -20.50 -21.40 -13.47
CA LYS E 712 -19.41 -22.22 -12.95
C LYS E 712 -18.86 -23.14 -14.03
N SER E 713 -19.71 -23.68 -14.88
CA SER E 713 -19.25 -24.64 -15.88
C SER E 713 -20.31 -24.76 -16.96
N LEU E 714 -19.96 -25.46 -18.04
CA LEU E 714 -20.93 -25.87 -19.04
C LEU E 714 -21.44 -27.28 -18.80
N LYS E 715 -21.39 -27.75 -17.55
CA LYS E 715 -21.85 -29.10 -17.24
C LYS E 715 -23.33 -29.29 -17.52
N PHE E 716 -24.11 -28.21 -17.61
CA PHE E 716 -25.55 -28.34 -17.78
C PHE E 716 -25.94 -28.78 -19.18
N PHE E 717 -25.01 -28.81 -20.13
CA PHE E 717 -25.29 -29.38 -21.44
C PHE E 717 -25.29 -30.89 -21.34
N GLN E 718 -26.22 -31.45 -20.56
CA GLN E 718 -26.14 -32.86 -20.19
C GLN E 718 -26.10 -33.75 -21.43
N SER E 719 -27.04 -33.58 -22.35
CA SER E 719 -27.17 -34.49 -23.47
C SER E 719 -26.29 -34.12 -24.66
N LEU E 720 -25.56 -33.01 -24.60
CA LEU E 720 -24.77 -32.58 -25.74
C LEU E 720 -23.79 -33.67 -26.16
N THR E 721 -23.66 -33.86 -27.47
CA THR E 721 -22.75 -34.86 -28.00
C THR E 721 -21.82 -34.29 -29.07
N GLU E 722 -22.28 -33.31 -29.83
CA GLU E 722 -21.52 -32.85 -30.98
C GLU E 722 -21.87 -31.40 -31.29
N ILE E 723 -20.86 -30.55 -31.37
CA ILE E 723 -21.02 -29.19 -31.86
C ILE E 723 -20.68 -29.20 -33.35
N SER E 724 -21.70 -29.40 -34.19
CA SER E 724 -21.44 -29.49 -35.61
C SER E 724 -20.66 -28.29 -36.11
N GLY E 725 -20.90 -27.12 -35.54
CA GLY E 725 -20.15 -25.94 -35.95
C GLY E 725 -20.19 -25.73 -37.44
N ASP E 726 -21.31 -26.09 -38.07
CA ASP E 726 -21.37 -26.04 -39.53
C ASP E 726 -21.07 -24.65 -40.06
N PRO E 727 -21.87 -23.62 -39.80
CA PRO E 727 -21.39 -22.25 -39.97
C PRO E 727 -20.70 -21.76 -38.71
N PRO E 728 -19.37 -21.64 -38.71
CA PRO E 728 -18.72 -20.98 -37.57
C PRO E 728 -18.91 -19.47 -37.65
N MET E 729 -18.25 -18.72 -36.77
CA MET E 729 -18.40 -17.27 -36.74
C MET E 729 -17.04 -16.62 -36.66
N ASP E 730 -17.04 -15.28 -36.64
CA ASP E 730 -15.80 -14.52 -36.62
C ASP E 730 -14.96 -14.88 -37.84
N ALA E 731 -15.45 -14.54 -39.04
CA ALA E 731 -14.84 -15.00 -40.28
C ALA E 731 -14.88 -16.53 -40.35
N ASP E 732 -15.86 -17.12 -39.68
CA ASP E 732 -16.03 -18.57 -39.66
C ASP E 732 -14.80 -19.26 -39.09
N LYS E 733 -14.04 -18.54 -38.27
CA LYS E 733 -12.80 -19.09 -37.73
C LYS E 733 -13.09 -20.16 -36.68
N TYR E 734 -13.99 -19.89 -35.75
CA TYR E 734 -14.08 -20.62 -34.50
C TYR E 734 -15.44 -21.27 -34.33
N ALA E 735 -15.46 -22.42 -33.66
CA ALA E 735 -16.69 -23.13 -33.36
C ALA E 735 -16.97 -23.24 -31.87
N LEU E 736 -16.04 -22.84 -31.02
CA LEU E 736 -16.27 -22.81 -29.57
C LEU E 736 -15.53 -21.59 -29.04
N TYR E 737 -16.27 -20.56 -28.69
CA TYR E 737 -15.72 -19.24 -28.40
C TYR E 737 -16.05 -18.91 -26.94
N VAL E 738 -15.03 -18.93 -26.08
CA VAL E 738 -15.21 -18.71 -24.65
C VAL E 738 -14.38 -17.48 -24.28
N LEU E 739 -14.98 -16.55 -23.54
CA LEU E 739 -14.35 -15.26 -23.30
C LEU E 739 -14.86 -14.62 -22.03
N ASP E 740 -13.97 -13.91 -21.34
CA ASP E 740 -14.28 -13.02 -20.22
C ASP E 740 -15.24 -13.61 -19.20
N ASN E 741 -15.07 -14.89 -18.85
CA ASN E 741 -15.99 -15.57 -17.94
C ASN E 741 -15.42 -15.51 -16.53
N ARG E 742 -15.80 -14.46 -15.80
CA ARG E 742 -15.14 -14.12 -14.55
C ARG E 742 -15.19 -15.24 -13.52
N ASP E 743 -16.13 -16.18 -13.65
CA ASP E 743 -16.28 -17.25 -12.66
C ASP E 743 -16.35 -18.64 -13.29
N LEU E 744 -15.90 -18.79 -14.53
CA LEU E 744 -15.90 -20.10 -15.16
C LEU E 744 -14.62 -20.83 -14.81
N ASP E 745 -14.74 -22.13 -14.53
CA ASP E 745 -13.58 -22.92 -14.10
C ASP E 745 -13.45 -24.29 -14.77
N GLU E 746 -14.49 -24.82 -15.38
CA GLU E 746 -14.41 -26.12 -16.03
C GLU E 746 -15.44 -26.18 -17.14
N LEU E 747 -15.06 -26.78 -18.26
CA LEU E 747 -15.92 -26.73 -19.44
C LEU E 747 -17.00 -27.80 -19.41
N TRP E 748 -16.63 -29.07 -19.49
CA TRP E 748 -17.64 -30.12 -19.59
C TRP E 748 -17.67 -30.94 -18.31
N GLY E 749 -18.65 -31.84 -18.24
CA GLY E 749 -18.76 -32.74 -17.13
C GLY E 749 -17.55 -33.66 -17.08
N PRO E 750 -17.28 -34.26 -15.93
CA PRO E 750 -16.12 -35.14 -15.82
C PRO E 750 -16.15 -36.22 -16.89
N ASN E 751 -15.01 -36.41 -17.55
CA ASN E 751 -14.85 -37.39 -18.61
C ASN E 751 -16.03 -37.37 -19.57
N GLN E 752 -16.62 -36.20 -19.78
CA GLN E 752 -17.69 -36.07 -20.75
C GLN E 752 -17.10 -35.88 -22.14
N THR E 753 -17.63 -36.59 -23.12
CA THR E 753 -17.11 -36.57 -24.48
C THR E 753 -18.12 -35.88 -25.39
N VAL E 754 -17.69 -34.82 -26.06
CA VAL E 754 -18.51 -34.13 -27.04
C VAL E 754 -17.63 -33.82 -28.24
N PHE E 755 -18.11 -34.18 -29.43
CA PHE E 755 -17.34 -33.96 -30.64
C PHE E 755 -17.36 -32.50 -31.04
N ILE E 756 -16.37 -32.10 -31.83
CA ILE E 756 -16.30 -30.78 -32.45
C ILE E 756 -15.95 -31.03 -33.91
N ARG E 757 -16.89 -30.73 -34.80
CA ARG E 757 -16.77 -31.14 -36.19
C ARG E 757 -16.00 -30.14 -37.05
N LYS E 758 -15.81 -28.91 -36.60
CA LYS E 758 -15.20 -27.89 -37.43
C LYS E 758 -14.64 -26.78 -36.56
N GLY E 759 -13.88 -25.90 -37.20
CA GLY E 759 -13.48 -24.64 -36.59
C GLY E 759 -12.43 -24.81 -35.51
N GLY E 760 -12.04 -23.67 -34.95
CA GLY E 760 -11.05 -23.65 -33.88
C GLY E 760 -11.63 -23.12 -32.59
N VAL E 761 -11.08 -23.61 -31.48
CA VAL E 761 -11.50 -23.19 -30.16
C VAL E 761 -10.90 -21.83 -29.85
N PHE E 762 -11.34 -21.19 -28.78
CA PHE E 762 -10.87 -19.85 -28.44
C PHE E 762 -11.08 -19.67 -26.95
N PHE E 763 -10.11 -19.08 -26.26
CA PHE E 763 -10.18 -18.97 -24.81
C PHE E 763 -9.30 -17.81 -24.37
N HIS E 764 -9.86 -16.87 -23.60
CA HIS E 764 -9.08 -15.77 -23.06
C HIS E 764 -9.79 -15.18 -21.85
N PHE E 765 -8.98 -14.59 -20.96
CA PHE E 765 -9.47 -13.77 -19.87
C PHE E 765 -10.32 -14.54 -18.86
N ASN E 766 -10.33 -15.86 -18.95
CA ASN E 766 -11.11 -16.63 -17.99
C ASN E 766 -10.27 -16.89 -16.75
N PRO E 767 -10.43 -16.11 -15.69
CA PRO E 767 -9.47 -16.18 -14.58
C PRO E 767 -9.40 -17.54 -13.91
N LYS E 768 -10.50 -18.26 -13.80
CA LYS E 768 -10.52 -19.52 -13.07
C LYS E 768 -10.44 -20.74 -13.99
N LEU E 769 -10.22 -20.54 -15.27
CA LEU E 769 -10.12 -21.66 -16.21
C LEU E 769 -8.65 -22.06 -16.31
N CYS E 770 -8.29 -23.15 -15.63
CA CYS E 770 -6.93 -23.65 -15.70
C CYS E 770 -6.62 -24.17 -17.10
N VAL E 771 -5.39 -23.95 -17.54
CA VAL E 771 -5.02 -24.31 -18.91
C VAL E 771 -5.17 -25.80 -19.14
N SER E 772 -4.76 -26.62 -18.17
CA SER E 772 -4.85 -28.07 -18.35
C SER E 772 -6.27 -28.51 -18.66
N THR E 773 -7.27 -27.85 -18.07
CA THR E 773 -8.65 -28.21 -18.35
C THR E 773 -9.04 -27.93 -19.80
N ILE E 774 -8.43 -26.92 -20.42
CA ILE E 774 -8.69 -26.65 -21.83
C ILE E 774 -8.10 -27.75 -22.71
N ASN E 775 -6.87 -28.16 -22.43
CA ASN E 775 -6.17 -29.10 -23.30
C ASN E 775 -6.87 -30.45 -23.37
N GLN E 776 -7.76 -30.74 -22.43
CA GLN E 776 -8.51 -31.99 -22.51
C GLN E 776 -9.39 -32.06 -23.74
N LEU E 777 -9.64 -30.92 -24.39
CA LEU E 777 -10.39 -30.92 -25.64
C LEU E 777 -9.55 -31.35 -26.83
N LEU E 778 -8.23 -31.36 -26.69
CA LEU E 778 -7.35 -31.66 -27.82
C LEU E 778 -7.73 -32.95 -28.54
N PRO E 779 -8.02 -34.06 -27.86
CA PRO E 779 -8.38 -35.29 -28.58
C PRO E 779 -9.81 -35.31 -29.11
N MET E 780 -10.58 -34.23 -28.95
CA MET E 780 -11.97 -34.20 -29.38
C MET E 780 -12.21 -33.39 -30.64
N LEU E 781 -11.28 -32.56 -31.06
CA LEU E 781 -11.46 -31.78 -32.27
C LEU E 781 -11.36 -32.70 -33.50
N ALA E 782 -11.98 -32.24 -34.60
CA ALA E 782 -11.87 -32.99 -35.84
C ALA E 782 -10.43 -33.00 -36.36
N SER E 783 -9.74 -31.87 -36.27
CA SER E 783 -8.36 -31.78 -36.71
C SER E 783 -7.38 -32.46 -35.76
N LYS E 784 -7.83 -32.81 -34.56
CA LYS E 784 -6.99 -33.46 -33.56
C LYS E 784 -5.66 -32.74 -33.40
N PRO E 785 -5.66 -31.43 -33.09
CA PRO E 785 -4.38 -30.74 -32.87
C PRO E 785 -3.65 -31.33 -31.68
N LYS E 786 -2.32 -31.39 -31.80
CA LYS E 786 -1.50 -31.84 -30.68
C LYS E 786 -1.49 -30.80 -29.56
N PHE E 787 -1.55 -29.52 -29.91
CA PHE E 787 -1.59 -28.45 -28.92
C PHE E 787 -2.24 -27.24 -29.56
N PHE E 788 -2.75 -26.35 -28.70
CA PHE E 788 -3.39 -25.14 -29.17
C PHE E 788 -2.36 -24.01 -29.27
N GLU E 789 -2.36 -23.34 -30.42
CA GLU E 789 -1.42 -22.26 -30.64
C GLU E 789 -1.74 -21.07 -29.75
N LYS E 790 -0.70 -20.29 -29.43
CA LYS E 790 -0.89 -19.12 -28.57
C LYS E 790 -1.83 -18.11 -29.20
N SER E 791 -2.04 -18.19 -30.51
CA SER E 791 -2.95 -17.24 -31.16
C SER E 791 -4.39 -17.46 -30.73
N ASP E 792 -4.76 -18.68 -30.35
CA ASP E 792 -6.13 -19.00 -29.98
C ASP E 792 -6.35 -19.18 -28.49
N VAL E 793 -5.41 -19.80 -27.78
CA VAL E 793 -5.56 -20.09 -26.36
C VAL E 793 -4.54 -19.26 -25.60
N GLY E 794 -5.01 -18.45 -24.67
CA GLY E 794 -4.12 -17.58 -23.93
C GLY E 794 -3.12 -18.36 -23.10
N ALA E 795 -2.06 -17.66 -22.69
CA ALA E 795 -1.00 -18.25 -21.88
C ALA E 795 -1.15 -17.88 -20.41
N ASP E 796 -1.17 -16.58 -20.09
CA ASP E 796 -1.29 -16.14 -18.71
C ASP E 796 -2.69 -15.64 -18.38
N SER E 797 -3.54 -15.46 -19.39
CA SER E 797 -4.87 -14.90 -19.15
C SER E 797 -5.87 -15.94 -18.69
N ASN E 798 -5.51 -17.22 -18.68
CA ASN E 798 -6.44 -18.29 -18.33
C ASN E 798 -5.98 -18.96 -17.04
N GLY E 799 -6.91 -19.11 -16.10
CA GLY E 799 -6.62 -19.85 -14.88
C GLY E 799 -5.58 -19.24 -13.99
N ASN E 800 -5.19 -17.99 -14.21
CA ASN E 800 -4.18 -17.38 -13.36
C ASN E 800 -4.60 -17.36 -11.91
N ARG E 801 -5.90 -17.38 -11.63
CA ARG E 801 -6.41 -17.34 -10.27
C ARG E 801 -6.60 -18.74 -9.67
N GLY E 802 -6.36 -19.79 -10.44
CA GLY E 802 -6.63 -21.13 -9.95
C GLY E 802 -5.35 -21.81 -9.47
N SER E 803 -5.34 -22.24 -8.21
CA SER E 803 -4.22 -22.95 -7.63
C SER E 803 -4.17 -24.39 -8.18
N CYS E 804 -3.91 -24.48 -9.47
CA CYS E 804 -4.01 -25.74 -10.20
C CYS E 804 -2.72 -26.14 -10.91
N GLY E 805 -2.00 -25.20 -11.51
CA GLY E 805 -0.82 -25.52 -12.28
C GLY E 805 0.49 -25.43 -11.53
N THR E 806 0.45 -25.47 -10.20
CA THR E 806 1.64 -25.24 -9.38
C THR E 806 2.35 -26.57 -9.10
N ALA E 807 3.55 -26.73 -9.64
CA ALA E 807 4.41 -27.82 -9.22
C ALA E 807 4.88 -27.57 -7.79
N VAL E 808 4.94 -28.64 -7.00
CA VAL E 808 5.14 -28.55 -5.57
C VAL E 808 6.62 -28.59 -5.24
N LEU E 809 7.03 -27.74 -4.31
CA LEU E 809 8.40 -27.72 -3.80
C LEU E 809 8.44 -28.33 -2.41
N ASN E 810 9.48 -29.11 -2.14
CA ASN E 810 9.64 -29.77 -0.85
C ASN E 810 10.57 -28.94 0.05
N VAL E 811 10.04 -27.80 0.49
CA VAL E 811 10.80 -26.90 1.34
C VAL E 811 11.08 -27.58 2.66
N THR E 812 12.32 -27.47 3.14
CA THR E 812 12.72 -28.00 4.43
C THR E 812 13.24 -26.86 5.30
N LEU E 813 12.71 -26.74 6.51
CA LEU E 813 13.17 -25.74 7.46
C LEU E 813 14.40 -26.27 8.16
N GLN E 814 15.55 -25.65 7.92
CA GLN E 814 16.82 -26.22 8.35
C GLN E 814 17.10 -25.95 9.82
N SER E 815 17.20 -24.68 10.21
CA SER E 815 17.52 -24.34 11.59
C SER E 815 16.83 -23.05 11.95
N VAL E 816 16.61 -22.87 13.25
CA VAL E 816 15.92 -21.72 13.79
C VAL E 816 16.70 -21.19 14.98
N GLY E 817 16.41 -19.95 15.36
CA GLY E 817 17.11 -19.31 16.45
C GLY E 817 16.27 -18.28 17.18
N ALA E 818 16.94 -17.40 17.93
CA ALA E 818 16.21 -16.35 18.64
C ALA E 818 15.52 -15.41 17.67
N ASN E 819 16.22 -14.99 16.62
CA ASN E 819 15.69 -14.02 15.67
C ASN E 819 15.95 -14.42 14.22
N SER E 820 16.51 -15.60 13.98
CA SER E 820 16.94 -16.00 12.65
C SER E 820 16.48 -17.42 12.37
N ALA E 821 16.32 -17.73 11.09
CA ALA E 821 15.97 -19.06 10.64
C ALA E 821 16.45 -19.24 9.21
N MET E 822 16.81 -20.47 8.87
CA MET E 822 17.34 -20.80 7.56
C MET E 822 16.39 -21.75 6.85
N LEU E 823 16.12 -21.47 5.59
CA LEU E 823 15.24 -22.27 4.76
C LEU E 823 16.06 -23.02 3.72
N ASN E 824 15.49 -24.10 3.20
CA ASN E 824 16.23 -25.03 2.36
C ASN E 824 15.25 -25.66 1.38
N VAL E 825 15.43 -25.40 0.09
CA VAL E 825 14.57 -25.97 -0.94
C VAL E 825 15.17 -27.31 -1.34
N THR E 826 14.47 -28.40 -1.03
CA THR E 826 15.04 -29.72 -1.25
C THR E 826 15.00 -30.11 -2.72
N THR E 827 13.98 -29.68 -3.46
CA THR E 827 13.74 -30.16 -4.81
C THR E 827 14.89 -29.74 -5.71
N LYS E 828 15.72 -30.71 -6.10
CA LYS E 828 16.77 -30.44 -7.07
C LYS E 828 16.16 -30.07 -8.41
N VAL E 829 16.82 -29.15 -9.11
CA VAL E 829 16.28 -28.49 -10.29
C VAL E 829 16.94 -29.08 -11.53
N GLU E 830 16.12 -29.41 -12.53
CA GLU E 830 16.62 -29.89 -13.82
C GLU E 830 16.93 -28.68 -14.71
N ILE E 831 18.09 -28.08 -14.44
CA ILE E 831 18.56 -26.94 -15.21
C ILE E 831 19.39 -27.44 -16.38
N GLY E 832 19.03 -27.01 -17.59
CA GLY E 832 19.78 -27.40 -18.76
C GLY E 832 19.23 -28.64 -19.44
N GLU E 833 20.06 -29.66 -19.59
CA GLU E 833 19.64 -30.86 -20.30
C GLU E 833 18.61 -31.63 -19.48
N PRO E 834 17.65 -32.30 -20.13
CA PRO E 834 16.70 -33.13 -19.38
C PRO E 834 17.19 -34.54 -19.15
N GLN E 835 18.49 -34.77 -19.35
CA GLN E 835 19.09 -36.09 -19.22
C GLN E 835 18.53 -36.85 -18.02
N LYS E 836 17.97 -38.03 -18.28
CA LYS E 836 17.33 -38.85 -17.26
C LYS E 836 16.32 -38.00 -16.50
N PRO E 837 15.17 -37.69 -17.10
CA PRO E 837 14.19 -36.84 -16.42
C PRO E 837 13.52 -37.55 -15.27
N SER E 838 12.53 -36.87 -14.69
CA SER E 838 11.71 -37.39 -13.60
C SER E 838 12.48 -37.44 -12.27
N ASN E 839 13.65 -36.83 -12.22
CA ASN E 839 14.40 -36.71 -10.98
C ASN E 839 14.03 -35.41 -10.28
N ALA E 840 12.82 -35.33 -9.73
CA ALA E 840 12.39 -34.10 -9.08
C ALA E 840 12.48 -32.97 -10.11
N THR E 841 11.66 -33.04 -11.14
CA THR E 841 11.98 -32.38 -12.41
C THR E 841 12.24 -30.88 -12.25
N ILE E 842 11.19 -30.10 -11.96
CA ILE E 842 11.32 -28.65 -11.90
C ILE E 842 12.32 -28.18 -12.94
N VAL E 843 12.00 -28.35 -14.21
CA VAL E 843 12.97 -28.19 -15.28
C VAL E 843 13.12 -26.72 -15.65
N PHE E 844 14.29 -26.36 -16.15
CA PHE E 844 14.53 -25.08 -16.79
C PHE E 844 15.45 -25.30 -17.97
N LYS E 845 15.05 -24.79 -19.14
CA LYS E 845 15.76 -25.13 -20.37
C LYS E 845 17.16 -24.54 -20.42
N ASP E 846 17.40 -23.42 -19.75
CA ASP E 846 18.73 -22.84 -19.72
C ASP E 846 18.96 -22.24 -18.34
N PRO E 847 20.21 -22.14 -17.89
CA PRO E 847 20.47 -21.65 -16.53
C PRO E 847 19.97 -20.25 -16.29
N ARG E 848 19.87 -19.41 -17.32
CA ARG E 848 19.55 -18.01 -17.15
C ARG E 848 18.07 -17.73 -16.99
N ALA E 849 17.20 -18.49 -17.68
CA ALA E 849 15.77 -18.21 -17.60
C ALA E 849 15.29 -18.21 -16.17
N PHE E 850 15.87 -19.07 -15.33
CA PHE E 850 15.48 -19.14 -13.92
C PHE E 850 16.32 -18.16 -13.12
N ILE E 851 15.68 -17.07 -12.68
CA ILE E 851 16.40 -16.00 -12.01
C ILE E 851 16.68 -16.31 -10.54
N GLY E 852 15.88 -17.13 -9.90
CA GLY E 852 16.12 -17.48 -8.52
C GLY E 852 14.82 -17.68 -7.76
N PHE E 853 14.95 -18.34 -6.62
CA PHE E 853 13.81 -18.59 -5.75
C PHE E 853 13.41 -17.33 -5.01
N VAL E 854 12.15 -17.29 -4.60
CA VAL E 854 11.60 -16.16 -3.87
C VAL E 854 10.94 -16.69 -2.60
N PHE E 855 11.33 -16.14 -1.46
CA PHE E 855 10.82 -16.56 -0.16
C PHE E 855 9.90 -15.50 0.40
N TYR E 856 8.78 -15.93 0.96
CA TYR E 856 7.85 -15.06 1.64
C TYR E 856 7.76 -15.46 3.11
N HIS E 857 7.49 -14.49 3.96
CA HIS E 857 7.22 -14.79 5.36
C HIS E 857 6.39 -13.67 5.96
N MET E 858 5.69 -13.99 7.04
CA MET E 858 4.78 -13.04 7.68
C MET E 858 4.33 -13.62 9.00
N ILE E 859 4.14 -12.74 9.98
CA ILE E 859 3.74 -13.16 11.32
C ILE E 859 2.31 -13.67 11.27
N ASP E 860 2.07 -14.87 11.79
CA ASP E 860 0.75 -15.47 11.77
C ASP E 860 0.65 -16.46 12.92
N PRO E 861 0.12 -16.04 14.07
CA PRO E 861 -0.13 -17.00 15.15
C PRO E 861 -1.10 -18.09 14.75
N TYR E 862 -2.00 -17.82 13.80
CA TYR E 862 -2.99 -18.79 13.39
C TYR E 862 -2.51 -19.69 12.26
N GLY E 863 -1.41 -19.34 11.61
CA GLY E 863 -0.83 -20.19 10.58
C GLY E 863 -1.77 -20.52 9.45
N ASN E 864 -2.55 -19.55 8.97
CA ASN E 864 -3.47 -19.81 7.87
C ASN E 864 -3.50 -18.71 6.82
N SER E 865 -2.56 -17.79 6.81
CA SER E 865 -2.56 -16.72 5.83
C SER E 865 -2.59 -17.30 4.42
N THR E 866 -3.49 -16.78 3.60
CA THR E 866 -3.62 -17.27 2.23
C THR E 866 -2.50 -16.70 1.36
N LYS E 867 -2.23 -17.39 0.26
CA LYS E 867 -1.20 -16.93 -0.65
C LYS E 867 -1.58 -15.59 -1.26
N SER E 868 -0.58 -14.79 -1.60
CA SER E 868 -0.79 -13.45 -2.12
C SER E 868 -1.48 -13.50 -3.49
N SER E 869 -2.37 -12.55 -3.71
CA SER E 869 -3.10 -12.46 -4.97
C SER E 869 -2.23 -11.85 -6.06
N PRO E 872 -2.75 -6.87 -6.78
CA PRO E 872 -1.43 -7.36 -6.38
C PRO E 872 -0.78 -6.47 -5.31
N CYS E 873 -1.60 -5.67 -4.63
CA CYS E 873 -1.10 -4.75 -3.61
C CYS E 873 -1.08 -5.36 -2.22
N ASP E 874 -1.47 -6.63 -2.08
CA ASP E 874 -1.47 -7.27 -0.78
C ASP E 874 -0.11 -7.14 -0.13
N ASP E 875 -0.07 -6.52 1.05
CA ASP E 875 1.18 -6.22 1.74
C ASP E 875 1.41 -7.10 2.95
N ARG E 876 0.54 -8.09 3.20
CA ARG E 876 0.75 -8.98 4.34
C ARG E 876 2.12 -9.64 4.27
N TRP E 877 2.47 -10.17 3.09
CA TRP E 877 3.71 -10.90 2.94
C TRP E 877 4.89 -9.96 2.74
N LYS E 878 5.96 -10.19 3.49
CA LYS E 878 7.24 -9.57 3.20
C LYS E 878 8.08 -10.55 2.38
N VAL E 879 8.79 -10.01 1.40
CA VAL E 879 9.48 -10.82 0.40
C VAL E 879 10.97 -10.51 0.46
N SER E 880 11.77 -11.45 -0.04
CA SER E 880 13.21 -11.28 -0.16
C SER E 880 13.59 -11.34 -1.62
N SER E 881 14.80 -10.88 -1.92
CA SER E 881 15.25 -10.81 -3.31
C SER E 881 15.44 -12.22 -3.85
N PRO E 882 15.38 -12.39 -5.18
CA PRO E 882 15.57 -13.72 -5.76
C PRO E 882 16.92 -14.29 -5.36
N GLU E 883 16.94 -15.61 -5.17
CA GLU E 883 18.14 -16.33 -4.76
C GLU E 883 18.26 -17.61 -5.58
N LYS E 884 19.46 -17.90 -6.04
CA LYS E 884 19.69 -19.02 -6.95
C LYS E 884 20.21 -20.27 -6.25
N SER E 885 21.04 -20.13 -5.22
CA SER E 885 21.59 -21.30 -4.53
C SER E 885 20.50 -22.19 -3.95
N GLY E 886 19.38 -21.61 -3.55
CA GLY E 886 18.29 -22.38 -2.98
C GLY E 886 18.21 -22.36 -1.48
N VAL E 887 19.02 -21.55 -0.80
CA VAL E 887 18.97 -21.42 0.64
C VAL E 887 18.90 -19.94 0.99
N MET E 888 18.07 -19.63 1.98
CA MET E 888 17.89 -18.26 2.44
C MET E 888 17.89 -18.25 3.96
N VAL E 889 18.27 -17.12 4.53
CA VAL E 889 18.37 -16.96 5.97
C VAL E 889 17.43 -15.85 6.39
N LEU E 890 16.26 -16.21 6.90
CA LEU E 890 15.38 -15.22 7.51
C LEU E 890 16.11 -14.60 8.70
N SER E 891 15.97 -13.29 8.84
CA SER E 891 16.67 -12.56 9.89
C SER E 891 15.72 -11.62 10.60
N ASN E 892 16.19 -11.07 11.72
CA ASN E 892 15.51 -10.06 12.51
C ASN E 892 14.08 -10.46 12.89
N LEU E 893 13.80 -11.75 12.98
CA LEU E 893 12.51 -12.17 13.49
C LEU E 893 12.38 -11.81 14.97
N ILE E 894 11.15 -11.61 15.40
CA ILE E 894 10.88 -11.37 16.82
C ILE E 894 10.82 -12.72 17.53
N PRO E 895 11.45 -12.87 18.69
CA PRO E 895 11.56 -14.20 19.30
C PRO E 895 10.20 -14.82 19.57
N TYR E 896 10.18 -16.15 19.51
CA TYR E 896 8.98 -16.93 19.77
C TYR E 896 7.75 -16.32 19.13
N THR E 897 7.77 -16.16 17.82
CA THR E 897 6.60 -15.74 17.06
C THR E 897 6.40 -16.72 15.92
N ASN E 898 5.17 -17.20 15.76
CA ASN E 898 4.88 -18.14 14.68
C ASN E 898 4.89 -17.39 13.36
N TYR E 899 5.74 -17.83 12.44
CA TYR E 899 5.89 -17.21 11.13
C TYR E 899 5.41 -18.16 10.06
N SER E 900 4.51 -17.69 9.22
CA SER E 900 4.15 -18.42 8.02
C SER E 900 5.05 -17.99 6.87
N TYR E 901 5.45 -18.96 6.04
CA TYR E 901 6.38 -18.74 4.96
C TYR E 901 6.06 -19.71 3.84
N TYR E 902 6.44 -19.34 2.62
CA TYR E 902 6.27 -20.26 1.51
C TYR E 902 7.10 -19.77 0.33
N VAL E 903 7.49 -20.73 -0.52
CA VAL E 903 8.50 -20.52 -1.54
C VAL E 903 7.88 -20.71 -2.91
N ARG E 904 8.46 -20.02 -3.90
CA ARG E 904 8.06 -20.20 -5.29
C ARG E 904 9.22 -19.82 -6.18
N THR E 905 9.16 -20.32 -7.42
CA THR E 905 10.22 -20.05 -8.38
C THR E 905 9.90 -18.81 -9.19
N MET E 906 10.92 -17.99 -9.44
CA MET E 906 10.80 -16.79 -10.24
C MET E 906 11.58 -17.00 -11.53
N ALA E 907 10.92 -16.80 -12.66
CA ALA E 907 11.53 -16.99 -13.96
C ALA E 907 11.06 -15.88 -14.89
N ILE E 908 11.87 -15.62 -15.93
CA ILE E 908 11.50 -14.62 -16.92
C ILE E 908 10.14 -14.97 -17.49
N SER E 909 9.34 -13.93 -17.78
CA SER E 909 7.97 -14.15 -18.22
C SER E 909 7.88 -15.12 -19.38
N SER E 910 8.81 -15.06 -20.33
CA SER E 910 8.77 -15.96 -21.46
C SER E 910 8.81 -17.42 -21.03
N GLU E 911 9.54 -17.74 -19.98
CA GLU E 911 9.55 -19.09 -19.44
C GLU E 911 8.29 -19.32 -18.62
N LEU E 912 7.88 -20.59 -18.53
CA LEU E 912 6.63 -20.91 -17.86
C LEU E 912 6.69 -22.16 -16.99
N THR E 913 7.87 -22.62 -16.58
CA THR E 913 7.97 -23.77 -15.69
C THR E 913 7.92 -23.32 -14.23
N ASN E 914 6.72 -22.91 -13.82
CA ASN E 914 6.51 -22.38 -12.49
C ASN E 914 6.32 -23.50 -11.47
N ALA E 915 6.61 -23.18 -10.21
CA ALA E 915 6.39 -24.10 -9.11
C ALA E 915 6.20 -23.29 -7.84
N GLU E 916 5.67 -23.94 -6.81
CA GLU E 916 5.46 -23.30 -5.52
C GLU E 916 5.59 -24.32 -4.40
N SER E 917 5.31 -23.87 -3.19
CA SER E 917 5.36 -24.72 -2.01
C SER E 917 4.12 -24.53 -1.15
N ASP E 918 3.96 -25.42 -0.19
CA ASP E 918 2.88 -25.30 0.78
C ASP E 918 3.23 -24.23 1.81
N VAL E 919 2.20 -23.69 2.45
CA VAL E 919 2.38 -22.58 3.40
C VAL E 919 2.66 -23.22 4.75
N LYS E 920 3.93 -23.56 4.96
CA LYS E 920 4.36 -24.09 6.24
C LYS E 920 4.59 -22.94 7.23
N ASN E 921 4.68 -23.29 8.51
CA ASN E 921 4.86 -22.29 9.54
C ASN E 921 5.73 -22.85 10.66
N PHE E 922 6.36 -21.95 11.40
CA PHE E 922 7.27 -22.32 12.47
C PHE E 922 7.38 -21.14 13.43
N ARG E 923 7.91 -21.41 14.61
CA ARG E 923 8.03 -20.41 15.67
C ARG E 923 9.49 -20.19 16.00
N THR E 924 9.84 -18.93 16.28
CA THR E 924 11.20 -18.62 16.68
C THR E 924 11.47 -19.14 18.09
N ASN E 925 12.67 -18.88 18.59
CA ASN E 925 13.04 -19.34 19.91
C ASN E 925 12.57 -18.36 20.99
N PRO E 926 12.55 -18.79 22.25
CA PRO E 926 12.05 -17.92 23.32
C PRO E 926 12.74 -16.57 23.40
N GLY E 927 14.04 -16.52 23.18
CA GLY E 927 14.73 -15.24 23.25
C GLY E 927 14.90 -14.78 24.69
N ARG E 928 14.69 -13.48 24.91
CA ARG E 928 14.87 -12.88 26.24
C ARG E 928 13.60 -12.15 26.64
N PRO E 929 13.11 -12.34 27.86
CA PRO E 929 11.87 -11.68 28.27
C PRO E 929 12.04 -10.17 28.37
N SER E 930 10.93 -9.46 28.18
CA SER E 930 10.96 -8.00 28.18
C SER E 930 10.98 -7.46 29.59
N LYS E 931 11.24 -6.16 29.70
CA LYS E 931 11.34 -5.51 30.99
C LYS E 931 10.00 -5.56 31.73
N VAL E 932 10.07 -5.50 33.06
CA VAL E 932 8.86 -5.41 33.86
C VAL E 932 8.27 -4.01 33.72
N THR E 933 6.94 -3.93 33.76
CA THR E 933 6.22 -2.70 33.49
C THR E 933 5.53 -2.18 34.75
N GLU E 934 5.62 -0.86 34.94
CA GLU E 934 4.94 -0.18 36.05
C GLU E 934 5.47 -0.65 37.40
N VAL E 935 6.77 -0.49 37.62
CA VAL E 935 7.37 -0.88 38.88
C VAL E 935 7.41 0.32 39.82
N VAL E 936 6.90 0.14 41.04
CA VAL E 936 6.82 1.21 42.02
C VAL E 936 7.03 0.60 43.40
N ALA E 937 7.69 1.37 44.27
CA ALA E 937 7.93 0.96 45.64
C ALA E 937 7.15 1.86 46.60
N THR E 938 6.68 1.28 47.69
CA THR E 938 5.88 2.00 48.66
C THR E 938 6.08 1.35 50.02
N ALA E 939 5.82 2.14 51.07
CA ALA E 939 6.07 1.68 52.42
C ALA E 939 4.85 0.98 53.02
N ILE E 940 5.14 0.02 53.90
CA ILE E 940 4.15 -0.52 54.82
C ILE E 940 4.44 -0.10 56.25
N SER E 941 5.72 -0.09 56.63
CA SER E 941 6.17 0.45 57.91
C SER E 941 7.59 0.94 57.72
N ASP E 942 8.23 1.36 58.81
CA ASP E 942 9.62 1.78 58.72
C ASP E 942 10.55 0.64 58.35
N SER E 943 10.11 -0.61 58.55
CA SER E 943 10.90 -1.76 58.15
C SER E 943 10.18 -2.69 57.18
N LYS E 944 8.90 -2.48 56.89
CA LYS E 944 8.15 -3.30 55.97
C LYS E 944 7.88 -2.49 54.71
N ILE E 945 8.25 -3.05 53.56
CA ILE E 945 8.20 -2.33 52.28
C ILE E 945 7.48 -3.19 51.26
N ASN E 946 6.87 -2.52 50.27
CA ASN E 946 5.94 -3.13 49.35
C ASN E 946 6.28 -2.66 47.93
N VAL E 947 6.08 -3.54 46.96
CA VAL E 947 6.41 -3.25 45.57
C VAL E 947 5.30 -3.78 44.68
N THR E 948 4.97 -3.03 43.63
CA THR E 948 3.91 -3.37 42.70
C THR E 948 4.43 -3.31 41.27
N TRP E 949 4.05 -4.28 40.45
CA TRP E 949 4.49 -4.31 39.06
C TRP E 949 3.50 -5.14 38.25
N SER E 950 3.56 -4.92 36.93
CA SER E 950 2.77 -5.69 35.98
C SER E 950 3.68 -6.03 34.80
N TYR E 951 3.15 -6.82 33.87
CA TYR E 951 3.94 -7.36 32.76
C TYR E 951 3.19 -7.19 31.44
N LEU E 952 2.77 -5.97 31.15
CA LEU E 952 1.95 -5.69 29.96
C LEU E 952 2.75 -5.71 28.67
N ASP E 953 3.94 -6.32 28.67
CA ASP E 953 4.72 -6.49 27.45
C ASP E 953 4.96 -7.96 27.21
N LYS E 954 5.41 -8.27 26.01
CA LYS E 954 5.59 -9.66 25.61
C LYS E 954 6.61 -10.35 26.51
N PRO E 955 6.33 -11.55 27.02
CA PRO E 955 7.34 -12.27 27.80
C PRO E 955 8.25 -13.10 26.90
N TYR E 956 7.79 -13.42 25.69
CA TYR E 956 8.56 -14.23 24.77
C TYR E 956 8.96 -15.55 25.39
N GLY E 957 7.98 -16.40 25.69
CA GLY E 957 8.29 -17.71 26.24
C GLY E 957 7.42 -18.01 27.44
N VAL E 958 7.92 -18.93 28.27
CA VAL E 958 7.24 -19.33 29.50
C VAL E 958 7.93 -18.65 30.67
N LEU E 959 7.18 -17.88 31.44
CA LEU E 959 7.72 -17.16 32.59
C LEU E 959 7.88 -18.14 33.75
N THR E 960 9.07 -18.72 33.86
CA THR E 960 9.29 -19.73 34.90
C THR E 960 9.11 -19.14 36.29
N ARG E 961 9.63 -17.93 36.51
CA ARG E 961 9.70 -17.37 37.85
C ARG E 961 9.81 -15.87 37.78
N TYR E 962 9.51 -15.22 38.89
CA TYR E 962 9.80 -13.81 39.09
C TYR E 962 10.86 -13.64 40.16
N PHE E 963 11.74 -12.66 39.95
CA PHE E 963 12.86 -12.43 40.84
C PHE E 963 12.94 -10.95 41.20
N ILE E 964 13.04 -10.70 42.50
CA ILE E 964 13.19 -9.35 43.05
C ILE E 964 14.39 -9.35 43.98
N LYS E 965 15.26 -8.35 43.83
CA LYS E 965 16.42 -8.19 44.69
C LYS E 965 16.41 -6.77 45.25
N ALA E 966 16.50 -6.66 46.57
CA ALA E 966 16.49 -5.37 47.25
C ALA E 966 17.80 -5.20 48.01
N LYS E 967 18.45 -4.06 47.83
CA LYS E 967 19.69 -3.75 48.52
C LYS E 967 19.71 -2.28 48.87
N LEU E 968 20.21 -1.97 50.07
CA LEU E 968 20.22 -0.59 50.54
C LEU E 968 21.42 0.17 50.01
N ILE E 969 21.38 1.49 50.16
CA ILE E 969 22.47 2.38 49.79
C ILE E 969 22.80 3.24 50.99
N ASN E 970 24.06 3.65 51.06
CA ASN E 970 24.55 4.38 52.23
C ASN E 970 23.93 5.78 52.30
N ARG E 971 23.65 6.22 53.51
CA ARG E 971 23.15 7.58 53.71
C ARG E 971 24.29 8.58 53.56
N PRO E 972 23.97 9.84 53.24
CA PRO E 972 25.01 10.87 53.24
C PRO E 972 25.42 11.23 54.66
N THR E 973 26.68 11.63 54.81
CA THR E 973 27.21 11.96 56.12
C THR E 973 26.95 13.43 56.43
N ARG E 974 27.33 13.84 57.64
CA ARG E 974 27.26 15.25 58.01
C ARG E 974 28.17 16.07 57.12
N ASN E 975 27.67 17.23 56.69
CA ASN E 975 28.38 18.09 55.76
C ASN E 975 28.68 19.43 56.42
N ASN E 976 29.88 19.95 56.14
CA ASN E 976 30.34 21.19 56.74
C ASN E 976 29.88 22.43 56.00
N ASN E 977 29.22 22.27 54.85
CA ASN E 977 28.74 23.41 54.07
C ASN E 977 27.33 23.77 54.49
N ARG E 978 26.94 23.43 55.71
CA ARG E 978 25.60 23.69 56.19
C ARG E 978 25.68 24.15 57.65
N ASP E 979 24.65 24.89 58.06
CA ASP E 979 24.50 25.32 59.44
C ASP E 979 23.18 24.78 59.98
N TYR E 980 23.16 24.53 61.29
CA TYR E 980 22.05 23.82 61.90
C TYR E 980 21.56 24.59 63.12
N CYS E 981 20.23 24.60 63.29
CA CYS E 981 19.54 25.27 64.38
C CYS E 981 19.61 26.79 64.25
N THR E 982 20.34 27.29 63.25
CA THR E 982 20.11 28.64 62.78
C THR E 982 19.11 28.64 61.64
N GLU E 983 18.84 27.47 61.06
CA GLU E 983 17.85 27.26 60.03
C GLU E 983 17.28 25.86 60.23
N PRO E 984 15.96 25.73 60.37
CA PRO E 984 15.39 24.40 60.62
C PRO E 984 15.61 23.45 59.44
N LEU E 985 15.55 22.16 59.75
CA LEU E 985 15.65 21.10 58.76
C LEU E 985 14.54 20.09 58.96
N VAL E 986 13.78 19.83 57.90
CA VAL E 986 12.73 18.82 57.90
C VAL E 986 13.08 17.80 56.83
N LYS E 987 13.30 18.29 55.60
CA LYS E 987 13.89 17.49 54.54
C LYS E 987 13.12 16.22 54.23
N ALA E 988 11.91 16.36 53.69
CA ALA E 988 11.20 15.20 53.16
C ALA E 988 12.09 14.51 52.13
N MET E 989 12.04 13.17 52.12
CA MET E 989 12.96 12.40 51.30
C MET E 989 12.84 12.81 49.84
N GLU E 990 13.98 12.99 49.19
CA GLU E 990 14.03 13.39 47.79
C GLU E 990 14.19 12.22 46.84
N ASN E 991 14.66 11.08 47.32
CA ASN E 991 14.89 9.89 46.49
C ASN E 991 15.47 10.24 45.13
N GLU E 1023 11.07 -6.36 -7.84
CA GLU E 1023 10.11 -6.11 -8.91
C GLU E 1023 10.22 -7.16 -10.01
N TYR E 1024 9.55 -6.93 -11.13
CA TYR E 1024 9.53 -7.92 -12.20
C TYR E 1024 10.93 -8.23 -12.72
N ASP E 1025 11.77 -7.20 -12.92
CA ASP E 1025 13.15 -7.39 -13.31
C ASP E 1025 13.29 -8.12 -14.65
N ASP E 1026 12.20 -8.20 -15.40
CA ASP E 1026 12.21 -8.98 -16.64
C ASP E 1026 13.19 -8.41 -17.65
N ARG E 1027 13.20 -7.09 -17.83
CA ARG E 1027 13.96 -6.51 -18.93
C ARG E 1027 15.44 -6.76 -18.79
N LYS E 1028 15.98 -6.59 -17.58
CA LYS E 1028 17.44 -6.63 -17.40
C LYS E 1028 18.00 -7.99 -17.80
N VAL E 1029 17.45 -9.06 -17.23
CA VAL E 1029 17.97 -10.38 -17.52
C VAL E 1029 17.73 -10.75 -18.97
N GLN E 1030 16.59 -10.32 -19.52
CA GLN E 1030 16.32 -10.61 -20.93
C GLN E 1030 17.39 -9.99 -21.82
N ALA E 1031 17.68 -8.70 -21.61
CA ALA E 1031 18.68 -8.04 -22.44
C ALA E 1031 20.03 -8.70 -22.27
N GLY E 1032 20.41 -9.01 -21.03
CA GLY E 1032 21.68 -9.69 -20.81
C GLY E 1032 21.74 -11.01 -21.55
N MET E 1033 20.67 -11.80 -21.46
CA MET E 1033 20.64 -13.09 -22.12
C MET E 1033 20.82 -12.92 -23.63
N GLU E 1034 20.06 -12.00 -24.22
CA GLU E 1034 20.14 -11.84 -25.67
C GLU E 1034 21.52 -11.39 -26.10
N PHE E 1035 22.11 -10.42 -25.39
CA PHE E 1035 23.44 -9.96 -25.77
C PHE E 1035 24.46 -11.08 -25.63
N GLU E 1036 24.34 -11.87 -24.56
CA GLU E 1036 25.25 -12.98 -24.37
C GLU E 1036 25.13 -13.97 -25.53
N ASN E 1037 23.91 -14.24 -25.98
CA ASN E 1037 23.72 -15.13 -27.11
C ASN E 1037 24.36 -14.56 -28.37
N ALA E 1038 24.13 -13.26 -28.62
CA ALA E 1038 24.71 -12.64 -29.81
C ALA E 1038 26.23 -12.66 -29.77
N LEU E 1039 26.82 -12.53 -28.58
CA LEU E 1039 28.27 -12.56 -28.47
C LEU E 1039 28.82 -13.97 -28.64
N GLN E 1040 28.13 -14.97 -28.09
CA GLN E 1040 28.52 -16.35 -28.34
C GLN E 1040 28.51 -16.64 -29.83
N ASN E 1041 27.46 -16.18 -30.52
CA ASN E 1041 27.34 -16.49 -31.94
C ASN E 1041 28.53 -15.99 -32.73
N PHE E 1042 29.27 -15.02 -32.19
CA PHE E 1042 30.35 -14.36 -32.91
C PHE E 1042 31.74 -14.73 -32.44
N ILE E 1043 31.92 -15.03 -31.15
CA ILE E 1043 33.26 -15.30 -30.63
C ILE E 1043 33.84 -16.55 -31.27
N PHE E 1044 33.09 -17.64 -31.24
CA PHE E 1044 33.61 -18.92 -31.71
C PHE E 1044 33.59 -18.99 -33.22
N VAL E 1045 34.38 -19.90 -33.76
CA VAL E 1045 34.50 -20.05 -35.21
C VAL E 1045 34.82 -21.50 -35.56
N PRO E 1046 34.19 -22.07 -36.57
CA PRO E 1046 34.59 -23.41 -37.02
C PRO E 1046 35.82 -23.36 -37.89
N ASN E 1047 36.20 -24.49 -38.47
CA ASN E 1047 37.33 -24.54 -39.40
C ASN E 1047 37.09 -25.59 -40.46
N ASP E 1119 22.93 -4.33 39.66
CA ASP E 1119 23.90 -4.04 38.61
C ASP E 1119 23.92 -5.16 37.57
N ASP E 1120 23.90 -6.40 38.04
CA ASP E 1120 23.95 -7.55 37.16
C ASP E 1120 23.40 -8.78 37.89
N GLU E 1121 22.77 -9.67 37.12
CA GLU E 1121 22.42 -11.00 37.63
C GLU E 1121 22.71 -12.01 36.52
N ASN E 1122 23.95 -12.49 36.49
CA ASN E 1122 24.26 -13.66 35.69
C ASN E 1122 23.70 -14.91 36.35
N THR E 1123 23.89 -15.02 37.67
CA THR E 1123 23.29 -16.07 38.47
C THR E 1123 23.04 -15.51 39.86
N TYR E 1124 22.08 -16.10 40.56
CA TYR E 1124 21.78 -15.66 41.92
C TYR E 1124 21.19 -16.82 42.71
N LYS E 1125 21.31 -16.71 44.02
CA LYS E 1125 20.74 -17.66 44.96
C LYS E 1125 19.83 -16.91 45.93
N ASP E 1126 18.67 -17.49 46.21
CA ASP E 1126 17.73 -16.89 47.17
C ASP E 1126 18.43 -16.76 48.52
N GLU E 1127 18.38 -15.55 49.09
CA GLU E 1127 19.10 -15.30 50.33
C GLU E 1127 18.76 -13.91 50.84
N GLU E 1128 19.11 -13.68 52.11
CA GLU E 1128 19.12 -12.35 52.70
C GLU E 1128 20.41 -12.17 53.48
N ASP E 1129 20.92 -10.93 53.50
CA ASP E 1129 22.09 -10.58 54.27
C ASP E 1129 21.67 -9.86 55.53
N LEU E 1130 22.08 -10.38 56.68
CA LEU E 1130 21.68 -9.85 57.98
C LEU E 1130 22.81 -9.00 58.55
N SER E 1131 22.44 -7.86 59.14
CA SER E 1131 23.43 -6.97 59.71
C SER E 1131 24.16 -7.65 60.85
N SER E 1132 25.36 -7.14 61.16
CA SER E 1132 26.14 -7.71 62.26
C SER E 1132 25.36 -7.65 63.57
N ASN E 1133 24.71 -6.52 63.84
CA ASN E 1133 23.86 -6.40 65.01
C ASN E 1133 22.56 -7.16 64.89
N LYS E 1134 22.27 -7.73 63.72
CA LYS E 1134 21.07 -8.52 63.46
C LYS E 1134 19.80 -7.68 63.45
N GLN E 1135 19.92 -6.35 63.44
CA GLN E 1135 18.74 -5.51 63.50
C GLN E 1135 17.95 -5.54 62.21
N PHE E 1136 18.65 -5.47 61.07
CA PHE E 1136 18.00 -5.36 59.77
C PHE E 1136 18.79 -6.14 58.72
N TYR E 1137 18.11 -6.44 57.61
CA TYR E 1137 18.74 -7.12 56.49
C TYR E 1137 19.22 -6.08 55.48
N GLU E 1138 20.52 -6.10 55.20
CA GLU E 1138 21.07 -5.15 54.23
C GLU E 1138 20.57 -5.42 52.83
N VAL E 1139 20.50 -6.69 52.42
CA VAL E 1139 20.03 -7.04 51.09
C VAL E 1139 19.05 -8.20 51.21
N PHE E 1140 18.25 -8.38 50.18
CA PHE E 1140 17.17 -9.36 50.19
C PHE E 1140 16.89 -9.78 48.76
N ALA E 1141 17.26 -11.01 48.41
CA ALA E 1141 17.08 -11.53 47.06
C ALA E 1141 16.40 -12.88 47.16
N LYS E 1142 15.25 -13.03 46.52
CA LYS E 1142 14.48 -14.25 46.58
C LYS E 1142 13.72 -14.46 45.27
N GLU E 1143 13.34 -15.70 45.01
CA GLU E 1143 12.49 -16.01 43.89
C GLU E 1143 11.02 -15.82 44.28
N LEU E 1144 10.18 -15.60 43.27
CA LEU E 1144 8.75 -15.55 43.48
C LEU E 1144 8.04 -16.39 42.42
N PRO E 1145 6.88 -16.97 42.75
CA PRO E 1145 6.18 -17.79 41.77
C PRO E 1145 5.56 -16.94 40.69
N PRO E 1146 5.30 -17.50 39.51
CA PRO E 1146 4.71 -16.71 38.42
C PRO E 1146 3.31 -16.20 38.72
N ASN E 1147 2.64 -16.71 39.75
CA ASN E 1147 1.37 -16.12 40.16
C ASN E 1147 1.53 -14.63 40.46
N GLN E 1148 2.61 -14.28 41.15
CA GLN E 1148 2.67 -13.03 41.89
C GLN E 1148 2.78 -11.84 40.96
N THR E 1149 2.33 -10.68 41.47
CA THR E 1149 2.58 -9.40 40.83
C THR E 1149 3.04 -8.31 41.80
N HIS E 1150 2.88 -8.49 43.11
CA HIS E 1150 3.31 -7.51 44.10
C HIS E 1150 3.69 -8.28 45.36
N PHE E 1151 4.73 -7.81 46.05
CA PHE E 1151 5.10 -8.49 47.29
C PHE E 1151 5.81 -7.53 48.22
N VAL E 1152 5.87 -7.92 49.49
CA VAL E 1152 6.37 -7.11 50.59
C VAL E 1152 7.68 -7.71 51.09
N PHE E 1153 8.59 -6.84 51.49
CA PHE E 1153 9.88 -7.25 52.05
C PHE E 1153 10.08 -6.50 53.36
N GLU E 1154 10.39 -7.24 54.42
CA GLU E 1154 10.31 -6.72 55.78
C GLU E 1154 11.65 -6.85 56.48
N LYS E 1155 11.70 -6.30 57.70
CA LYS E 1155 12.91 -6.28 58.50
C LYS E 1155 14.06 -5.63 57.75
N LEU E 1156 13.77 -4.51 57.10
CA LEU E 1156 14.78 -3.70 56.45
C LEU E 1156 15.13 -2.51 57.32
N ARG E 1157 16.30 -1.92 57.05
CA ARG E 1157 16.75 -0.76 57.82
C ARG E 1157 15.79 0.40 57.61
N HIS E 1158 15.60 1.18 58.67
CA HIS E 1158 14.76 2.37 58.59
C HIS E 1158 15.62 3.60 58.34
N PHE E 1159 14.97 4.68 57.92
CA PHE E 1159 15.65 5.93 57.56
C PHE E 1159 16.55 5.76 56.34
N THR E 1160 16.32 4.74 55.51
CA THR E 1160 17.25 4.40 54.45
C THR E 1160 16.51 4.11 53.15
N ARG E 1161 17.23 4.29 52.04
CA ARG E 1161 16.74 3.91 50.73
C ARG E 1161 17.17 2.48 50.40
N TYR E 1162 16.26 1.73 49.80
CA TYR E 1162 16.54 0.37 49.34
C TYR E 1162 16.33 0.30 47.83
N ALA E 1163 17.41 0.08 47.10
CA ALA E 1163 17.32 -0.06 45.66
C ALA E 1163 16.55 -1.33 45.31
N ILE E 1164 15.54 -1.20 44.46
CA ILE E 1164 14.68 -2.31 44.07
C ILE E 1164 15.04 -2.70 42.65
N PHE E 1165 15.24 -4.00 42.44
CA PHE E 1165 15.65 -4.55 41.16
C PHE E 1165 14.76 -5.75 40.87
N VAL E 1166 14.00 -5.67 39.78
CA VAL E 1166 12.97 -6.65 39.48
C VAL E 1166 13.30 -7.34 38.16
N VAL E 1167 12.82 -8.56 38.00
CA VAL E 1167 13.20 -9.41 36.88
C VAL E 1167 12.08 -10.37 36.57
N ALA E 1168 11.96 -10.74 35.29
CA ALA E 1168 11.15 -11.86 34.84
C ALA E 1168 12.01 -12.80 34.01
N CYS E 1169 12.03 -14.07 34.40
CA CYS E 1169 12.93 -15.05 33.79
C CYS E 1169 12.14 -16.07 32.99
N ARG E 1170 12.72 -16.54 31.90
CA ARG E 1170 12.02 -17.42 30.96
C ARG E 1170 12.52 -18.86 31.07
N GLU E 1171 11.81 -19.75 30.38
CA GLU E 1171 12.19 -21.14 30.30
C GLU E 1171 13.41 -21.32 29.40
N GLU E 1172 13.84 -22.56 29.26
CA GLU E 1172 14.99 -22.93 28.44
C GLU E 1172 14.67 -24.19 27.66
N ILE E 1173 15.03 -24.20 26.38
CA ILE E 1173 14.81 -25.35 25.51
C ILE E 1173 15.81 -26.44 25.88
N PRO E 1174 15.44 -27.73 25.79
CA PRO E 1174 16.41 -28.79 26.12
C PRO E 1174 17.73 -28.65 25.37
N SER E 1175 17.65 -28.35 24.06
CA SER E 1175 18.85 -28.16 23.27
C SER E 1175 19.67 -26.96 23.74
N GLU E 1176 19.06 -26.04 24.49
CA GLU E 1176 19.81 -24.92 25.05
C GLU E 1176 20.48 -25.32 26.36
N LYS E 1177 19.72 -25.89 27.28
CA LYS E 1177 20.26 -26.24 28.58
C LYS E 1177 21.33 -27.32 28.49
N LEU E 1178 21.17 -28.28 27.58
CA LEU E 1178 22.13 -29.37 27.50
C LEU E 1178 23.51 -28.92 27.05
N ARG E 1179 23.62 -27.75 26.44
CA ARG E 1179 24.91 -27.27 25.95
C ARG E 1179 25.27 -25.89 26.47
N ASP E 1180 24.30 -25.00 26.65
CA ASP E 1180 24.56 -23.61 27.05
C ASP E 1180 24.87 -23.59 28.54
N THR E 1181 26.17 -23.68 28.85
CA THR E 1181 26.61 -23.63 30.24
C THR E 1181 26.70 -22.20 30.75
N SER E 1182 27.43 -21.35 30.04
CA SER E 1182 27.59 -19.96 30.44
C SER E 1182 27.41 -19.00 29.27
N PHE E 1183 27.40 -19.55 28.05
CA PHE E 1183 27.31 -18.69 26.87
C PHE E 1183 25.86 -18.52 26.45
N LYS E 1184 25.60 -17.41 25.75
CA LYS E 1184 24.27 -17.04 25.30
C LYS E 1184 23.36 -16.74 26.48
N LYS E 1185 22.89 -17.78 27.16
CA LYS E 1185 22.03 -17.63 28.34
C LYS E 1185 20.99 -16.55 28.11
N SER E 1186 21.16 -15.38 28.72
CA SER E 1186 20.22 -14.27 28.56
C SER E 1186 18.80 -14.69 28.92
N LEU E 1187 18.67 -15.49 29.98
CA LEU E 1187 17.38 -16.08 30.32
C LEU E 1187 16.53 -15.20 31.20
N CYS E 1188 16.96 -13.96 31.47
CA CYS E 1188 16.19 -13.07 32.33
C CYS E 1188 16.16 -11.68 31.72
N SER E 1189 15.14 -10.91 32.10
CA SER E 1189 14.76 -9.74 31.33
C SER E 1189 15.63 -8.54 31.68
N ASP E 1190 15.36 -7.44 30.98
CA ASP E 1190 15.92 -6.14 31.32
C ASP E 1190 15.21 -5.59 32.55
N TYR E 1191 15.88 -4.65 33.21
CA TYR E 1191 15.39 -4.11 34.47
C TYR E 1191 15.76 -2.64 34.59
N ASP E 1192 15.08 -1.97 35.49
CA ASP E 1192 15.35 -0.57 35.82
C ASP E 1192 15.18 -0.38 37.32
N THR E 1193 16.21 0.18 37.94
CA THR E 1193 16.19 0.35 39.39
C THR E 1193 15.00 1.22 39.79
N VAL E 1194 14.31 0.81 40.84
CA VAL E 1194 13.22 1.57 41.43
C VAL E 1194 13.61 1.96 42.85
N PHE E 1195 13.55 3.25 43.15
CA PHE E 1195 13.84 3.76 44.48
C PHE E 1195 12.55 4.16 45.17
N GLN E 1196 12.56 4.05 46.49
CA GLN E 1196 11.33 4.04 47.28
C GLN E 1196 11.21 5.36 48.04
N THR E 1197 10.04 6.00 47.91
CA THR E 1197 9.66 7.12 48.75
C THR E 1197 8.92 6.60 49.99
N THR E 1198 9.66 5.89 50.82
CA THR E 1198 9.11 5.15 51.95
C THR E 1198 8.49 6.12 52.94
N LYS E 1199 7.16 6.06 53.09
CA LYS E 1199 6.49 6.85 54.10
C LYS E 1199 6.59 6.16 55.46
N ARG E 1200 6.61 6.98 56.52
CA ARG E 1200 6.71 6.48 57.89
C ARG E 1200 7.95 5.61 58.07
N LYS E 1201 9.07 6.02 57.47
CA LYS E 1201 10.35 5.41 57.78
C LYS E 1201 11.17 6.25 58.76
N LYS E 1202 10.60 7.32 59.29
CA LYS E 1202 11.28 8.18 60.24
C LYS E 1202 10.77 7.92 61.65
N PHE E 1203 11.28 8.71 62.60
CA PHE E 1203 10.77 8.75 63.97
C PHE E 1203 10.78 7.36 64.62
N ALA E 1204 11.99 6.84 64.78
CA ALA E 1204 12.19 5.56 65.45
C ALA E 1204 13.37 5.67 66.41
N ASP E 1205 13.13 5.24 67.65
CA ASP E 1205 14.13 5.17 68.70
C ASP E 1205 14.49 6.54 69.27
N ILE E 1206 14.01 7.61 68.64
CA ILE E 1206 14.18 8.98 69.13
C ILE E 1206 15.50 9.16 69.88
N VAL E 1207 15.43 9.52 71.17
CA VAL E 1207 16.61 9.75 72.00
C VAL E 1207 16.29 9.25 73.40
N MET E 1208 17.32 8.82 74.13
CA MET E 1208 17.11 8.20 75.43
C MET E 1208 18.16 8.71 76.42
N ASP E 1209 17.88 8.50 77.70
CA ASP E 1209 18.86 8.71 78.77
C ASP E 1209 19.40 10.13 78.77
N LEU E 1210 18.51 11.08 79.03
CA LEU E 1210 18.92 12.46 79.20
C LEU E 1210 19.24 12.72 80.67
N LYS E 1211 20.40 13.29 80.94
CA LYS E 1211 20.79 13.63 82.30
C LYS E 1211 21.62 14.89 82.27
N VAL E 1212 21.67 15.58 83.41
CA VAL E 1212 22.30 16.89 83.51
C VAL E 1212 23.16 16.96 84.76
N ASP E 1213 24.16 17.84 84.73
CA ASP E 1213 25.01 18.12 85.87
C ASP E 1213 25.63 19.49 85.68
N LEU E 1214 26.16 20.05 86.77
CA LEU E 1214 26.71 21.40 86.76
C LEU E 1214 28.16 21.38 87.20
N GLU E 1215 28.93 22.35 86.67
CA GLU E 1215 30.35 22.43 86.96
C GLU E 1215 30.64 22.97 88.36
N HIS E 1216 29.80 23.87 88.87
CA HIS E 1216 30.03 24.47 90.17
C HIS E 1216 28.75 24.49 91.00
N GLU E 1221 25.34 31.19 88.46
CA GLU E 1221 25.88 31.33 87.11
C GLU E 1221 26.68 30.09 86.71
N SER E 1222 26.46 28.99 87.41
CA SER E 1222 27.20 27.77 87.14
C SER E 1222 26.68 27.11 85.86
N PRO E 1223 27.52 26.86 84.87
CA PRO E 1223 27.04 26.18 83.66
C PRO E 1223 26.61 24.75 83.96
N VAL E 1224 25.64 24.27 83.19
CA VAL E 1224 25.07 22.94 83.40
C VAL E 1224 25.42 22.07 82.21
N ARG E 1225 26.06 20.93 82.47
CA ARG E 1225 26.36 19.94 81.45
C ARG E 1225 25.13 19.06 81.24
N VAL E 1226 24.72 18.90 79.99
CA VAL E 1226 23.57 18.07 79.63
C VAL E 1226 24.05 16.93 78.75
N ARG E 1227 23.67 15.71 79.12
CA ARG E 1227 24.10 14.52 78.41
C ARG E 1227 22.88 13.78 77.85
N TRP E 1228 23.12 13.03 76.77
CA TRP E 1228 22.07 12.24 76.15
C TRP E 1228 22.75 11.15 75.32
N THR E 1229 21.96 10.14 74.95
CA THR E 1229 22.45 9.01 74.19
C THR E 1229 21.83 9.02 72.79
N PRO E 1230 22.63 8.84 71.73
CA PRO E 1230 22.04 8.78 70.40
C PRO E 1230 21.23 7.51 70.23
N PRO E 1231 20.29 7.49 69.29
CA PRO E 1231 19.47 6.29 69.10
C PRO E 1231 20.31 5.11 68.63
N VAL E 1232 19.72 3.92 68.75
CA VAL E 1232 20.43 2.71 68.32
C VAL E 1232 20.84 2.82 66.86
N ASP E 1233 19.90 3.22 66.01
CA ASP E 1233 20.17 3.54 64.63
C ASP E 1233 19.92 5.03 64.41
N PRO E 1234 20.93 5.80 63.98
CA PRO E 1234 20.72 7.24 63.80
C PRO E 1234 19.45 7.55 63.01
N ASN E 1235 18.62 8.45 63.54
CA ASN E 1235 17.41 8.85 62.86
C ASN E 1235 17.79 9.73 61.68
N GLY E 1236 18.39 9.12 60.65
CA GLY E 1236 19.11 9.86 59.65
C GLY E 1236 20.47 10.23 60.21
N GLU E 1237 21.48 10.35 59.35
CA GLU E 1237 22.82 10.69 59.84
C GLU E 1237 22.76 12.00 60.60
N ILE E 1238 23.21 11.96 61.86
CA ILE E 1238 23.07 13.11 62.75
C ILE E 1238 23.93 14.26 62.24
N VAL E 1239 23.34 15.45 62.16
CA VAL E 1239 24.07 16.66 61.82
C VAL E 1239 24.08 17.65 62.97
N THR E 1240 23.21 17.50 63.96
CA THR E 1240 23.14 18.42 65.09
C THR E 1240 22.14 17.86 66.09
N TYR E 1241 22.33 18.23 67.35
CA TYR E 1241 21.43 17.83 68.43
C TYR E 1241 20.84 19.07 69.08
N GLU E 1242 19.51 19.11 69.15
CA GLU E 1242 18.81 20.23 69.78
C GLU E 1242 18.62 19.93 71.26
N VAL E 1243 18.88 20.94 72.10
CA VAL E 1243 18.73 20.82 73.55
C VAL E 1243 17.88 21.98 74.04
N ALA E 1244 16.91 21.67 74.90
CA ALA E 1244 16.00 22.67 75.44
C ALA E 1244 16.00 22.58 76.95
N TYR E 1245 15.73 23.71 77.60
CA TYR E 1245 15.65 23.76 79.06
C TYR E 1245 14.68 24.85 79.47
N LYS E 1246 14.18 24.73 80.70
CA LYS E 1246 13.23 25.69 81.24
C LYS E 1246 13.43 25.81 82.73
N LEU E 1247 13.01 26.96 83.28
CA LEU E 1247 13.08 27.19 84.71
C LEU E 1247 11.75 26.82 85.36
N GLN E 1248 11.83 26.14 86.50
CA GLN E 1248 10.63 25.69 87.22
C GLN E 1248 10.00 26.86 87.99
N LYS E 1249 9.60 27.87 87.22
CA LYS E 1249 8.90 29.03 87.73
C LYS E 1249 7.86 29.46 86.71
N PRO E 1250 6.79 30.11 87.13
CA PRO E 1250 5.72 30.46 86.19
C PRO E 1250 6.18 31.44 85.12
N ASP E 1251 5.60 31.30 83.94
CA ASP E 1251 5.79 32.20 82.81
C ASP E 1251 7.21 32.22 82.28
N GLN E 1252 8.02 31.20 82.59
CA GLN E 1252 9.38 31.14 82.07
C GLN E 1252 9.40 30.40 80.74
N VAL E 1253 10.03 31.00 79.74
CA VAL E 1253 10.10 30.40 78.41
C VAL E 1253 11.17 29.33 78.38
N GLU E 1254 10.95 28.31 77.57
CA GLU E 1254 11.90 27.20 77.44
C GLU E 1254 12.91 27.54 76.35
N GLU E 1255 14.10 27.94 76.76
CA GLU E 1255 15.18 28.19 75.81
C GLU E 1255 15.68 26.88 75.22
N LYS E 1256 16.16 26.94 73.97
CA LYS E 1256 16.71 25.78 73.32
C LYS E 1256 17.89 26.20 72.45
N LYS E 1257 18.93 25.38 72.48
CA LYS E 1257 20.14 25.62 71.70
C LYS E 1257 20.64 24.29 71.16
N CYS E 1258 21.68 24.35 70.33
CA CYS E 1258 22.11 23.20 69.55
C CYS E 1258 23.61 23.03 69.64
N ILE E 1259 24.07 21.87 69.18
CA ILE E 1259 25.49 21.53 69.09
C ILE E 1259 25.64 20.58 67.91
N PRO E 1260 26.68 20.72 67.07
CA PRO E 1260 26.79 19.84 65.90
C PRO E 1260 27.08 18.39 66.23
N ALA E 1261 27.10 18.05 67.53
CA ALA E 1261 27.17 16.66 67.97
C ALA E 1261 28.55 16.06 67.70
N ALA E 1262 28.90 15.02 68.46
CA ALA E 1262 30.15 14.29 68.29
C ALA E 1262 31.33 15.07 68.85
N ASP E 1263 31.08 16.30 69.32
CA ASP E 1263 32.12 17.10 69.96
C ASP E 1263 31.81 17.40 71.42
N PHE E 1264 30.56 17.20 71.85
CA PHE E 1264 30.20 17.42 73.24
C PHE E 1264 30.69 16.30 74.15
N ASN E 1265 31.01 15.14 73.58
CA ASN E 1265 31.38 13.98 74.40
C ASN E 1265 32.69 14.19 75.15
N GLN E 1266 33.69 14.83 74.53
CA GLN E 1266 34.94 15.06 75.22
C GLN E 1266 34.77 15.93 76.47
N THR E 1267 33.67 16.67 76.55
CA THR E 1267 33.28 17.36 77.78
C THR E 1267 32.23 16.58 78.56
N ALA E 1268 31.97 15.34 78.18
CA ALA E 1268 30.95 14.49 78.82
C ALA E 1268 29.55 15.06 78.65
N GLY E 1269 29.37 15.98 77.71
CA GLY E 1269 28.07 16.58 77.47
C GLY E 1269 28.22 17.99 76.94
N TYR E 1270 27.08 18.61 76.67
CA TYR E 1270 27.03 19.97 76.14
C TYR E 1270 26.89 20.95 77.30
N LEU E 1271 27.78 21.94 77.34
CA LEU E 1271 27.77 22.92 78.42
C LEU E 1271 26.80 24.03 78.10
N ILE E 1272 25.87 24.30 79.02
CA ILE E 1272 24.85 25.33 78.85
C ILE E 1272 24.94 26.29 80.03
N LYS E 1273 25.05 27.58 79.73
CA LYS E 1273 25.05 28.59 80.78
C LYS E 1273 23.70 28.59 81.50
N LEU E 1274 23.75 28.63 82.83
CA LEU E 1274 22.53 28.56 83.63
C LEU E 1274 22.74 29.36 84.92
N ASN E 1275 21.63 29.74 85.53
CA ASN E 1275 21.62 30.56 86.74
C ASN E 1275 20.97 29.78 87.88
N GLU E 1276 20.79 30.48 89.00
CA GLU E 1276 20.21 29.84 90.19
C GLU E 1276 18.77 29.43 89.93
N GLY E 1277 18.36 28.34 90.55
CA GLY E 1277 17.00 27.84 90.49
C GLY E 1277 16.96 26.38 90.09
N LEU E 1278 15.74 25.89 89.91
CA LEU E 1278 15.49 24.51 89.51
C LEU E 1278 15.09 24.49 88.04
N TYR E 1279 15.73 23.63 87.26
CA TYR E 1279 15.54 23.63 85.81
C TYR E 1279 15.32 22.21 85.33
N SER E 1280 14.73 22.10 84.14
CA SER E 1280 14.54 20.83 83.44
C SER E 1280 15.09 20.96 82.03
N PHE E 1281 15.45 19.85 81.43
CA PHE E 1281 16.11 19.83 80.13
C PHE E 1281 15.43 18.83 79.20
N ARG E 1282 15.53 19.11 77.89
CA ARG E 1282 15.04 18.22 76.85
C ARG E 1282 16.01 18.24 75.67
N VAL E 1283 16.01 17.13 74.93
CA VAL E 1283 16.91 16.97 73.78
C VAL E 1283 16.16 16.28 72.65
N ARG E 1284 16.52 16.65 71.41
CA ARG E 1284 16.03 15.96 70.23
C ARG E 1284 17.10 15.98 69.17
N ALA E 1285 16.97 15.08 68.19
CA ALA E 1285 18.00 14.92 67.17
C ALA E 1285 17.67 15.74 65.93
N ASN E 1286 18.72 16.29 65.32
CA ASN E 1286 18.64 16.96 64.03
C ASN E 1286 19.58 16.23 63.09
N SER E 1287 19.03 15.72 61.98
CA SER E 1287 19.77 14.81 61.12
C SER E 1287 19.38 15.07 59.68
N ILE E 1288 19.82 14.18 58.78
CA ILE E 1288 19.46 14.28 57.38
C ILE E 1288 17.96 14.17 57.20
N ALA E 1289 17.28 13.47 58.11
CA ALA E 1289 15.84 13.32 58.08
C ALA E 1289 15.11 14.46 58.78
N GLY E 1290 15.84 15.51 59.19
CA GLY E 1290 15.22 16.63 59.86
C GLY E 1290 15.16 16.43 61.36
N TYR E 1291 14.26 17.19 61.99
CA TYR E 1291 14.12 17.14 63.44
C TYR E 1291 13.58 15.78 63.88
N GLY E 1292 14.01 15.38 65.08
CA GLY E 1292 13.41 14.24 65.76
C GLY E 1292 12.37 14.70 66.76
N ASP E 1293 12.10 13.83 67.72
CA ASP E 1293 11.15 14.15 68.78
C ASP E 1293 11.90 14.43 70.09
N PHE E 1294 11.45 15.45 70.80
CA PHE E 1294 12.07 15.81 72.07
C PHE E 1294 11.80 14.71 73.10
N THR E 1295 12.87 14.23 73.73
CA THR E 1295 12.75 13.17 74.72
C THR E 1295 12.26 13.75 76.04
N GLU E 1296 12.04 12.86 77.01
CA GLU E 1296 11.47 13.26 78.29
C GLU E 1296 12.43 14.17 79.05
N VAL E 1297 11.94 14.70 80.16
CA VAL E 1297 12.67 15.75 80.88
C VAL E 1297 13.50 15.15 82.00
N GLU E 1298 14.57 15.87 82.36
CA GLU E 1298 15.33 15.60 83.58
C GLU E 1298 15.70 16.94 84.21
N HIS E 1299 15.84 16.93 85.53
CA HIS E 1299 15.92 18.15 86.32
C HIS E 1299 17.29 18.32 86.95
N ILE E 1300 17.63 19.57 87.25
CA ILE E 1300 18.87 19.92 87.94
C ILE E 1300 18.61 21.15 88.80
N LYS E 1301 19.24 21.19 89.97
CA LYS E 1301 19.10 22.30 90.90
C LYS E 1301 20.44 23.01 91.02
N VAL E 1302 20.42 24.33 90.90
CA VAL E 1302 21.63 25.16 90.96
C VAL E 1302 21.66 25.86 92.31
N GLU E 1303 22.76 25.66 93.04
CA GLU E 1303 22.98 26.30 94.32
C GLU E 1303 24.47 26.59 94.46
N PRO E 1304 25.01 27.55 93.71
CA PRO E 1304 26.47 27.90 93.81
C PRO E 1304 26.84 28.31 95.23
N PRO E 1305 27.91 27.75 95.79
CA PRO E 1305 28.44 28.28 97.04
C PRO E 1305 29.38 29.44 96.78
N PRO E 1306 29.70 30.25 97.80
CA PRO E 1306 30.62 31.37 97.61
C PRO E 1306 32.08 30.94 97.49
N PRO F 328 43.51 25.00 -38.13
CA PRO F 328 43.72 25.03 -39.58
C PRO F 328 44.49 23.81 -40.09
N THR F 329 45.80 23.78 -39.86
CA THR F 329 46.65 22.67 -40.24
C THR F 329 47.53 22.31 -39.05
N MET F 330 47.65 21.02 -38.75
CA MET F 330 48.36 20.61 -37.56
C MET F 330 48.82 19.16 -37.71
N ARG F 331 50.02 18.88 -37.21
CA ARG F 331 50.56 17.54 -37.21
C ARG F 331 49.81 16.66 -36.22
N LEU F 332 49.92 15.35 -36.42
CA LEU F 332 49.44 14.37 -35.46
C LEU F 332 50.60 13.67 -34.80
N SER F 333 50.44 13.36 -33.51
CA SER F 333 51.53 12.80 -32.73
C SER F 333 52.02 11.49 -33.33
N GLN F 334 53.33 11.30 -33.33
CA GLN F 334 53.95 10.07 -33.79
C GLN F 334 53.71 9.84 -35.27
N ASN F 335 54.30 8.79 -35.82
CA ASN F 335 54.10 8.39 -37.21
C ASN F 335 53.31 7.09 -37.24
N VAL F 336 52.25 7.06 -38.05
CA VAL F 336 51.29 5.96 -37.98
C VAL F 336 51.87 4.70 -38.60
N LYS F 337 51.69 3.58 -37.91
CA LYS F 337 51.99 2.25 -38.44
C LYS F 337 50.79 1.35 -38.16
N PRO F 338 49.69 1.54 -38.86
CA PRO F 338 48.47 0.80 -38.52
C PRO F 338 48.63 -0.69 -38.74
N CYS F 339 47.88 -1.46 -37.95
CA CYS F 339 47.77 -2.89 -38.17
C CYS F 339 46.30 -3.26 -38.21
N LYS F 340 45.97 -4.19 -39.11
CA LYS F 340 44.58 -4.56 -39.36
C LYS F 340 43.94 -5.19 -38.12
N SER F 341 42.65 -5.48 -38.23
CA SER F 341 41.90 -6.00 -37.09
C SER F 341 42.66 -7.12 -36.42
N MET F 342 42.53 -7.22 -35.10
CA MET F 342 43.41 -8.05 -34.29
C MET F 342 42.57 -8.96 -33.40
N ASP F 343 43.04 -10.19 -33.18
CA ASP F 343 42.40 -11.14 -32.29
C ASP F 343 43.46 -11.81 -31.43
N ILE F 344 43.41 -11.55 -30.13
CA ILE F 344 44.28 -12.19 -29.16
C ILE F 344 43.54 -13.43 -28.67
N ARG F 345 44.08 -14.59 -28.99
CA ARG F 345 43.35 -15.84 -28.78
C ARG F 345 44.20 -16.85 -28.04
N ASN F 346 43.55 -17.60 -27.15
CA ASN F 346 44.15 -18.76 -26.51
C ASN F 346 45.25 -18.41 -25.51
N MET F 347 46.41 -18.01 -26.02
CA MET F 347 47.63 -18.00 -25.21
C MET F 347 48.32 -16.66 -25.31
N VAL F 348 49.22 -16.41 -24.35
CA VAL F 348 49.88 -15.12 -24.23
C VAL F 348 50.74 -14.82 -25.44
N SER F 349 51.37 -15.84 -26.03
CA SER F 349 52.34 -15.59 -27.08
C SER F 349 51.73 -14.81 -28.23
N HIS F 350 50.41 -14.90 -28.41
CA HIS F 350 49.76 -14.18 -29.49
C HIS F 350 49.73 -12.68 -29.27
N PHE F 351 50.06 -12.21 -28.06
CA PHE F 351 50.16 -10.78 -27.84
C PHE F 351 51.22 -10.14 -28.71
N ASN F 352 52.16 -10.94 -29.24
CA ASN F 352 53.18 -10.41 -30.14
C ASN F 352 52.58 -9.76 -31.37
N GLN F 353 51.34 -10.10 -31.73
CA GLN F 353 50.71 -9.52 -32.90
C GLN F 353 50.47 -8.02 -32.75
N LEU F 354 50.51 -7.50 -31.52
CA LEU F 354 50.34 -6.07 -31.30
C LEU F 354 51.59 -5.28 -31.62
N GLU F 355 52.61 -5.90 -32.19
CA GLU F 355 53.89 -5.24 -32.35
C GLU F 355 53.79 -4.02 -33.25
N ASN F 356 54.26 -2.88 -32.73
CA ASN F 356 54.59 -1.67 -33.49
C ASN F 356 53.40 -0.86 -33.97
N CYS F 357 52.18 -1.35 -33.88
CA CYS F 357 51.10 -0.64 -34.58
C CYS F 357 50.37 0.31 -33.64
N THR F 358 50.33 1.57 -34.04
CA THR F 358 49.77 2.63 -33.22
C THR F 358 48.25 2.58 -33.17
N VAL F 359 47.61 2.26 -34.29
CA VAL F 359 46.15 2.24 -34.37
C VAL F 359 45.70 0.92 -34.97
N ILE F 360 44.47 0.54 -34.65
CA ILE F 360 43.85 -0.69 -35.15
C ILE F 360 42.89 -0.31 -36.26
N GLU F 361 43.17 -0.78 -37.48
CA GLU F 361 42.37 -0.40 -38.64
C GLU F 361 41.04 -1.13 -38.64
N GLY F 362 40.81 -1.97 -37.65
CA GLY F 362 39.57 -2.71 -37.55
C GLY F 362 39.09 -2.82 -36.11
N PHE F 363 38.70 -4.02 -35.70
CA PHE F 363 38.34 -4.27 -34.30
C PHE F 363 39.42 -5.09 -33.62
N LEU F 364 39.49 -4.96 -32.30
CA LEU F 364 40.45 -5.67 -31.47
C LEU F 364 39.68 -6.43 -30.40
N LEU F 365 39.78 -7.76 -30.44
CA LEU F 365 39.13 -8.62 -29.48
C LEU F 365 40.16 -9.49 -28.78
N ILE F 366 40.03 -9.59 -27.46
CA ILE F 366 40.84 -10.48 -26.64
C ILE F 366 39.87 -11.40 -25.92
N ASP F 367 40.04 -12.71 -26.10
CA ASP F 367 39.12 -13.64 -25.46
C ASP F 367 39.82 -14.96 -25.19
N LEU F 368 39.33 -15.65 -24.16
CA LEU F 368 39.82 -16.99 -23.83
C LEU F 368 41.34 -17.02 -23.70
N ILE F 369 41.89 -15.96 -23.13
CA ILE F 369 43.27 -15.99 -22.66
C ILE F 369 43.25 -16.56 -21.25
N ASN F 370 43.68 -17.82 -21.12
CA ASN F 370 43.52 -18.52 -19.85
C ASN F 370 44.32 -17.88 -18.72
N ASP F 371 45.44 -17.24 -19.03
CA ASP F 371 46.27 -16.61 -17.99
C ASP F 371 47.05 -15.48 -18.63
N ALA F 372 46.70 -14.24 -18.29
CA ALA F 372 47.37 -13.07 -18.84
C ALA F 372 48.56 -12.61 -18.01
N SER F 373 48.79 -13.22 -16.85
CA SER F 373 49.90 -12.79 -15.99
C SER F 373 51.25 -12.84 -16.69
N PRO F 374 51.59 -13.89 -17.46
CA PRO F 374 52.94 -13.96 -18.05
C PRO F 374 53.26 -12.81 -18.98
N LEU F 375 52.29 -11.94 -19.27
CA LEU F 375 52.54 -10.76 -20.09
C LEU F 375 53.49 -9.84 -19.34
N ASN F 376 54.75 -9.79 -19.78
CA ASN F 376 55.73 -8.95 -19.11
C ASN F 376 55.80 -7.55 -19.72
N ARG F 377 55.28 -7.38 -20.93
CA ARG F 377 55.41 -6.12 -21.64
C ARG F 377 54.11 -5.33 -21.59
N SER F 378 54.18 -4.09 -22.04
CA SER F 378 53.02 -3.25 -22.33
C SER F 378 53.17 -2.73 -23.75
N PHE F 379 52.11 -2.10 -24.26
CA PHE F 379 52.06 -1.63 -25.64
C PHE F 379 51.59 -0.18 -25.67
N PRO F 380 52.44 0.76 -25.23
CA PRO F 380 52.03 2.17 -25.21
C PRO F 380 51.74 2.75 -26.59
N LYS F 381 52.31 2.19 -27.66
CA LYS F 381 52.10 2.76 -28.98
C LYS F 381 50.63 2.68 -29.41
N LEU F 382 49.94 1.61 -29.04
CA LEU F 382 48.53 1.47 -29.36
C LEU F 382 47.75 2.64 -28.76
N THR F 383 47.08 3.41 -29.59
CA THR F 383 46.38 4.60 -29.12
C THR F 383 44.94 4.67 -29.59
N GLU F 384 44.65 4.23 -30.82
CA GLU F 384 43.33 4.42 -31.43
C GLU F 384 42.86 3.11 -32.05
N VAL F 385 41.56 2.85 -31.92
CA VAL F 385 40.93 1.66 -32.48
C VAL F 385 39.69 2.10 -33.26
N THR F 386 39.56 1.61 -34.49
CA THR F 386 38.55 2.15 -35.39
C THR F 386 37.16 1.66 -35.07
N ASP F 387 37.00 0.38 -34.70
CA ASP F 387 35.69 -0.24 -34.64
C ASP F 387 35.26 -0.41 -33.20
N TYR F 388 35.92 -1.28 -32.41
CA TYR F 388 35.45 -1.52 -31.06
C TYR F 388 36.43 -2.40 -30.32
N ILE F 389 36.23 -2.49 -29.02
CA ILE F 389 37.03 -3.31 -28.13
C ILE F 389 36.10 -4.23 -27.35
N ILE F 390 36.32 -5.53 -27.47
CA ILE F 390 35.61 -6.52 -26.68
C ILE F 390 36.63 -7.34 -25.91
N ILE F 391 36.44 -7.43 -24.59
CA ILE F 391 37.28 -8.24 -23.73
C ILE F 391 36.34 -9.29 -23.13
N TYR F 392 36.29 -10.47 -23.75
CA TYR F 392 35.38 -11.52 -23.34
C TYR F 392 36.17 -12.68 -22.77
N ARG F 393 35.88 -13.04 -21.53
CA ARG F 393 36.47 -14.21 -20.88
C ARG F 393 37.98 -14.23 -21.08
N VAL F 394 38.64 -13.25 -20.49
CA VAL F 394 40.08 -13.30 -20.30
C VAL F 394 40.36 -13.53 -18.82
N THR F 395 41.18 -14.54 -18.53
CA THR F 395 41.49 -14.90 -17.17
C THR F 395 42.98 -14.72 -16.92
N GLY F 396 43.32 -14.31 -15.70
CA GLY F 396 44.69 -14.00 -15.37
C GLY F 396 45.12 -12.60 -15.76
N LEU F 397 44.17 -11.69 -15.93
CA LEU F 397 44.46 -10.28 -16.19
C LEU F 397 43.86 -9.45 -15.06
N HIS F 398 44.67 -8.55 -14.50
CA HIS F 398 44.21 -7.74 -13.38
C HIS F 398 43.65 -6.39 -13.85
N SER F 399 44.30 -5.77 -14.83
CA SER F 399 43.87 -4.46 -15.29
C SER F 399 44.14 -4.33 -16.78
N LEU F 400 43.44 -3.39 -17.41
CA LEU F 400 43.63 -3.13 -18.83
C LEU F 400 44.73 -2.12 -19.10
N SER F 401 45.30 -1.52 -18.05
CA SER F 401 46.36 -0.55 -18.26
C SER F 401 47.56 -1.19 -18.97
N LYS F 402 47.90 -2.42 -18.59
CA LYS F 402 49.10 -3.05 -19.13
C LYS F 402 49.01 -3.17 -20.64
N ILE F 403 47.84 -3.55 -21.16
CA ILE F 403 47.71 -3.77 -22.60
C ILE F 403 47.17 -2.53 -23.30
N PHE F 404 46.54 -1.61 -22.57
CA PHE F 404 46.01 -0.36 -23.13
C PHE F 404 46.62 0.82 -22.38
N PRO F 405 47.91 1.09 -22.57
CA PRO F 405 48.48 2.26 -21.88
C PRO F 405 47.95 3.57 -22.41
N ASN F 406 47.97 3.77 -23.73
CA ASN F 406 47.63 5.05 -24.33
C ASN F 406 46.40 4.98 -25.22
N LEU F 407 45.58 3.93 -25.11
CA LEU F 407 44.33 3.89 -25.83
C LEU F 407 43.48 5.10 -25.44
N SER F 408 43.10 5.89 -26.44
CA SER F 408 42.48 7.18 -26.17
C SER F 408 41.13 7.33 -26.84
N VAL F 409 40.99 6.85 -28.07
CA VAL F 409 39.82 7.13 -28.89
C VAL F 409 39.28 5.83 -29.46
N ILE F 410 37.95 5.67 -29.37
CA ILE F 410 37.24 4.57 -30.00
C ILE F 410 36.23 5.18 -30.96
N ARG F 411 36.43 4.98 -32.25
CA ARG F 411 35.70 5.74 -33.25
C ARG F 411 34.47 5.01 -33.78
N GLY F 412 34.37 3.70 -33.57
CA GLY F 412 33.15 3.00 -33.89
C GLY F 412 32.69 3.11 -35.33
N ASN F 413 33.61 3.06 -36.29
CA ASN F 413 33.20 3.00 -37.68
C ASN F 413 32.38 1.75 -37.96
N LYS F 414 32.81 0.61 -37.43
CA LYS F 414 31.99 -0.58 -37.36
C LYS F 414 31.59 -0.79 -35.91
N LEU F 415 30.28 -0.92 -35.67
CA LEU F 415 29.74 -0.90 -34.33
C LEU F 415 29.08 -2.25 -34.03
N PHE F 416 29.83 -3.14 -33.40
CA PHE F 416 29.32 -4.45 -33.02
C PHE F 416 28.14 -4.33 -32.06
N ASP F 417 26.95 -4.73 -32.52
CA ASP F 417 25.78 -4.85 -31.66
C ASP F 417 25.48 -3.55 -30.90
N GLY F 418 25.92 -2.41 -31.41
CA GLY F 418 25.65 -1.16 -30.74
C GLY F 418 26.44 -0.92 -29.49
N TYR F 419 27.50 -1.69 -29.24
CA TYR F 419 28.40 -1.45 -28.12
C TYR F 419 29.82 -1.28 -28.66
N ALA F 420 30.48 -0.20 -28.26
CA ALA F 420 31.81 0.10 -28.76
C ALA F 420 32.90 -0.49 -27.90
N LEU F 421 32.68 -0.58 -26.58
CA LEU F 421 33.63 -1.18 -25.65
C LEU F 421 32.89 -2.17 -24.80
N VAL F 422 33.32 -3.43 -24.82
CA VAL F 422 32.68 -4.51 -24.09
C VAL F 422 33.73 -5.22 -23.25
N VAL F 423 33.42 -5.46 -21.98
CA VAL F 423 34.26 -6.22 -21.08
C VAL F 423 33.34 -7.20 -20.38
N TYR F 424 33.36 -8.47 -20.82
CA TYR F 424 32.31 -9.41 -20.47
C TYR F 424 32.91 -10.66 -19.83
N SER F 425 32.32 -11.08 -18.71
CA SER F 425 32.60 -12.38 -18.10
C SER F 425 34.11 -12.58 -17.89
N ASN F 426 34.68 -11.77 -17.01
CA ASN F 426 36.07 -11.92 -16.61
C ASN F 426 36.15 -12.01 -15.09
N PHE F 427 36.84 -13.05 -14.60
CA PHE F 427 36.89 -13.29 -13.17
C PHE F 427 38.07 -12.57 -12.52
N ASP F 428 39.06 -12.14 -13.30
CA ASP F 428 40.30 -11.62 -12.75
C ASP F 428 40.48 -10.12 -12.90
N LEU F 429 39.54 -9.40 -13.51
CA LEU F 429 39.72 -7.98 -13.72
C LEU F 429 39.30 -7.21 -12.47
N MET F 430 40.22 -6.41 -11.92
CA MET F 430 39.96 -5.59 -10.75
C MET F 430 39.80 -4.12 -11.09
N ASP F 431 40.81 -3.53 -11.75
CA ASP F 431 40.82 -2.11 -12.05
C ASP F 431 41.03 -1.92 -13.54
N LEU F 432 40.19 -1.08 -14.15
CA LEU F 432 40.29 -0.88 -15.59
C LEU F 432 41.68 -0.37 -15.97
N GLY F 433 42.13 0.71 -15.34
CA GLY F 433 43.43 1.26 -15.64
C GLY F 433 43.52 2.00 -16.96
N LEU F 434 42.38 2.42 -17.52
CA LEU F 434 42.37 3.11 -18.80
C LEU F 434 42.56 4.61 -18.58
N HIS F 435 43.75 5.02 -18.16
CA HIS F 435 43.95 6.41 -17.79
C HIS F 435 43.82 7.34 -18.99
N LYS F 436 44.22 6.90 -20.18
CA LYS F 436 44.30 7.77 -21.34
C LYS F 436 43.04 7.77 -22.20
N LEU F 437 42.02 7.01 -21.83
CA LEU F 437 40.77 7.03 -22.59
C LEU F 437 40.10 8.39 -22.46
N ARG F 438 39.71 8.97 -23.58
CA ARG F 438 39.10 10.29 -23.57
C ARG F 438 37.77 10.35 -24.31
N SER F 439 37.65 9.65 -25.44
CA SER F 439 36.52 9.87 -26.34
C SER F 439 36.04 8.57 -26.96
N ILE F 440 34.72 8.44 -27.06
CA ILE F 440 34.07 7.38 -27.83
C ILE F 440 33.14 8.05 -28.83
N THR F 441 33.28 7.69 -30.10
CA THR F 441 32.58 8.40 -31.16
C THR F 441 31.19 7.83 -31.45
N ARG F 442 30.99 6.52 -31.29
CA ARG F 442 29.70 5.92 -31.59
C ARG F 442 29.42 4.81 -30.59
N GLY F 443 28.15 4.50 -30.45
CA GLY F 443 27.74 3.38 -29.61
C GLY F 443 27.91 3.69 -28.14
N GLY F 444 27.55 2.69 -27.33
CA GLY F 444 27.70 2.74 -25.90
C GLY F 444 28.72 1.76 -25.38
N VAL F 445 28.69 1.53 -24.07
CA VAL F 445 29.67 0.71 -23.38
C VAL F 445 28.92 -0.25 -22.46
N ARG F 446 29.33 -1.52 -22.50
CA ARG F 446 28.70 -2.55 -21.69
C ARG F 446 29.76 -3.28 -20.89
N ILE F 447 29.55 -3.37 -19.58
CA ILE F 447 30.45 -4.09 -18.68
C ILE F 447 29.59 -5.05 -17.87
N GLU F 448 29.92 -6.34 -17.90
CA GLU F 448 29.06 -7.36 -17.33
C GLU F 448 29.89 -8.51 -16.81
N LYS F 449 29.43 -9.11 -15.72
CA LYS F 449 30.01 -10.33 -15.18
C LYS F 449 31.51 -10.19 -14.96
N ASN F 450 31.89 -9.12 -14.26
CA ASN F 450 33.24 -8.95 -13.76
C ASN F 450 33.14 -8.76 -12.25
N HIS F 451 33.09 -9.88 -11.53
CA HIS F 451 32.87 -9.85 -10.09
C HIS F 451 33.94 -9.08 -9.34
N LYS F 452 35.16 -9.04 -9.86
CA LYS F 452 36.25 -8.35 -9.19
C LYS F 452 36.40 -6.90 -9.61
N LEU F 453 35.63 -6.43 -10.57
CA LEU F 453 35.74 -5.07 -11.05
C LEU F 453 35.31 -4.12 -9.94
N CYS F 454 36.26 -3.37 -9.40
CA CYS F 454 35.92 -2.24 -8.56
C CYS F 454 35.90 -0.96 -9.42
N TYR F 455 35.41 0.12 -8.82
CA TYR F 455 35.37 1.43 -9.46
C TYR F 455 34.45 1.47 -10.67
N ASP F 456 33.44 0.59 -10.72
CA ASP F 456 32.55 0.57 -11.88
C ASP F 456 31.82 1.89 -12.05
N ARG F 457 31.32 2.46 -10.95
CA ARG F 457 30.49 3.65 -10.98
C ARG F 457 31.29 4.94 -11.04
N THR F 458 32.62 4.87 -11.00
CA THR F 458 33.42 6.07 -10.90
C THR F 458 33.25 6.97 -12.12
N ILE F 459 33.29 6.38 -13.32
CA ILE F 459 33.50 7.19 -14.52
C ILE F 459 32.22 7.90 -14.92
N ASP F 460 32.37 9.15 -15.39
CA ASP F 460 31.28 9.89 -16.02
C ASP F 460 31.24 9.55 -17.50
N TRP F 461 30.67 8.38 -17.79
CA TRP F 461 30.65 7.90 -19.17
C TRP F 461 30.03 8.90 -20.12
N LEU F 462 28.99 9.60 -19.68
CA LEU F 462 28.22 10.45 -20.58
C LEU F 462 29.06 11.53 -21.24
N GLU F 463 30.19 11.91 -20.64
CA GLU F 463 31.09 12.85 -21.30
C GLU F 463 31.87 12.18 -22.42
N ILE F 464 32.24 10.91 -22.25
CA ILE F 464 33.06 10.24 -23.25
C ILE F 464 32.25 9.98 -24.52
N LEU F 465 30.98 9.60 -24.36
CA LEU F 465 30.16 9.23 -25.50
C LEU F 465 29.70 10.46 -26.27
N ALA F 466 29.06 10.20 -27.41
CA ALA F 466 28.41 11.28 -28.13
C ALA F 466 27.36 11.92 -27.25
N GLU F 467 27.38 13.26 -27.17
CA GLU F 467 26.60 13.96 -26.17
C GLU F 467 25.10 13.71 -26.29
N ASN F 468 24.60 13.39 -27.49
CA ASN F 468 23.15 13.35 -27.69
C ASN F 468 22.54 12.08 -27.13
N GLU F 469 22.92 10.92 -27.67
CA GLU F 469 22.36 9.64 -27.23
C GLU F 469 23.36 8.91 -26.32
N THR F 470 23.39 9.35 -25.07
CA THR F 470 24.33 8.81 -24.09
C THR F 470 23.74 7.65 -23.29
N GLN F 471 22.54 7.20 -23.64
CA GLN F 471 21.81 6.28 -22.77
C GLN F 471 22.55 4.96 -22.54
N LEU F 472 23.16 4.39 -23.57
CA LEU F 472 23.70 3.04 -23.48
C LEU F 472 25.00 3.05 -22.69
N VAL F 473 24.88 3.02 -21.37
CA VAL F 473 25.98 2.75 -20.47
C VAL F 473 25.48 1.75 -19.43
N VAL F 474 25.87 0.50 -19.55
CA VAL F 474 25.29 -0.58 -18.77
C VAL F 474 26.38 -1.33 -18.03
N LEU F 475 26.20 -1.49 -16.72
CA LEU F 475 27.11 -2.25 -15.88
C LEU F 475 26.30 -3.03 -14.86
N THR F 476 26.68 -4.29 -14.62
CA THR F 476 25.95 -5.10 -13.67
C THR F 476 26.85 -6.19 -13.11
N GLU F 477 26.41 -6.78 -12.00
CA GLU F 477 27.14 -7.81 -11.25
C GLU F 477 28.66 -7.59 -11.32
N ASN F 478 29.11 -6.41 -10.91
CA ASN F 478 30.54 -6.13 -10.87
C ASN F 478 31.16 -6.44 -9.51
N GLY F 479 30.39 -6.98 -8.56
CA GLY F 479 30.88 -7.18 -7.22
C GLY F 479 30.79 -5.96 -6.34
N LYS F 480 30.04 -4.94 -6.75
CA LYS F 480 29.98 -3.69 -6.01
C LYS F 480 29.25 -3.82 -4.68
N GLU F 481 28.57 -4.95 -4.45
CA GLU F 481 27.64 -5.02 -3.32
C GLU F 481 28.32 -4.71 -2.01
N LYS F 482 29.30 -5.54 -1.61
CA LYS F 482 29.93 -5.39 -0.30
C LYS F 482 31.44 -5.57 -0.38
N GLU F 483 31.89 -6.52 -1.19
CA GLU F 483 33.30 -6.93 -1.16
C GLU F 483 34.22 -5.79 -1.57
N CYS F 484 33.74 -4.85 -2.39
CA CYS F 484 34.57 -3.78 -2.91
C CYS F 484 34.69 -2.64 -1.89
N ARG F 485 35.36 -2.96 -0.78
CA ARG F 485 35.60 -1.95 0.25
C ARG F 485 36.66 -0.96 -0.17
N LEU F 486 37.35 -1.22 -1.28
CA LEU F 486 38.49 -0.40 -1.69
C LEU F 486 38.06 0.66 -2.70
N SER F 487 36.84 1.18 -2.54
CA SER F 487 36.33 2.23 -3.40
C SER F 487 36.80 3.60 -2.91
N LYS F 488 37.92 3.61 -2.17
CA LYS F 488 38.37 4.83 -1.51
C LYS F 488 38.50 5.99 -2.49
N CYS F 489 39.20 5.78 -3.61
CA CYS F 489 39.45 6.84 -4.58
C CYS F 489 40.30 7.92 -3.93
N PRO F 490 40.82 8.90 -4.70
CA PRO F 490 41.71 9.90 -4.10
C PRO F 490 41.09 10.68 -2.96
N GLY F 491 39.77 10.59 -2.81
CA GLY F 491 39.09 11.25 -1.71
C GLY F 491 38.34 10.27 -0.82
N CYS F 512 38.53 15.03 -9.62
CA CYS F 512 39.30 13.92 -9.10
C CYS F 512 38.69 13.43 -7.79
N GLN F 513 38.44 14.38 -6.89
CA GLN F 513 37.73 14.10 -5.64
C GLN F 513 36.24 14.15 -5.91
N LEU F 514 35.41 14.26 -4.87
CA LEU F 514 33.97 14.06 -5.02
C LEU F 514 33.35 15.19 -5.81
N HIS F 515 33.70 15.30 -7.08
CA HIS F 515 33.03 16.21 -7.99
C HIS F 515 31.66 15.65 -8.35
N ASN F 516 30.64 16.50 -8.30
CA ASN F 516 29.26 16.04 -8.46
C ASN F 516 28.96 14.89 -7.51
N ASN F 517 29.43 15.02 -6.27
CA ASN F 517 29.32 14.00 -5.23
C ASN F 517 29.60 12.60 -5.77
N ARG F 518 30.50 12.50 -6.74
CA ARG F 518 30.83 11.23 -7.38
C ARG F 518 32.33 11.27 -7.69
N ARG F 519 33.12 10.53 -6.93
CA ARG F 519 34.56 10.47 -7.15
C ARG F 519 34.84 9.66 -8.41
N LEU F 520 35.29 10.35 -9.46
CA LEU F 520 35.57 9.68 -10.73
C LEU F 520 37.00 9.16 -10.74
N CYS F 521 37.25 8.09 -9.98
CA CYS F 521 38.60 7.60 -9.80
C CYS F 521 38.85 6.33 -10.60
N TRP F 522 39.95 6.34 -11.36
CA TRP F 522 40.50 5.14 -11.97
C TRP F 522 41.45 4.51 -10.97
N ASN F 523 41.28 3.20 -10.74
CA ASN F 523 41.97 2.53 -9.65
C ASN F 523 41.60 3.22 -8.35
N SER F 524 42.44 3.09 -7.33
CA SER F 524 42.23 3.79 -6.07
C SER F 524 42.92 5.15 -6.02
N LYS F 525 43.70 5.49 -7.04
CA LYS F 525 44.58 6.65 -6.98
C LYS F 525 44.42 7.58 -8.19
N LEU F 526 44.10 7.01 -9.34
CA LEU F 526 43.96 7.81 -10.54
C LEU F 526 42.51 8.24 -10.72
N CYS F 527 42.31 9.26 -11.57
CA CYS F 527 40.99 9.85 -11.73
C CYS F 527 40.85 10.42 -13.13
N GLN F 528 39.61 10.63 -13.55
CA GLN F 528 39.29 11.11 -14.88
C GLN F 528 39.56 12.61 -14.96
N THR F 529 40.21 13.05 -16.03
CA THR F 529 40.44 14.46 -16.26
C THR F 529 39.32 15.03 -17.13
N LYS F 530 38.54 15.94 -16.56
CA LYS F 530 37.44 16.54 -17.30
C LYS F 530 37.95 17.61 -18.25
N CYS F 531 37.10 17.99 -19.20
CA CYS F 531 37.40 19.05 -20.13
C CYS F 531 36.28 20.07 -20.13
N PRO F 532 36.58 21.35 -20.36
CA PRO F 532 35.50 22.34 -20.47
C PRO F 532 34.71 22.14 -21.75
N GLU F 533 33.50 22.69 -21.75
CA GLU F 533 32.59 22.49 -22.87
C GLU F 533 33.20 22.99 -24.17
N LYS F 534 34.06 24.01 -24.11
CA LYS F 534 34.70 24.53 -25.32
C LYS F 534 35.58 23.49 -25.99
N CYS F 535 36.13 22.54 -25.23
CA CYS F 535 36.97 21.49 -25.78
C CYS F 535 36.62 20.14 -25.17
N ARG F 536 35.32 19.85 -25.06
CA ARG F 536 34.88 18.64 -24.38
C ARG F 536 35.56 17.42 -24.99
N ASN F 537 36.03 16.53 -24.11
CA ASN F 537 36.70 15.29 -24.49
C ASN F 537 37.74 15.53 -25.58
N ASN F 538 38.34 16.72 -25.59
CA ASN F 538 39.43 17.04 -26.50
C ASN F 538 40.49 17.86 -25.77
N CYS F 539 40.72 17.53 -24.50
CA CYS F 539 41.63 18.26 -23.65
C CYS F 539 42.76 17.34 -23.18
N ILE F 540 43.97 17.91 -23.09
CA ILE F 540 45.13 17.15 -22.65
C ILE F 540 45.26 17.11 -21.14
N ASP F 541 44.62 18.03 -20.42
CA ASP F 541 44.58 17.98 -18.97
C ASP F 541 43.25 18.59 -18.52
N GLU F 542 43.16 18.93 -17.23
CA GLU F 542 41.91 19.39 -16.65
C GLU F 542 41.35 20.60 -17.38
N HIS F 543 42.23 21.50 -17.84
CA HIS F 543 41.76 22.74 -18.46
C HIS F 543 42.41 22.98 -19.81
N THR F 544 43.65 22.52 -19.99
CA THR F 544 44.37 22.73 -21.25
C THR F 544 43.56 22.15 -22.40
N CYS F 545 43.11 23.01 -23.30
CA CYS F 545 42.23 22.59 -24.38
C CYS F 545 43.02 22.33 -25.65
N CYS F 546 42.29 21.87 -26.68
CA CYS F 546 42.84 21.65 -28.00
C CYS F 546 41.84 22.12 -29.04
N SER F 547 42.34 22.46 -30.23
CA SER F 547 41.49 22.91 -31.30
C SER F 547 40.62 21.76 -31.81
N GLN F 548 39.54 22.13 -32.51
CA GLN F 548 38.60 21.13 -33.01
C GLN F 548 39.20 20.25 -34.10
N ASP F 549 40.37 20.59 -34.63
CA ASP F 549 40.98 19.76 -35.66
C ASP F 549 41.28 18.36 -35.15
N CYS F 550 41.70 18.24 -33.89
CA CYS F 550 42.07 16.96 -33.29
C CYS F 550 40.84 16.31 -32.67
N LEU F 551 41.00 15.03 -32.31
CA LEU F 551 40.00 14.31 -31.54
C LEU F 551 40.68 13.73 -30.30
N GLY F 552 40.14 14.08 -29.13
CA GLY F 552 40.71 13.66 -27.87
C GLY F 552 41.82 14.53 -27.34
N GLY F 553 42.11 15.65 -28.00
CA GLY F 553 43.16 16.55 -27.56
C GLY F 553 44.40 16.47 -28.42
N CYS F 554 45.44 17.16 -27.95
CA CYS F 554 46.71 17.22 -28.67
C CYS F 554 47.85 17.39 -27.67
N VAL F 555 49.05 17.04 -28.12
CA VAL F 555 50.26 17.19 -27.32
C VAL F 555 50.96 18.48 -27.70
N ILE F 556 51.49 19.18 -26.70
CA ILE F 556 52.22 20.42 -26.90
C ILE F 556 53.62 20.25 -26.34
N ASP F 557 54.60 20.80 -27.05
CA ASP F 557 56.00 20.67 -26.69
C ASP F 557 56.63 22.05 -26.59
N LYS F 558 57.89 22.08 -26.15
CA LYS F 558 58.62 23.33 -26.01
C LYS F 558 58.75 24.07 -27.34
N ASN F 559 58.72 23.36 -28.45
CA ASN F 559 58.86 23.98 -29.77
C ASN F 559 57.56 24.59 -30.26
N GLY F 560 56.46 24.42 -29.53
CA GLY F 560 55.18 24.90 -30.00
C GLY F 560 54.57 24.05 -31.09
N ASN F 561 55.14 22.88 -31.35
CA ASN F 561 54.66 21.99 -32.40
C ASN F 561 53.51 21.12 -31.88
N GLU F 562 52.37 21.76 -31.67
CA GLU F 562 51.19 21.04 -31.19
C GLU F 562 50.80 19.96 -32.19
N SER F 563 50.57 18.74 -31.68
CA SER F 563 50.26 17.60 -32.52
C SER F 563 49.02 16.89 -31.98
N CYS F 564 48.12 16.51 -32.88
CA CYS F 564 46.88 15.87 -32.46
C CYS F 564 47.14 14.47 -31.93
N ILE F 565 46.31 14.06 -30.97
CA ILE F 565 46.25 12.65 -30.59
C ILE F 565 45.80 11.82 -31.79
N SER F 566 44.79 12.31 -32.51
CA SER F 566 44.36 11.70 -33.76
C SER F 566 43.45 12.68 -34.49
N CYS F 567 43.58 12.71 -35.81
CA CYS F 567 42.82 13.64 -36.62
C CYS F 567 41.33 13.34 -36.50
N ARG F 568 40.53 14.40 -36.33
CA ARG F 568 39.10 14.21 -36.13
C ARG F 568 38.39 13.72 -37.39
N ASN F 569 38.67 14.36 -38.53
CA ASN F 569 37.95 14.01 -39.75
C ASN F 569 38.70 12.97 -40.56
N VAL F 570 39.90 13.31 -41.03
CA VAL F 570 40.75 12.41 -41.79
C VAL F 570 42.21 12.82 -41.58
N SER F 571 43.11 11.97 -42.06
CA SER F 571 44.54 12.22 -41.96
C SER F 571 45.22 11.81 -43.26
N PHE F 572 46.26 12.55 -43.62
CA PHE F 572 47.10 12.20 -44.75
C PHE F 572 48.52 12.65 -44.48
N ASN F 573 49.47 11.75 -44.66
CA ASN F 573 50.89 12.04 -44.42
C ASN F 573 51.09 12.59 -43.01
N ASN F 574 50.40 11.99 -42.05
CA ASN F 574 50.49 12.37 -40.64
C ASN F 574 49.98 13.79 -40.40
N ILE F 575 49.18 14.33 -41.31
CA ILE F 575 48.61 15.66 -41.19
C ILE F 575 47.10 15.55 -41.27
N CYS F 576 46.41 16.42 -40.53
CA CYS F 576 44.96 16.37 -40.44
C CYS F 576 44.32 17.35 -41.43
N MET F 577 43.19 16.93 -41.99
CA MET F 577 42.42 17.78 -42.90
C MET F 577 40.98 17.29 -42.87
N ASP F 578 40.08 18.15 -43.37
CA ASP F 578 38.68 17.78 -43.40
C ASP F 578 38.42 16.61 -44.35
N SER F 579 39.02 16.64 -45.53
CA SER F 579 38.79 15.62 -46.53
C SER F 579 40.11 15.28 -47.22
N CYS F 580 40.09 14.17 -47.95
CA CYS F 580 41.32 13.66 -48.55
C CYS F 580 41.70 14.46 -49.79
N PRO F 581 42.98 14.48 -50.14
CA PRO F 581 43.40 15.09 -51.40
C PRO F 581 42.92 14.26 -52.59
N LYS F 582 42.83 14.92 -53.74
CA LYS F 582 42.34 14.26 -54.93
C LYS F 582 43.24 13.08 -55.29
N GLY F 583 42.63 12.00 -55.77
CA GLY F 583 43.35 10.79 -56.09
C GLY F 583 43.48 9.81 -54.96
N TYR F 584 43.11 10.19 -53.74
CA TYR F 584 43.12 9.30 -52.59
C TYR F 584 41.69 9.01 -52.14
N TYR F 585 41.57 8.07 -51.22
CA TYR F 585 40.27 7.66 -50.69
C TYR F 585 40.34 7.58 -49.17
N GLN F 586 39.24 7.98 -48.55
CA GLN F 586 39.14 7.94 -47.09
C GLN F 586 38.89 6.52 -46.61
N PHE F 587 39.72 6.05 -45.68
CA PHE F 587 39.51 4.75 -45.04
C PHE F 587 39.54 4.93 -43.53
N ASP F 588 38.45 5.45 -42.98
CA ASP F 588 38.08 5.36 -41.57
C ASP F 588 39.01 6.10 -40.63
N SER F 589 40.24 6.39 -41.05
CA SER F 589 41.11 7.30 -40.30
C SER F 589 42.05 8.09 -41.19
N ARG F 590 42.27 7.69 -42.43
CA ARG F 590 43.38 8.20 -43.22
C ARG F 590 43.04 8.06 -44.71
N CYS F 591 43.86 8.71 -45.52
CA CYS F 591 43.66 8.74 -46.96
C CYS F 591 44.54 7.68 -47.62
N VAL F 592 43.95 6.90 -48.52
CA VAL F 592 44.62 5.78 -49.14
C VAL F 592 44.47 5.87 -50.65
N THR F 593 45.42 5.25 -51.36
CA THR F 593 45.36 5.18 -52.81
C THR F 593 44.40 4.07 -53.24
N ALA F 594 44.16 4.00 -54.55
CA ALA F 594 43.29 2.96 -55.08
C ALA F 594 43.86 1.58 -54.80
N ASN F 595 45.16 1.40 -55.01
CA ASN F 595 45.79 0.11 -54.74
C ASN F 595 45.71 -0.22 -53.26
N GLU F 596 45.97 0.77 -52.40
CA GLU F 596 45.89 0.54 -50.97
C GLU F 596 44.48 0.14 -50.56
N CYS F 597 43.48 0.80 -51.12
CA CYS F 597 42.10 0.41 -50.86
C CYS F 597 41.85 -1.02 -51.31
N ILE F 598 42.35 -1.39 -52.49
CA ILE F 598 42.16 -2.75 -52.99
C ILE F 598 42.76 -3.75 -52.02
N THR F 599 43.92 -3.44 -51.44
CA THR F 599 44.55 -4.35 -50.49
C THR F 599 43.83 -4.37 -49.15
N LEU F 600 43.21 -3.25 -48.77
CA LEU F 600 42.59 -3.16 -47.44
C LEU F 600 41.40 -4.10 -47.33
N THR F 601 41.10 -4.49 -46.08
CA THR F 601 40.03 -5.43 -45.82
C THR F 601 39.47 -5.17 -44.42
N LYS F 602 38.24 -5.64 -44.21
CA LYS F 602 37.60 -5.61 -42.89
C LYS F 602 36.70 -6.82 -42.74
N PHE F 603 36.66 -7.36 -41.53
CA PHE F 603 35.88 -8.56 -41.25
C PHE F 603 34.42 -8.21 -40.99
N GLU F 604 33.53 -9.09 -41.46
CA GLU F 604 32.09 -8.84 -41.38
C GLU F 604 31.35 -10.18 -41.31
N THR F 605 30.80 -10.49 -40.14
CA THR F 605 29.86 -11.59 -39.99
C THR F 605 30.34 -12.86 -40.69
N ASN F 606 31.43 -13.44 -40.21
CA ASN F 606 32.02 -14.64 -40.80
C ASN F 606 32.30 -14.43 -42.29
N SER F 607 32.85 -13.27 -42.60
CA SER F 607 33.28 -12.96 -43.96
C SER F 607 34.23 -11.79 -43.91
N VAL F 608 35.08 -11.70 -44.94
CA VAL F 608 36.05 -10.62 -45.07
C VAL F 608 35.82 -9.93 -46.40
N TYR F 609 35.61 -8.62 -46.35
CA TYR F 609 35.32 -7.82 -47.54
C TYR F 609 36.46 -6.85 -47.77
N SER F 610 36.98 -6.82 -49.00
CA SER F 610 38.00 -5.86 -49.37
C SER F 610 37.34 -4.56 -49.81
N GLY F 611 37.93 -3.44 -49.37
CA GLY F 611 37.36 -2.15 -49.68
C GLY F 611 37.42 -1.84 -51.16
N ILE F 612 36.44 -1.07 -51.61
CA ILE F 612 36.31 -0.66 -53.01
C ILE F 612 36.54 0.85 -53.07
N PRO F 613 37.50 1.33 -53.87
CA PRO F 613 37.69 2.78 -53.99
C PRO F 613 36.59 3.42 -54.82
N TYR F 614 35.67 4.12 -54.16
CA TYR F 614 34.50 4.67 -54.83
C TYR F 614 34.23 6.08 -54.33
N ASN F 615 34.11 7.02 -55.28
CA ASN F 615 33.68 8.38 -54.97
C ASN F 615 34.52 9.01 -53.86
N GLY F 616 35.83 8.78 -53.90
CA GLY F 616 36.72 9.36 -52.92
C GLY F 616 36.75 8.67 -51.58
N GLN F 617 36.05 7.55 -51.43
CA GLN F 617 36.08 6.78 -50.20
C GLN F 617 36.29 5.31 -50.53
N CYS F 618 36.96 4.61 -49.62
CA CYS F 618 37.18 3.17 -49.73
C CYS F 618 36.15 2.48 -48.85
N ILE F 619 35.18 1.82 -49.47
CA ILE F 619 34.05 1.24 -48.77
C ILE F 619 33.88 -0.21 -49.21
N THR F 620 33.47 -1.06 -48.28
CA THR F 620 33.31 -2.48 -48.56
C THR F 620 31.99 -2.82 -49.24
N HIS F 621 31.03 -1.89 -49.26
CA HIS F 621 29.75 -2.10 -49.91
C HIS F 621 29.43 -0.91 -50.80
N CYS F 622 28.94 -1.19 -52.00
CA CYS F 622 28.52 -0.12 -52.89
C CYS F 622 27.30 0.57 -52.32
N PRO F 623 27.10 1.85 -52.64
CA PRO F 623 25.94 2.57 -52.13
C PRO F 623 24.65 2.05 -52.77
N THR F 624 23.53 2.49 -52.19
CA THR F 624 22.23 2.10 -52.71
C THR F 624 22.11 2.48 -54.18
N GLY F 625 21.56 1.58 -54.97
CA GLY F 625 21.48 1.78 -56.40
C GLY F 625 22.76 1.44 -57.15
N TYR F 626 23.71 0.78 -56.49
CA TYR F 626 24.96 0.39 -57.12
C TYR F 626 25.26 -1.06 -56.79
N GLN F 627 26.05 -1.70 -57.66
CA GLN F 627 26.48 -3.07 -57.45
C GLN F 627 27.94 -3.21 -57.83
N LYS F 628 28.60 -4.16 -57.19
CA LYS F 628 30.02 -4.36 -57.41
C LYS F 628 30.28 -4.92 -58.81
N SER F 629 31.43 -4.57 -59.38
CA SER F 629 31.80 -5.08 -60.68
C SER F 629 32.15 -6.56 -60.59
N GLU F 630 32.19 -7.22 -61.75
CA GLU F 630 32.56 -8.63 -61.79
C GLU F 630 33.95 -8.85 -61.21
N ASN F 631 34.89 -7.95 -61.52
CA ASN F 631 36.21 -7.99 -60.91
C ASN F 631 36.23 -7.43 -59.50
N LYS F 632 35.12 -6.84 -59.05
CA LYS F 632 35.01 -6.29 -57.71
C LYS F 632 36.04 -5.18 -57.48
N ARG F 633 36.36 -4.42 -58.53
CA ARG F 633 37.27 -3.30 -58.41
C ARG F 633 36.56 -1.96 -58.34
N MET F 634 35.39 -1.84 -58.96
CA MET F 634 34.58 -0.64 -58.85
C MET F 634 33.13 -1.04 -58.66
N CYS F 635 32.28 -0.03 -58.50
CA CYS F 635 30.84 -0.20 -58.40
C CYS F 635 30.17 0.40 -59.63
N GLU F 636 29.00 -0.14 -59.98
CA GLU F 636 28.26 0.35 -61.12
C GLU F 636 26.80 0.57 -60.74
N PRO F 637 26.10 1.48 -61.43
CA PRO F 637 24.68 1.71 -61.10
C PRO F 637 23.87 0.44 -61.26
N CYS F 638 22.91 0.25 -60.37
CA CYS F 638 22.07 -0.93 -60.43
C CYS F 638 21.12 -0.84 -61.62
N PRO F 639 20.86 -1.96 -62.31
CA PRO F 639 19.85 -1.94 -63.38
C PRO F 639 18.50 -1.54 -62.83
N GLY F 640 17.78 -0.71 -63.58
CA GLY F 640 16.46 -0.26 -63.17
C GLY F 640 16.49 0.54 -61.88
N GLY F 641 17.68 0.99 -61.48
CA GLY F 641 17.79 1.77 -60.26
C GLY F 641 17.64 0.98 -58.98
N LYS F 642 17.63 -0.35 -59.06
CA LYS F 642 17.42 -1.17 -57.87
C LYS F 642 17.92 -2.57 -58.16
N CYS F 643 18.93 -3.02 -57.41
CA CYS F 643 19.38 -4.40 -57.48
C CYS F 643 18.48 -5.27 -56.62
N ASP F 644 17.73 -6.18 -57.25
CA ASP F 644 16.73 -6.99 -56.56
C ASP F 644 17.35 -8.17 -55.80
N LYS F 645 18.30 -7.91 -54.90
CA LYS F 645 18.85 -8.98 -54.09
C LYS F 645 17.79 -9.50 -53.13
N GLU F 646 17.84 -10.80 -52.85
CA GLU F 646 16.87 -11.45 -52.00
C GLU F 646 17.58 -12.35 -50.99
N CYS F 647 16.97 -12.47 -49.81
CA CYS F 647 17.54 -13.27 -48.73
C CYS F 647 16.43 -14.10 -48.10
N SER F 648 16.80 -15.25 -47.55
CA SER F 648 15.82 -16.11 -46.90
C SER F 648 15.38 -15.48 -45.59
N SER F 649 14.09 -15.52 -45.32
CA SER F 649 13.57 -14.99 -44.07
C SER F 649 14.10 -15.81 -42.90
N GLY F 650 14.31 -15.14 -41.78
CA GLY F 650 14.81 -15.81 -40.60
C GLY F 650 14.68 -14.92 -39.39
N LEU F 651 14.87 -15.53 -38.23
CA LEU F 651 14.72 -14.83 -36.97
C LEU F 651 15.79 -13.74 -36.84
N ILE F 652 15.47 -12.72 -36.06
CA ILE F 652 16.43 -11.68 -35.69
C ILE F 652 16.43 -11.60 -34.17
N ASP F 653 17.57 -11.92 -33.56
CA ASP F 653 17.66 -11.97 -32.11
C ASP F 653 18.28 -10.70 -31.52
N SER F 654 19.14 -10.02 -32.28
CA SER F 654 19.74 -8.79 -31.81
C SER F 654 20.21 -7.99 -33.01
N LEU F 655 20.65 -6.77 -32.75
CA LEU F 655 21.04 -5.88 -33.83
C LEU F 655 22.08 -6.53 -34.73
N GLU F 656 23.14 -7.09 -34.15
CA GLU F 656 24.22 -7.63 -34.95
C GLU F 656 23.72 -8.64 -35.97
N ARG F 657 22.70 -9.43 -35.64
CA ARG F 657 22.13 -10.32 -36.64
C ARG F 657 21.52 -9.53 -37.78
N ALA F 658 20.89 -8.39 -37.48
CA ALA F 658 20.18 -7.63 -38.51
C ALA F 658 21.12 -7.17 -39.61
N ARG F 659 22.40 -6.93 -39.28
CA ARG F 659 23.32 -6.43 -40.29
C ARG F 659 23.43 -7.38 -41.47
N GLU F 660 23.23 -8.67 -41.24
CA GLU F 660 23.33 -9.64 -42.33
C GLU F 660 22.32 -9.34 -43.44
N PHE F 661 21.21 -8.70 -43.12
CA PHE F 661 20.19 -8.39 -44.12
C PHE F 661 20.52 -7.11 -44.89
N HIS F 662 21.67 -6.51 -44.66
CA HIS F 662 22.01 -5.25 -45.31
C HIS F 662 21.95 -5.39 -46.82
N GLY F 663 21.35 -4.40 -47.47
CA GLY F 663 21.30 -4.37 -48.92
C GLY F 663 20.30 -5.32 -49.54
N CYS F 664 19.58 -6.10 -48.74
CA CYS F 664 18.63 -7.05 -49.29
C CYS F 664 17.31 -6.37 -49.60
N THR F 665 16.69 -6.77 -50.71
CA THR F 665 15.43 -6.18 -51.16
C THR F 665 14.23 -7.08 -50.93
N ILE F 666 14.34 -8.36 -51.23
CA ILE F 666 13.22 -9.29 -51.14
C ILE F 666 13.54 -10.33 -50.08
N ILE F 667 12.70 -10.40 -49.06
CA ILE F 667 12.79 -11.43 -48.03
C ILE F 667 11.75 -12.49 -48.36
N THR F 668 12.21 -13.71 -48.63
CA THR F 668 11.33 -14.77 -49.10
C THR F 668 11.52 -16.01 -48.25
N GLY F 669 10.55 -16.92 -48.35
CA GLY F 669 10.54 -18.15 -47.60
C GLY F 669 9.33 -18.25 -46.70
N THR F 670 8.90 -19.50 -46.47
CA THR F 670 7.74 -19.73 -45.64
C THR F 670 7.95 -19.25 -44.21
N GLU F 671 9.19 -19.12 -43.77
CA GLU F 671 9.45 -18.70 -42.41
C GLU F 671 9.11 -17.22 -42.25
N PRO F 672 8.41 -16.83 -41.19
CA PRO F 672 8.17 -15.40 -40.95
C PRO F 672 9.42 -14.69 -40.51
N LEU F 673 9.46 -13.38 -40.77
CA LEU F 673 10.61 -12.54 -40.43
C LEU F 673 10.53 -12.06 -38.98
N THR F 674 10.63 -13.01 -38.06
CA THR F 674 10.35 -12.77 -36.65
C THR F 674 11.39 -11.82 -36.07
N ILE F 675 10.97 -10.59 -35.77
CA ILE F 675 11.83 -9.66 -35.04
C ILE F 675 11.64 -9.88 -33.55
N SER F 676 12.73 -10.10 -32.83
CA SER F 676 12.66 -10.38 -31.41
C SER F 676 13.75 -9.64 -30.65
N ILE F 677 14.00 -8.38 -31.02
CA ILE F 677 15.07 -7.62 -30.39
C ILE F 677 14.76 -7.43 -28.92
N LYS F 678 15.81 -7.42 -28.08
CA LYS F 678 15.65 -7.23 -26.64
C LYS F 678 16.78 -6.31 -26.15
N ARG F 679 16.49 -5.02 -26.11
CA ARG F 679 17.42 -4.05 -25.57
C ARG F 679 16.98 -3.60 -24.18
N GLU F 680 17.72 -2.66 -23.63
CA GLU F 680 17.30 -1.90 -22.46
C GLU F 680 17.55 -0.43 -22.73
N SER F 681 16.48 0.33 -22.89
CA SER F 681 16.60 1.73 -23.31
C SER F 681 17.32 1.78 -24.65
N GLY F 682 16.71 1.20 -25.68
CA GLY F 682 17.35 1.09 -26.97
C GLY F 682 17.89 2.41 -27.48
N ALA F 683 19.21 2.50 -27.59
CA ALA F 683 19.85 3.73 -28.06
C ALA F 683 20.02 3.69 -29.58
N HIS F 684 20.77 2.72 -30.08
CA HIS F 684 21.06 2.65 -31.51
C HIS F 684 20.25 1.61 -32.23
N VAL F 685 19.18 1.10 -31.63
CA VAL F 685 18.37 0.08 -32.28
C VAL F 685 17.83 0.63 -33.60
N MET F 686 17.29 1.84 -33.57
CA MET F 686 16.69 2.42 -34.75
C MET F 686 17.69 2.48 -35.90
N ASP F 687 18.84 3.09 -35.66
CA ASP F 687 19.81 3.28 -36.74
C ASP F 687 20.35 1.97 -37.25
N GLU F 688 20.67 1.03 -36.36
CA GLU F 688 21.21 -0.25 -36.80
C GLU F 688 20.20 -1.01 -37.65
N LEU F 689 18.96 -1.11 -37.18
CA LEU F 689 17.95 -1.81 -37.97
C LEU F 689 17.72 -1.08 -39.29
N LYS F 690 17.87 0.24 -39.29
CA LYS F 690 17.75 0.98 -40.54
C LYS F 690 18.83 0.54 -41.52
N TYR F 691 20.07 0.50 -41.06
CA TYR F 691 21.16 0.04 -41.92
C TYR F 691 20.90 -1.39 -42.40
N GLY F 692 20.27 -2.20 -41.55
CA GLY F 692 20.10 -3.61 -41.88
C GLY F 692 18.89 -3.92 -42.72
N LEU F 693 17.94 -3.00 -42.80
CA LEU F 693 16.67 -3.29 -43.46
C LEU F 693 16.13 -2.15 -44.31
N ALA F 694 16.80 -1.00 -44.39
CA ALA F 694 16.25 0.10 -45.17
C ALA F 694 16.01 -0.28 -46.61
N ALA F 695 16.73 -1.28 -47.12
CA ALA F 695 16.61 -1.65 -48.52
C ALA F 695 15.34 -2.44 -48.83
N VAL F 696 14.88 -3.30 -47.92
CA VAL F 696 13.76 -4.18 -48.24
C VAL F 696 12.55 -3.34 -48.63
N HIS F 697 11.91 -3.73 -49.73
CA HIS F 697 10.70 -3.07 -50.19
C HIS F 697 9.50 -4.02 -50.29
N LYS F 698 9.73 -5.30 -50.55
CA LYS F 698 8.65 -6.27 -50.61
C LYS F 698 9.06 -7.53 -49.85
N ILE F 699 8.16 -8.01 -49.00
CA ILE F 699 8.38 -9.23 -48.24
C ILE F 699 7.42 -10.28 -48.78
N GLN F 700 7.97 -11.38 -49.28
CA GLN F 700 7.13 -12.49 -49.73
C GLN F 700 6.56 -13.27 -48.55
N SER F 701 7.27 -13.32 -47.44
CA SER F 701 6.79 -14.00 -46.24
C SER F 701 5.90 -13.05 -45.46
N SER F 702 5.58 -13.43 -44.22
CA SER F 702 4.76 -12.59 -43.34
C SER F 702 5.61 -12.08 -42.19
N LEU F 703 5.61 -10.77 -41.99
CA LEU F 703 6.35 -10.18 -40.90
C LEU F 703 5.76 -10.62 -39.56
N MET F 704 6.59 -10.58 -38.53
CA MET F 704 6.12 -10.85 -37.17
C MET F 704 7.10 -10.20 -36.21
N VAL F 705 6.57 -9.56 -35.18
CA VAL F 705 7.41 -8.87 -34.21
C VAL F 705 6.94 -9.26 -32.81
N HIS F 706 7.62 -10.24 -32.22
CA HIS F 706 7.15 -10.93 -31.03
C HIS F 706 8.09 -10.66 -29.87
N LEU F 707 7.54 -10.15 -28.77
CA LEU F 707 8.27 -10.02 -27.52
C LEU F 707 9.55 -9.20 -27.68
N THR F 708 9.42 -7.90 -27.95
CA THR F 708 10.57 -7.04 -28.11
C THR F 708 10.57 -5.95 -27.05
N TYR F 709 11.76 -5.56 -26.60
CA TYR F 709 11.95 -4.48 -25.65
C TYR F 709 12.76 -3.38 -26.31
N GLY F 710 12.29 -2.14 -26.19
CA GLY F 710 13.01 -1.03 -26.75
C GLY F 710 12.84 -0.84 -28.22
N LEU F 711 11.94 -1.58 -28.87
CA LEU F 711 11.64 -1.40 -30.28
C LEU F 711 10.54 -0.35 -30.39
N LYS F 712 10.94 0.90 -30.61
CA LYS F 712 9.99 2.00 -30.54
C LYS F 712 8.93 1.89 -31.63
N SER F 713 9.33 1.56 -32.85
CA SER F 713 8.39 1.55 -33.96
C SER F 713 8.93 0.64 -35.06
N LEU F 714 8.12 0.47 -36.10
CA LEU F 714 8.54 -0.20 -37.31
C LEU F 714 8.96 0.78 -38.40
N LYS F 715 9.32 2.01 -38.03
CA LYS F 715 9.68 3.01 -39.02
C LYS F 715 10.92 2.64 -39.82
N PHE F 716 11.75 1.73 -39.32
CA PHE F 716 12.99 1.43 -40.02
C PHE F 716 12.76 0.64 -41.30
N PHE F 717 11.55 0.13 -41.53
CA PHE F 717 11.24 -0.50 -42.81
C PHE F 717 11.01 0.60 -43.85
N GLN F 718 12.05 1.40 -44.12
CA GLN F 718 11.87 2.60 -44.92
C GLN F 718 11.23 2.30 -46.27
N SER F 719 11.82 1.36 -47.01
CA SER F 719 11.41 1.10 -48.39
C SER F 719 10.26 0.11 -48.49
N LEU F 720 9.78 -0.43 -47.37
CA LEU F 720 8.73 -1.44 -47.45
C LEU F 720 7.50 -0.88 -48.14
N THR F 721 6.90 -1.70 -49.01
CA THR F 721 5.70 -1.31 -49.74
C THR F 721 4.60 -2.36 -49.74
N GLU F 722 4.92 -3.63 -49.52
CA GLU F 722 3.91 -4.68 -49.66
C GLU F 722 4.34 -5.91 -48.89
N ILE F 723 3.52 -6.35 -47.94
CA ILE F 723 3.74 -7.60 -47.23
C ILE F 723 2.91 -8.66 -47.95
N SER F 724 3.52 -9.33 -48.93
CA SER F 724 2.78 -10.31 -49.71
C SER F 724 2.07 -11.31 -48.81
N GLY F 725 2.76 -11.75 -47.76
CA GLY F 725 2.15 -12.71 -46.84
C GLY F 725 1.63 -13.93 -47.56
N ASP F 726 2.32 -14.35 -48.62
CA ASP F 726 1.79 -15.44 -49.44
C ASP F 726 1.67 -16.74 -48.67
N PRO F 727 2.67 -17.22 -47.95
CA PRO F 727 2.45 -18.22 -46.91
C PRO F 727 2.29 -17.57 -45.54
N PRO F 728 1.11 -17.03 -45.21
CA PRO F 728 0.96 -16.42 -43.88
C PRO F 728 1.22 -17.44 -42.78
N MET F 729 1.71 -16.93 -41.66
CA MET F 729 2.06 -17.80 -40.54
C MET F 729 0.82 -18.23 -39.78
N ASP F 730 1.00 -19.20 -38.88
CA ASP F 730 -0.09 -19.73 -38.06
C ASP F 730 -1.22 -20.27 -38.93
N ALA F 731 -0.94 -21.33 -39.68
CA ALA F 731 -1.95 -21.96 -40.53
C ALA F 731 -2.55 -20.95 -41.50
N ASP F 732 -1.68 -20.11 -42.07
CA ASP F 732 -2.07 -19.09 -43.04
C ASP F 732 -3.05 -18.08 -42.47
N LYS F 733 -3.19 -18.03 -41.14
CA LYS F 733 -4.19 -17.16 -40.55
C LYS F 733 -3.82 -15.70 -40.68
N TYR F 734 -2.57 -15.36 -40.36
CA TYR F 734 -2.20 -13.97 -40.14
C TYR F 734 -0.99 -13.62 -40.99
N ALA F 735 -0.95 -12.37 -41.47
CA ALA F 735 0.16 -11.87 -42.27
C ALA F 735 0.95 -10.77 -41.58
N LEU F 736 0.48 -10.27 -40.44
CA LEU F 736 1.23 -9.29 -39.66
C LEU F 736 0.93 -9.59 -38.19
N TYR F 737 1.88 -10.23 -37.53
CA TYR F 737 1.70 -10.74 -36.18
C TYR F 737 2.51 -9.89 -35.22
N VAL F 738 1.86 -9.28 -34.24
CA VAL F 738 2.50 -8.42 -33.26
C VAL F 738 2.12 -8.93 -31.88
N LEU F 739 3.03 -8.83 -30.93
CA LEU F 739 2.77 -9.40 -29.61
C LEU F 739 3.81 -8.94 -28.60
N ASP F 740 3.36 -8.76 -27.36
CA ASP F 740 4.19 -8.57 -26.17
C ASP F 740 5.33 -7.59 -26.38
N ASN F 741 5.15 -6.58 -27.22
CA ASN F 741 6.20 -5.60 -27.48
C ASN F 741 6.12 -4.50 -26.41
N ARG F 742 6.90 -4.70 -25.36
CA ARG F 742 6.73 -3.91 -24.14
C ARG F 742 6.91 -2.42 -24.37
N ASP F 743 7.58 -2.02 -25.45
CA ASP F 743 7.82 -0.60 -25.68
C ASP F 743 7.43 -0.15 -27.09
N LEU F 744 6.81 -1.01 -27.88
CA LEU F 744 6.35 -0.59 -29.19
C LEU F 744 5.21 0.41 -29.03
N ASP F 745 5.22 1.47 -29.84
CA ASP F 745 4.18 2.50 -29.72
C ASP F 745 3.56 2.94 -31.04
N GLU F 746 4.23 2.79 -32.17
CA GLU F 746 3.69 3.27 -33.43
C GLU F 746 4.13 2.36 -34.57
N LEU F 747 3.25 2.20 -35.55
CA LEU F 747 3.53 1.41 -36.74
C LEU F 747 4.10 2.30 -37.84
N TRP F 748 4.09 1.82 -39.08
CA TRP F 748 4.81 2.44 -40.18
C TRP F 748 4.75 3.96 -40.08
N GLY F 749 5.88 4.59 -40.42
CA GLY F 749 6.05 6.01 -40.18
C GLY F 749 5.02 6.89 -40.86
N PRO F 750 5.15 8.20 -40.66
CA PRO F 750 4.13 9.12 -41.17
C PRO F 750 4.00 9.04 -42.69
N ASN F 751 2.76 9.16 -43.16
CA ASN F 751 2.46 9.16 -44.60
C ASN F 751 3.00 7.92 -45.29
N GLN F 752 3.26 6.85 -44.54
CA GLN F 752 3.75 5.62 -45.13
C GLN F 752 2.59 4.68 -45.42
N THR F 753 2.67 3.98 -46.54
CA THR F 753 1.62 3.07 -46.98
C THR F 753 2.22 1.76 -47.43
N VAL F 754 1.62 0.66 -47.01
CA VAL F 754 2.06 -0.68 -47.40
C VAL F 754 0.84 -1.52 -47.70
N PHE F 755 0.89 -2.25 -48.81
CA PHE F 755 -0.20 -3.14 -49.17
C PHE F 755 -0.10 -4.45 -48.39
N ILE F 756 -1.22 -5.16 -48.31
CA ILE F 756 -1.26 -6.46 -47.67
C ILE F 756 -2.21 -7.34 -48.48
N ARG F 757 -1.70 -8.46 -48.99
CA ARG F 757 -2.47 -9.24 -49.95
C ARG F 757 -3.24 -10.40 -49.32
N LYS F 758 -2.95 -10.76 -48.08
CA LYS F 758 -3.55 -11.96 -47.50
C LYS F 758 -3.56 -11.86 -45.98
N GLY F 759 -4.24 -12.80 -45.36
CA GLY F 759 -4.16 -13.00 -43.93
C GLY F 759 -4.69 -11.80 -43.15
N GLY F 760 -4.80 -12.01 -41.83
CA GLY F 760 -5.27 -10.98 -40.95
C GLY F 760 -4.20 -10.46 -40.02
N VAL F 761 -4.38 -9.22 -39.58
CA VAL F 761 -3.46 -8.59 -38.63
C VAL F 761 -3.71 -9.21 -37.27
N PHE F 762 -2.81 -8.92 -36.32
CA PHE F 762 -2.91 -9.49 -34.98
C PHE F 762 -2.17 -8.55 -34.04
N PHE F 763 -2.74 -8.29 -32.87
CA PHE F 763 -2.13 -7.34 -31.94
C PHE F 763 -2.59 -7.68 -30.54
N HIS F 764 -1.66 -7.71 -29.59
CA HIS F 764 -1.99 -7.98 -28.21
C HIS F 764 -0.86 -7.55 -27.30
N PHE F 765 -1.23 -7.16 -26.08
CA PHE F 765 -0.27 -6.94 -25.01
C PHE F 765 0.73 -5.83 -25.31
N ASN F 766 0.48 -5.06 -26.34
CA ASN F 766 1.34 -3.91 -26.62
C ASN F 766 0.92 -2.76 -25.74
N PRO F 767 1.70 -2.36 -24.75
CA PRO F 767 1.21 -1.33 -23.81
C PRO F 767 1.00 0.02 -24.46
N LYS F 768 1.98 0.53 -25.20
CA LYS F 768 1.88 1.88 -25.72
C LYS F 768 1.13 1.97 -27.04
N LEU F 769 0.88 0.84 -27.69
CA LEU F 769 0.21 0.85 -28.99
C LEU F 769 -1.27 1.14 -28.79
N CYS F 770 -1.70 2.36 -29.10
CA CYS F 770 -3.09 2.70 -29.00
C CYS F 770 -3.90 2.06 -30.12
N VAL F 771 -5.18 1.78 -29.83
CA VAL F 771 -6.04 1.13 -30.81
C VAL F 771 -6.20 2.00 -32.05
N SER F 772 -6.25 3.32 -31.87
CA SER F 772 -6.42 4.21 -33.01
C SER F 772 -5.28 4.03 -34.01
N THR F 773 -4.05 3.94 -33.52
CA THR F 773 -2.92 3.76 -34.42
C THR F 773 -3.02 2.44 -35.17
N ILE F 774 -3.55 1.39 -34.52
CA ILE F 774 -3.76 0.13 -35.22
C ILE F 774 -4.77 0.30 -36.34
N ASN F 775 -5.88 0.99 -36.05
CA ASN F 775 -6.97 1.08 -37.01
C ASN F 775 -6.57 1.82 -38.29
N GLN F 776 -5.46 2.55 -38.26
CA GLN F 776 -4.99 3.19 -39.48
C GLN F 776 -4.60 2.18 -40.55
N LEU F 777 -4.42 0.91 -40.19
CA LEU F 777 -4.18 -0.14 -41.17
C LEU F 777 -5.46 -0.63 -41.84
N LEU F 778 -6.63 -0.23 -41.35
CA LEU F 778 -7.88 -0.68 -41.93
C LEU F 778 -7.95 -0.47 -43.43
N PRO F 779 -7.56 0.68 -43.98
CA PRO F 779 -7.57 0.84 -45.44
C PRO F 779 -6.43 0.12 -46.15
N MET F 780 -5.50 -0.50 -45.41
CA MET F 780 -4.36 -1.13 -46.05
C MET F 780 -4.69 -2.51 -46.59
N LEU F 781 -5.44 -3.31 -45.83
CA LEU F 781 -5.63 -4.71 -46.17
C LEU F 781 -6.33 -4.84 -47.52
N ALA F 782 -6.06 -5.94 -48.20
CA ALA F 782 -6.74 -6.21 -49.47
C ALA F 782 -8.23 -6.43 -49.26
N SER F 783 -8.61 -7.06 -48.14
CA SER F 783 -10.02 -7.27 -47.84
C SER F 783 -10.72 -6.00 -47.36
N LYS F 784 -9.96 -4.94 -47.08
CA LYS F 784 -10.48 -3.65 -46.64
C LYS F 784 -11.54 -3.82 -45.55
N PRO F 785 -11.21 -4.46 -44.43
CA PRO F 785 -12.18 -4.57 -43.35
C PRO F 785 -12.56 -3.20 -42.81
N LYS F 786 -13.84 -3.06 -42.45
CA LYS F 786 -14.28 -1.83 -41.84
C LYS F 786 -13.78 -1.69 -40.40
N PHE F 787 -13.57 -2.81 -39.73
CA PHE F 787 -13.06 -2.80 -38.36
C PHE F 787 -12.44 -4.16 -38.08
N PHE F 788 -11.61 -4.20 -37.05
CA PHE F 788 -10.95 -5.44 -36.64
C PHE F 788 -11.74 -6.10 -35.53
N GLU F 789 -11.97 -7.40 -35.69
CA GLU F 789 -12.77 -8.14 -34.72
C GLU F 789 -12.03 -8.31 -33.40
N LYS F 790 -12.79 -8.49 -32.33
CA LYS F 790 -12.20 -8.60 -31.00
C LYS F 790 -11.24 -9.78 -30.90
N SER F 791 -11.38 -10.78 -31.77
CA SER F 791 -10.48 -11.93 -31.71
C SER F 791 -9.10 -11.62 -32.25
N ASP F 792 -8.99 -10.66 -33.17
CA ASP F 792 -7.69 -10.32 -33.75
C ASP F 792 -6.99 -9.20 -32.99
N VAL F 793 -7.70 -8.13 -32.67
CA VAL F 793 -7.11 -6.96 -32.04
C VAL F 793 -7.58 -6.94 -30.59
N GLY F 794 -6.63 -6.93 -29.67
CA GLY F 794 -6.93 -6.94 -28.25
C GLY F 794 -7.27 -5.57 -27.71
N ALA F 795 -8.49 -5.10 -27.98
CA ALA F 795 -8.85 -3.72 -27.70
C ALA F 795 -8.64 -3.35 -26.24
N ASP F 796 -8.67 -4.32 -25.32
CA ASP F 796 -8.41 -4.01 -23.93
C ASP F 796 -6.92 -3.92 -23.63
N SER F 797 -6.14 -4.90 -24.09
CA SER F 797 -4.72 -4.95 -23.74
C SER F 797 -3.95 -3.85 -24.46
N ASN F 798 -4.15 -3.70 -25.76
CA ASN F 798 -3.37 -2.76 -26.55
C ASN F 798 -3.60 -1.34 -26.05
N GLY F 799 -2.52 -0.58 -25.91
CA GLY F 799 -2.62 0.83 -25.62
C GLY F 799 -3.05 1.19 -24.22
N ASN F 800 -3.12 0.22 -23.31
CA ASN F 800 -3.57 0.52 -21.95
C ASN F 800 -2.73 1.57 -21.28
N ARG F 801 -1.44 1.67 -21.63
CA ARG F 801 -0.54 2.62 -20.99
C ARG F 801 -0.43 3.94 -21.74
N GLY F 802 -1.05 4.06 -22.91
CA GLY F 802 -0.92 5.26 -23.72
C GLY F 802 -2.07 6.23 -23.50
N SER F 803 -1.71 7.50 -23.30
CA SER F 803 -2.70 8.55 -23.15
C SER F 803 -3.25 8.94 -24.52
N CYS F 804 -3.90 8.00 -25.20
CA CYS F 804 -4.33 8.20 -26.57
C CYS F 804 -5.81 8.53 -26.67
N GLY F 805 -6.67 7.66 -26.14
CA GLY F 805 -8.10 7.81 -26.29
C GLY F 805 -8.79 8.62 -25.24
N THR F 806 -8.05 9.41 -24.45
CA THR F 806 -8.62 10.15 -23.32
C THR F 806 -9.37 11.36 -23.83
N ALA F 807 -10.68 11.21 -23.99
CA ALA F 807 -11.53 12.35 -24.28
C ALA F 807 -11.50 13.32 -23.11
N VAL F 808 -11.45 14.61 -23.41
CA VAL F 808 -11.17 15.64 -22.41
C VAL F 808 -12.48 16.12 -21.79
N LEU F 809 -12.37 16.57 -20.54
CA LEU F 809 -13.50 17.12 -19.80
C LEU F 809 -13.20 18.55 -19.39
N ASN F 810 -14.20 19.42 -19.50
CA ASN F 810 -14.08 20.81 -19.07
C ASN F 810 -14.44 20.90 -17.59
N VAL F 811 -13.55 20.36 -16.76
CA VAL F 811 -13.75 20.43 -15.32
C VAL F 811 -13.63 21.89 -14.87
N THR F 812 -14.61 22.33 -14.09
CA THR F 812 -14.65 23.71 -13.61
C THR F 812 -14.67 23.70 -12.09
N LEU F 813 -13.77 24.47 -11.49
CA LEU F 813 -13.72 24.61 -10.04
C LEU F 813 -14.74 25.66 -9.62
N GLN F 814 -15.77 25.23 -8.89
CA GLN F 814 -16.90 26.10 -8.61
C GLN F 814 -16.65 27.05 -7.44
N SER F 815 -16.34 26.53 -6.26
CA SER F 815 -16.12 27.37 -5.10
C SER F 815 -15.11 26.69 -4.19
N VAL F 816 -14.47 27.51 -3.35
CA VAL F 816 -13.43 27.05 -2.44
C VAL F 816 -13.69 27.64 -1.07
N GLY F 817 -13.09 27.02 -0.06
CA GLY F 817 -13.29 27.46 1.31
C GLY F 817 -12.07 27.26 2.18
N ALA F 818 -12.27 27.34 3.49
CA ALA F 818 -11.17 27.09 4.42
C ALA F 818 -10.70 25.63 4.34
N ASN F 819 -11.64 24.70 4.32
CA ASN F 819 -11.34 23.28 4.30
C ASN F 819 -12.12 22.53 3.23
N SER F 820 -12.92 23.23 2.41
CA SER F 820 -13.82 22.59 1.48
C SER F 820 -13.73 23.28 0.13
N ALA F 821 -14.05 22.51 -0.92
CA ALA F 821 -14.10 23.03 -2.27
C ALA F 821 -15.05 22.16 -3.07
N MET F 822 -15.75 22.78 -4.02
CA MET F 822 -16.74 22.10 -4.83
C MET F 822 -16.26 22.04 -6.27
N LEU F 823 -16.40 20.85 -6.87
CA LEU F 823 -16.02 20.62 -8.26
C LEU F 823 -17.27 20.38 -9.09
N ASN F 824 -17.27 20.89 -10.30
CA ASN F 824 -18.41 20.79 -11.21
C ASN F 824 -17.89 20.52 -12.61
N VAL F 825 -18.38 19.45 -13.22
CA VAL F 825 -17.92 19.00 -14.53
C VAL F 825 -18.87 19.60 -15.57
N THR F 826 -18.32 20.36 -16.51
CA THR F 826 -19.15 21.10 -17.45
C THR F 826 -19.69 20.21 -18.56
N THR F 827 -18.90 19.27 -19.06
CA THR F 827 -19.30 18.49 -20.22
C THR F 827 -20.62 17.80 -19.95
N LYS F 828 -21.58 17.96 -20.85
CA LYS F 828 -22.90 17.38 -20.72
C LYS F 828 -22.91 16.07 -21.49
N VAL F 829 -23.15 14.96 -20.78
CA VAL F 829 -22.95 13.65 -21.36
C VAL F 829 -24.21 13.20 -22.09
N GLU F 830 -24.02 12.72 -23.31
CA GLU F 830 -25.14 12.12 -24.05
C GLU F 830 -25.44 10.74 -23.49
N ILE F 831 -26.71 10.47 -23.25
CA ILE F 831 -27.17 9.19 -22.73
C ILE F 831 -28.35 8.72 -23.57
N GLY F 832 -28.14 7.67 -24.35
CA GLY F 832 -29.21 7.12 -25.16
C GLY F 832 -29.30 7.76 -26.53
N GLU F 833 -30.22 8.71 -26.68
CA GLU F 833 -30.43 9.34 -27.97
C GLU F 833 -29.16 10.05 -28.43
N PRO F 834 -28.80 9.97 -29.71
CA PRO F 834 -27.60 10.67 -30.19
C PRO F 834 -27.64 12.17 -29.96
N GLN F 835 -28.82 12.80 -30.08
CA GLN F 835 -28.99 14.20 -29.68
C GLN F 835 -28.06 15.14 -30.44
N LYS F 836 -28.11 15.10 -31.77
CA LYS F 836 -27.33 16.02 -32.59
C LYS F 836 -25.87 15.97 -32.19
N PRO F 837 -25.14 14.91 -32.57
CA PRO F 837 -23.75 14.76 -32.10
C PRO F 837 -22.85 15.90 -32.55
N SER F 838 -21.58 15.83 -32.15
CA SER F 838 -20.59 16.88 -32.38
C SER F 838 -20.80 18.07 -31.47
N ASN F 839 -21.46 17.87 -30.33
CA ASN F 839 -21.72 18.90 -29.35
C ASN F 839 -20.81 18.81 -28.14
N ALA F 840 -19.53 18.44 -28.32
CA ALA F 840 -18.69 18.09 -27.19
C ALA F 840 -19.40 16.99 -26.41
N THR F 841 -19.57 15.84 -27.06
CA THR F 841 -20.63 14.91 -26.66
C THR F 841 -20.30 14.10 -25.42
N ILE F 842 -19.30 13.23 -25.49
CA ILE F 842 -19.15 12.17 -24.48
C ILE F 842 -20.49 11.46 -24.35
N VAL F 843 -20.54 10.18 -24.73
CA VAL F 843 -21.81 9.50 -24.93
C VAL F 843 -21.81 8.18 -24.15
N PHE F 844 -23.01 7.75 -23.76
CA PHE F 844 -23.23 6.41 -23.25
C PHE F 844 -24.54 5.90 -23.82
N LYS F 845 -24.50 4.74 -24.47
CA LYS F 845 -25.68 4.23 -25.14
C LYS F 845 -26.69 3.60 -24.19
N ASP F 846 -26.37 3.49 -22.90
CA ASP F 846 -27.33 2.96 -21.95
C ASP F 846 -27.15 3.66 -20.61
N PRO F 847 -28.20 4.29 -20.07
CA PRO F 847 -28.02 5.08 -18.85
C PRO F 847 -27.38 4.30 -17.72
N ARG F 848 -27.74 3.03 -17.55
CA ARG F 848 -27.19 2.24 -16.47
C ARG F 848 -25.69 2.02 -16.62
N ALA F 849 -25.19 1.90 -17.85
CA ALA F 849 -23.78 1.59 -18.04
C ALA F 849 -22.88 2.63 -17.38
N PHE F 850 -23.37 3.85 -17.23
CA PHE F 850 -22.58 4.93 -16.67
C PHE F 850 -22.69 4.90 -15.15
N ILE F 851 -21.66 4.39 -14.48
CA ILE F 851 -21.71 4.30 -13.03
C ILE F 851 -21.63 5.69 -12.41
N GLY F 852 -20.74 6.54 -12.90
CA GLY F 852 -20.61 7.87 -12.37
C GLY F 852 -19.19 8.37 -12.47
N PHE F 853 -19.04 9.67 -12.27
CA PHE F 853 -17.73 10.30 -12.32
C PHE F 853 -16.92 9.93 -11.07
N VAL F 854 -15.60 10.02 -11.21
CA VAL F 854 -14.67 9.72 -10.14
C VAL F 854 -13.71 10.88 -10.01
N PHE F 855 -13.60 11.44 -8.81
CA PHE F 855 -12.73 12.58 -8.54
C PHE F 855 -11.54 12.11 -7.72
N TYR F 856 -10.34 12.33 -8.26
CA TYR F 856 -9.13 12.14 -7.49
C TYR F 856 -8.64 13.49 -6.99
N HIS F 857 -7.90 13.47 -5.88
CA HIS F 857 -7.22 14.66 -5.43
C HIS F 857 -6.09 14.27 -4.49
N MET F 858 -5.14 15.18 -4.32
CA MET F 858 -3.93 14.93 -3.56
C MET F 858 -3.18 16.23 -3.38
N ILE F 859 -2.46 16.33 -2.26
CA ILE F 859 -1.73 17.54 -1.92
C ILE F 859 -0.47 17.62 -2.78
N ASP F 860 -0.29 18.76 -3.45
CA ASP F 860 0.87 18.97 -4.33
C ASP F 860 1.17 20.46 -4.37
N PRO F 861 2.16 20.92 -3.59
CA PRO F 861 2.56 22.32 -3.69
C PRO F 861 3.09 22.70 -5.06
N TYR F 862 3.57 21.73 -5.83
CA TYR F 862 4.18 22.00 -7.13
C TYR F 862 3.22 21.75 -8.29
N GLY F 863 2.10 21.08 -8.05
CA GLY F 863 1.14 20.82 -9.10
C GLY F 863 1.69 20.02 -10.26
N ASN F 864 2.53 19.03 -9.99
CA ASN F 864 3.11 18.21 -11.05
C ASN F 864 2.92 16.71 -10.82
N SER F 865 2.00 16.31 -9.94
CA SER F 865 1.74 14.89 -9.76
C SER F 865 1.20 14.29 -11.05
N THR F 866 1.73 13.14 -11.43
CA THR F 866 1.26 12.47 -12.64
C THR F 866 0.02 11.63 -12.32
N LYS F 867 -0.72 11.29 -13.36
CA LYS F 867 -1.91 10.47 -13.16
C LYS F 867 -1.51 9.08 -12.67
N SER F 868 -2.44 8.47 -11.92
CA SER F 868 -2.18 7.17 -11.32
C SER F 868 -1.99 6.09 -12.38
N SER F 869 -1.05 5.20 -12.11
CA SER F 869 -0.76 4.10 -13.04
C SER F 869 -1.97 3.20 -13.19
N PRO F 872 -0.54 -0.60 -10.10
CA PRO F 872 -1.86 -0.06 -9.77
C PRO F 872 -2.02 0.22 -8.27
N CYS F 873 -0.94 0.04 -7.52
CA CYS F 873 -0.95 0.22 -6.07
C CYS F 873 -0.59 1.64 -5.65
N ASP F 874 -0.35 2.53 -6.59
CA ASP F 874 -0.03 3.91 -6.25
C ASP F 874 -1.12 4.50 -5.37
N ASP F 875 -0.69 5.11 -4.26
CA ASP F 875 -1.63 5.61 -3.26
C ASP F 875 -1.52 7.11 -3.04
N ARG F 876 -0.82 7.83 -3.91
CA ARG F 876 -0.75 9.28 -3.78
C ARG F 876 -2.15 9.88 -3.84
N TRP F 877 -2.96 9.41 -4.78
CA TRP F 877 -4.28 10.00 -5.00
C TRP F 877 -5.29 9.40 -4.03
N LYS F 878 -6.07 10.28 -3.39
CA LYS F 878 -7.27 9.86 -2.69
C LYS F 878 -8.48 10.09 -3.58
N VAL F 879 -9.38 9.10 -3.60
CA VAL F 879 -10.45 9.06 -4.58
C VAL F 879 -11.78 8.96 -3.86
N SER F 880 -12.75 9.78 -4.27
CA SER F 880 -14.09 9.70 -3.73
C SER F 880 -14.90 8.67 -4.49
N SER F 881 -16.06 8.32 -3.93
CA SER F 881 -16.89 7.30 -4.53
C SER F 881 -17.50 7.81 -5.84
N PRO F 882 -17.89 6.91 -6.73
CA PRO F 882 -18.51 7.36 -8.00
C PRO F 882 -19.72 8.23 -7.75
N GLU F 883 -19.90 9.23 -8.61
CA GLU F 883 -21.00 10.17 -8.50
C GLU F 883 -21.58 10.40 -9.88
N LYS F 884 -22.90 10.54 -9.96
CA LYS F 884 -23.59 10.65 -11.24
C LYS F 884 -24.08 12.06 -11.56
N SER F 885 -24.45 12.86 -10.55
CA SER F 885 -24.91 14.21 -10.82
C SER F 885 -23.85 15.06 -11.49
N GLY F 886 -22.58 14.81 -11.20
CA GLY F 886 -21.50 15.55 -11.82
C GLY F 886 -20.87 16.60 -10.94
N VAL F 887 -21.23 16.66 -9.65
CA VAL F 887 -20.64 17.62 -8.73
C VAL F 887 -20.21 16.87 -7.47
N MET F 888 -19.03 17.20 -6.97
CA MET F 888 -18.48 16.60 -5.77
C MET F 888 -17.97 17.71 -4.87
N VAL F 889 -17.99 17.47 -3.56
CA VAL F 889 -17.59 18.47 -2.57
C VAL F 889 -16.38 17.93 -1.82
N LEU F 890 -15.20 18.33 -2.24
CA LEU F 890 -14.00 18.03 -1.48
C LEU F 890 -14.16 18.62 -0.07
N SER F 891 -13.77 17.84 0.93
CA SER F 891 -13.94 18.25 2.32
C SER F 891 -12.66 18.00 3.09
N ASN F 892 -12.63 18.51 4.32
CA ASN F 892 -11.53 18.33 5.26
C ASN F 892 -10.17 18.64 4.65
N LEU F 893 -10.11 19.59 3.74
CA LEU F 893 -8.82 20.01 3.20
C LEU F 893 -8.02 20.77 4.24
N ILE F 894 -6.70 20.76 4.07
CA ILE F 894 -5.85 21.61 4.92
C ILE F 894 -5.88 23.03 4.38
N PRO F 895 -6.25 24.03 5.18
CA PRO F 895 -6.42 25.38 4.63
C PRO F 895 -5.14 25.89 3.99
N TYR F 896 -5.31 26.71 2.97
CA TYR F 896 -4.19 27.26 2.22
C TYR F 896 -3.18 26.19 1.86
N THR F 897 -3.68 25.06 1.34
CA THR F 897 -2.82 24.01 0.82
C THR F 897 -3.22 23.74 -0.62
N ASN F 898 -2.22 23.66 -1.50
CA ASN F 898 -2.49 23.42 -2.90
C ASN F 898 -2.86 21.96 -3.12
N TYR F 899 -3.92 21.75 -3.88
CA TYR F 899 -4.44 20.41 -4.15
C TYR F 899 -4.52 20.20 -5.65
N SER F 900 -4.02 19.07 -6.11
CA SER F 900 -4.23 18.66 -7.48
C SER F 900 -5.40 17.68 -7.54
N TYR F 901 -6.17 17.76 -8.62
CA TYR F 901 -7.37 16.96 -8.79
C TYR F 901 -7.56 16.71 -10.27
N TYR F 902 -8.29 15.63 -10.59
CA TYR F 902 -8.62 15.36 -11.97
C TYR F 902 -9.75 14.35 -12.02
N VAL F 903 -10.58 14.46 -13.05
CA VAL F 903 -11.85 13.75 -13.13
C VAL F 903 -11.74 12.64 -14.17
N ARG F 904 -12.26 11.47 -13.83
CA ARG F 904 -12.32 10.34 -14.73
C ARG F 904 -13.73 9.78 -14.70
N THR F 905 -14.14 9.18 -15.81
CA THR F 905 -15.45 8.57 -15.94
C THR F 905 -15.34 7.07 -15.66
N MET F 906 -16.26 6.55 -14.86
CA MET F 906 -16.28 5.14 -14.50
C MET F 906 -17.51 4.49 -15.12
N ALA F 907 -17.29 3.47 -15.92
CA ALA F 907 -18.36 2.74 -16.60
C ALA F 907 -18.12 1.25 -16.45
N ILE F 908 -19.20 0.49 -16.60
CA ILE F 908 -19.07 -0.96 -16.57
C ILE F 908 -18.00 -1.40 -17.55
N SER F 909 -17.23 -2.43 -17.18
CA SER F 909 -16.08 -2.82 -17.96
C SER F 909 -16.43 -3.07 -19.42
N SER F 910 -17.60 -3.63 -19.70
CA SER F 910 -17.98 -3.89 -21.08
C SER F 910 -18.11 -2.60 -21.89
N GLU F 911 -18.47 -1.50 -21.25
CA GLU F 911 -18.53 -0.23 -21.94
C GLU F 911 -17.12 0.31 -22.16
N LEU F 912 -16.97 1.16 -23.18
CA LEU F 912 -15.66 1.65 -23.58
C LEU F 912 -15.62 3.13 -23.93
N THR F 913 -16.68 3.90 -23.67
CA THR F 913 -16.66 5.34 -23.95
C THR F 913 -16.05 6.09 -22.77
N ASN F 914 -14.73 5.98 -22.67
CA ASN F 914 -13.98 6.59 -21.58
C ASN F 914 -13.69 8.06 -21.87
N ALA F 915 -13.45 8.82 -20.79
CA ALA F 915 -13.05 10.21 -20.89
C ALA F 915 -12.31 10.58 -19.61
N GLU F 916 -11.61 11.72 -19.66
CA GLU F 916 -10.86 12.19 -18.51
C GLU F 916 -10.71 13.70 -18.57
N SER F 917 -9.98 14.24 -17.62
CA SER F 917 -9.69 15.66 -17.55
C SER F 917 -8.21 15.90 -17.31
N ASP F 918 -7.79 17.14 -17.50
CA ASP F 918 -6.44 17.53 -17.18
C ASP F 918 -6.27 17.68 -15.67
N VAL F 919 -5.02 17.69 -15.23
CA VAL F 919 -4.72 17.77 -13.80
C VAL F 919 -4.66 19.23 -13.39
N LYS F 920 -5.81 19.82 -13.12
CA LYS F 920 -5.87 21.21 -12.69
C LYS F 920 -5.51 21.32 -11.21
N ASN F 921 -5.06 22.50 -10.81
CA ASN F 921 -4.56 22.71 -9.46
C ASN F 921 -5.18 23.97 -8.87
N PHE F 922 -5.38 23.96 -7.55
CA PHE F 922 -5.97 25.08 -6.84
C PHE F 922 -5.55 25.00 -5.38
N ARG F 923 -5.72 26.12 -4.67
CA ARG F 923 -5.29 26.24 -3.28
C ARG F 923 -6.46 26.68 -2.42
N THR F 924 -6.49 26.17 -1.20
CA THR F 924 -7.57 26.49 -0.27
C THR F 924 -7.38 27.91 0.27
N ASN F 925 -8.22 28.26 1.24
CA ASN F 925 -8.18 29.60 1.81
C ASN F 925 -7.26 29.64 3.02
N PRO F 926 -6.89 30.85 3.48
CA PRO F 926 -5.92 30.97 4.57
C PRO F 926 -6.30 30.22 5.85
N GLY F 927 -7.58 30.17 6.18
CA GLY F 927 -7.97 29.48 7.40
C GLY F 927 -7.58 30.25 8.64
N ARG F 928 -7.12 29.53 9.66
CA ARG F 928 -6.75 30.14 10.94
C ARG F 928 -5.34 29.68 11.33
N PRO F 929 -4.48 30.60 11.77
CA PRO F 929 -3.11 30.21 12.11
C PRO F 929 -3.07 29.34 13.36
N SER F 930 -1.98 28.59 13.48
CA SER F 930 -1.81 27.66 14.59
C SER F 930 -1.19 28.38 15.80
N LYS F 931 -1.11 27.66 16.91
CA LYS F 931 -0.58 28.22 18.13
C LYS F 931 0.88 28.63 17.96
N VAL F 932 1.32 29.53 18.83
CA VAL F 932 2.74 29.87 18.89
C VAL F 932 3.48 28.75 19.60
N THR F 933 4.71 28.48 19.15
CA THR F 933 5.48 27.34 19.61
C THR F 933 6.60 27.80 20.53
N GLU F 934 6.77 27.08 21.66
CA GLU F 934 7.86 27.33 22.60
C GLU F 934 7.77 28.72 23.20
N VAL F 935 6.67 29.00 23.91
CA VAL F 935 6.50 30.29 24.55
C VAL F 935 6.97 30.20 26.00
N VAL F 936 7.89 31.09 26.37
CA VAL F 936 8.44 31.14 27.72
C VAL F 936 8.59 32.60 28.13
N ALA F 937 8.35 32.87 29.41
CA ALA F 937 8.48 34.21 29.96
C ALA F 937 9.53 34.21 31.05
N THR F 938 10.22 35.34 31.19
CA THR F 938 11.28 35.47 32.17
C THR F 938 11.32 36.92 32.66
N ALA F 939 11.86 37.10 33.85
CA ALA F 939 11.94 38.42 34.46
C ALA F 939 13.36 38.96 34.30
N ILE F 940 13.46 40.15 33.69
CA ILE F 940 14.76 40.81 33.59
C ILE F 940 15.07 41.57 34.87
N SER F 941 14.12 42.38 35.34
CA SER F 941 14.30 43.13 36.57
C SER F 941 12.96 43.13 37.31
N ASP F 942 12.85 43.98 38.33
CA ASP F 942 11.59 44.08 39.06
C ASP F 942 10.50 44.72 38.22
N SER F 943 10.86 45.40 37.13
CA SER F 943 9.90 46.09 36.27
C SER F 943 10.02 45.72 34.80
N LYS F 944 11.02 44.96 34.41
CA LYS F 944 11.25 44.61 33.01
C LYS F 944 11.11 43.11 32.83
N ILE F 945 10.33 42.70 31.83
CA ILE F 945 10.00 41.29 31.60
C ILE F 945 10.43 40.93 30.18
N ASN F 946 10.68 39.63 29.97
CA ASN F 946 11.15 39.11 28.71
C ASN F 946 10.32 37.90 28.32
N VAL F 947 10.10 37.73 27.02
CA VAL F 947 9.33 36.60 26.50
C VAL F 947 9.98 36.12 25.21
N THR F 948 10.00 34.81 25.00
CA THR F 948 10.60 34.20 23.82
C THR F 948 9.63 33.21 23.22
N TRP F 949 9.61 33.13 21.88
CA TRP F 949 8.70 32.23 21.20
C TRP F 949 9.18 32.00 19.77
N SER F 950 8.66 30.93 19.17
CA SER F 950 8.92 30.59 17.77
C SER F 950 7.60 30.16 17.15
N TYR F 951 7.63 29.91 15.84
CA TYR F 951 6.43 29.56 15.09
C TYR F 951 6.70 28.37 14.17
N LEU F 952 7.20 27.28 14.75
CA LEU F 952 7.62 26.12 13.96
C LEU F 952 6.44 25.31 13.46
N ASP F 953 5.24 25.88 13.46
CA ASP F 953 4.06 25.21 12.92
C ASP F 953 3.49 26.04 11.78
N LYS F 954 2.58 25.43 11.04
CA LYS F 954 2.02 26.07 9.86
C LYS F 954 1.25 27.33 10.25
N PRO F 955 1.58 28.49 9.69
CA PRO F 955 0.75 29.68 9.92
C PRO F 955 -0.48 29.72 9.03
N TYR F 956 -0.34 29.22 7.81
CA TYR F 956 -1.39 29.36 6.80
C TYR F 956 -1.59 30.84 6.48
N GLY F 957 -1.87 31.15 5.23
CA GLY F 957 -1.92 32.54 4.84
C GLY F 957 -0.56 33.18 5.03
N VAL F 958 -0.56 34.43 5.48
CA VAL F 958 0.67 35.13 5.79
C VAL F 958 0.49 35.87 7.12
N LEU F 959 1.54 35.81 7.94
CA LEU F 959 1.50 36.38 9.29
C LEU F 959 1.62 37.89 9.17
N THR F 960 0.47 38.57 9.16
CA THR F 960 0.48 40.03 9.07
C THR F 960 1.19 40.65 10.27
N ARG F 961 0.94 40.13 11.46
CA ARG F 961 1.39 40.77 12.68
C ARG F 961 1.44 39.76 13.81
N TYR F 962 2.23 40.08 14.83
CA TYR F 962 2.18 39.41 16.11
C TYR F 962 1.60 40.35 17.16
N PHE F 963 0.92 39.78 18.13
CA PHE F 963 0.31 40.57 19.19
C PHE F 963 0.42 39.82 20.51
N ILE F 964 0.79 40.56 21.55
CA ILE F 964 1.01 40.02 22.89
C ILE F 964 0.21 40.88 23.87
N LYS F 965 -0.46 40.21 24.81
CA LYS F 965 -1.18 40.90 25.87
C LYS F 965 -0.72 40.35 27.21
N ALA F 966 -0.31 41.25 28.10
CA ALA F 966 0.13 40.89 29.43
C ALA F 966 -0.85 41.49 30.45
N LYS F 967 -1.40 40.64 31.31
CA LYS F 967 -2.34 41.07 32.34
C LYS F 967 -1.79 40.70 33.70
N LEU F 968 -1.89 41.63 34.65
CA LEU F 968 -1.52 41.33 36.03
C LEU F 968 -2.72 40.75 36.76
N ILE F 969 -2.53 39.57 37.35
CA ILE F 969 -3.56 38.91 38.14
C ILE F 969 -2.99 38.76 39.55
N ASN F 970 -3.53 39.52 40.49
CA ASN F 970 -2.92 39.65 41.81
C ASN F 970 -3.21 38.43 42.67
N ARG F 971 -2.43 38.30 43.75
CA ARG F 971 -2.55 37.20 44.70
C ARG F 971 -3.82 37.36 45.52
N PRO F 972 -4.26 36.31 46.23
CA PRO F 972 -5.33 36.48 47.21
C PRO F 972 -4.83 37.25 48.42
N THR F 973 -5.78 37.65 49.26
CA THR F 973 -5.45 38.42 50.45
C THR F 973 -4.65 37.57 51.45
N ARG F 974 -4.31 38.18 52.57
CA ARG F 974 -3.56 37.50 53.60
C ARG F 974 -4.29 36.24 54.06
N ASN F 975 -3.55 35.14 54.20
CA ASN F 975 -4.11 33.86 54.59
C ASN F 975 -3.75 33.57 56.04
N ASN F 976 -4.74 33.17 56.82
CA ASN F 976 -4.56 32.94 58.26
C ASN F 976 -3.98 31.58 58.57
N ASN F 977 -3.88 30.68 57.60
CA ASN F 977 -3.30 29.36 57.85
C ASN F 977 -1.78 29.44 57.84
N ARG F 978 -1.23 30.30 58.68
CA ARG F 978 0.20 30.56 58.69
C ARG F 978 0.65 30.91 60.10
N ASP F 979 1.95 30.75 60.34
CA ASP F 979 2.57 31.17 61.58
C ASP F 979 3.83 31.96 61.26
N TYR F 980 4.18 32.88 62.16
CA TYR F 980 5.22 33.85 61.91
C TYR F 980 6.35 33.68 62.91
N CYS F 981 7.59 33.74 62.41
CA CYS F 981 8.79 33.58 63.23
C CYS F 981 8.99 32.12 63.63
N THR F 982 8.01 31.27 63.32
CA THR F 982 8.18 29.83 63.55
C THR F 982 8.04 29.06 62.23
N GLU F 983 7.33 29.64 61.27
CA GLU F 983 7.15 29.05 59.94
C GLU F 983 7.45 30.11 58.89
N PRO F 984 8.69 30.59 58.81
CA PRO F 984 9.05 31.55 57.78
C PRO F 984 9.21 30.88 56.42
N LEU F 985 9.26 31.71 55.38
CA LEU F 985 9.30 31.23 54.01
C LEU F 985 10.28 32.06 53.19
N VAL F 986 11.02 31.36 52.32
CA VAL F 986 11.80 32.04 51.29
C VAL F 986 10.97 32.19 50.02
N LYS F 987 10.08 31.23 49.76
CA LYS F 987 9.01 31.40 48.80
C LYS F 987 9.50 31.68 47.38
N ALA F 988 10.13 30.70 46.74
CA ALA F 988 10.46 30.74 45.33
C ALA F 988 9.16 30.56 44.53
N MET F 989 9.20 30.44 43.21
CA MET F 989 7.99 30.34 42.40
C MET F 989 7.53 28.89 42.36
N GLU F 990 6.23 28.67 42.52
CA GLU F 990 5.64 27.33 42.53
C GLU F 990 4.33 27.31 41.75
N ASN F 991 4.32 27.90 40.56
CA ASN F 991 3.13 27.86 39.70
C ASN F 991 3.46 28.07 38.23
N GLU F 1023 -11.32 -4.87 -6.27
CA GLU F 1023 -12.72 -5.23 -6.10
C GLU F 1023 -13.43 -5.31 -7.44
N TYR F 1024 -14.58 -5.97 -7.46
CA TYR F 1024 -15.35 -6.09 -8.70
C TYR F 1024 -15.81 -4.72 -9.20
N ASP F 1025 -16.47 -3.94 -8.34
CA ASP F 1025 -16.93 -2.60 -8.63
C ASP F 1025 -17.87 -2.55 -9.84
N ASP F 1026 -18.19 -3.70 -10.43
CA ASP F 1026 -19.10 -3.75 -11.57
C ASP F 1026 -20.07 -4.93 -11.59
N ARG F 1027 -19.81 -6.01 -10.84
CA ARG F 1027 -20.69 -7.17 -10.89
C ARG F 1027 -22.10 -6.79 -10.49
N LYS F 1028 -22.23 -6.00 -9.42
CA LYS F 1028 -23.55 -5.57 -8.96
C LYS F 1028 -24.30 -4.88 -10.09
N VAL F 1029 -23.65 -3.92 -10.75
CA VAL F 1029 -24.32 -3.16 -11.80
C VAL F 1029 -24.70 -4.06 -12.95
N GLN F 1030 -23.81 -4.97 -13.34
CA GLN F 1030 -24.10 -5.86 -14.46
C GLN F 1030 -25.32 -6.73 -14.15
N ALA F 1031 -25.34 -7.33 -12.96
CA ALA F 1031 -26.47 -8.16 -12.60
C ALA F 1031 -27.76 -7.34 -12.58
N GLY F 1032 -27.69 -6.13 -12.03
CA GLY F 1032 -28.87 -5.28 -12.03
C GLY F 1032 -29.36 -4.99 -13.42
N MET F 1033 -28.44 -4.67 -14.33
CA MET F 1033 -28.82 -4.38 -15.71
C MET F 1033 -29.52 -5.58 -16.33
N GLU F 1034 -28.92 -6.76 -16.19
CA GLU F 1034 -29.51 -7.93 -16.84
C GLU F 1034 -30.87 -8.25 -16.26
N PHE F 1035 -31.01 -8.20 -14.94
CA PHE F 1035 -32.31 -8.49 -14.35
C PHE F 1035 -33.35 -7.46 -14.76
N GLU F 1036 -32.93 -6.20 -14.84
CA GLU F 1036 -33.87 -5.17 -15.29
C GLU F 1036 -34.35 -5.47 -16.70
N ASN F 1037 -33.42 -5.87 -17.58
CA ASN F 1037 -33.82 -6.18 -18.95
C ASN F 1037 -34.77 -7.36 -18.96
N ALA F 1038 -34.47 -8.40 -18.18
CA ALA F 1038 -35.35 -9.56 -18.16
C ALA F 1038 -36.73 -9.20 -17.64
N LEU F 1039 -36.81 -8.33 -16.63
CA LEU F 1039 -38.11 -7.94 -16.08
C LEU F 1039 -38.89 -7.08 -17.06
N GLN F 1040 -38.19 -6.17 -17.75
CA GLN F 1040 -38.84 -5.37 -18.78
C GLN F 1040 -39.40 -6.28 -19.87
N ASN F 1041 -38.63 -7.28 -20.28
CA ASN F 1041 -39.05 -8.16 -21.35
C ASN F 1041 -40.34 -8.89 -21.00
N PHE F 1042 -40.69 -8.95 -19.73
CA PHE F 1042 -41.82 -9.75 -19.26
C PHE F 1042 -43.01 -8.92 -18.82
N ILE F 1043 -42.79 -7.77 -18.19
CA ILE F 1043 -43.92 -7.02 -17.64
C ILE F 1043 -44.84 -6.55 -18.76
N PHE F 1044 -44.28 -5.91 -19.78
CA PHE F 1044 -45.09 -5.37 -20.86
C PHE F 1044 -45.52 -6.47 -21.82
N VAL F 1045 -46.63 -6.23 -22.50
CA VAL F 1045 -47.15 -7.20 -23.45
C VAL F 1045 -47.92 -6.48 -24.55
N PRO F 1046 -47.69 -6.81 -25.82
CA PRO F 1046 -48.48 -6.18 -26.89
C PRO F 1046 -49.88 -6.77 -26.97
N ASN F 1047 -50.65 -6.36 -27.97
CA ASN F 1047 -51.97 -6.92 -28.19
C ASN F 1047 -52.37 -6.81 -29.66
N ASP F 1119 -13.41 34.37 27.56
CA ASP F 1119 -12.14 34.90 28.05
C ASP F 1119 -11.08 34.84 26.96
N ASP F 1120 -11.39 35.43 25.80
CA ASP F 1120 -10.50 35.41 24.66
C ASP F 1120 -10.62 36.74 23.91
N GLU F 1121 -9.68 36.97 23.00
CA GLU F 1121 -9.59 38.24 22.28
C GLU F 1121 -10.54 38.21 21.09
N ASN F 1122 -11.81 38.54 21.35
CA ASN F 1122 -12.74 38.75 20.25
C ASN F 1122 -12.33 39.97 19.43
N THR F 1123 -11.99 41.06 20.11
CA THR F 1123 -11.48 42.26 19.46
C THR F 1123 -10.53 42.96 20.42
N TYR F 1124 -9.57 43.68 19.86
CA TYR F 1124 -8.59 44.38 20.67
C TYR F 1124 -7.96 45.50 19.86
N LYS F 1125 -7.35 46.44 20.59
CA LYS F 1125 -6.51 47.48 19.99
C LYS F 1125 -5.33 47.73 20.91
N ASP F 1126 -4.26 48.27 20.35
CA ASP F 1126 -3.04 48.51 21.11
C ASP F 1126 -3.34 49.37 22.33
N GLU F 1127 -2.79 48.99 23.48
CA GLU F 1127 -3.13 49.66 24.73
C GLU F 1127 -2.22 49.16 25.85
N GLU F 1128 -1.97 50.05 26.81
CA GLU F 1128 -1.39 49.69 28.10
C GLU F 1128 -2.07 50.53 29.17
N ASP F 1129 -2.50 49.87 30.24
CA ASP F 1129 -3.30 50.50 31.29
C ASP F 1129 -2.39 50.91 32.45
N LEU F 1130 -2.44 52.18 32.80
CA LEU F 1130 -1.67 52.67 33.94
C LEU F 1130 -2.30 52.20 35.24
N SER F 1131 -1.47 52.12 36.28
CA SER F 1131 -1.98 51.88 37.63
C SER F 1131 -2.72 53.12 38.11
N SER F 1132 -3.45 53.01 39.23
CA SER F 1132 -4.15 54.17 39.76
C SER F 1132 -3.21 55.34 39.97
N ASN F 1133 -2.02 55.08 40.50
CA ASN F 1133 -1.00 56.11 40.70
C ASN F 1133 -0.08 56.27 39.49
N LYS F 1134 -0.35 55.53 38.41
CA LYS F 1134 0.48 55.57 37.20
C LYS F 1134 1.91 55.15 37.47
N GLN F 1135 2.16 54.45 38.58
CA GLN F 1135 3.50 53.98 38.88
C GLN F 1135 3.91 52.85 37.94
N PHE F 1136 2.95 52.06 37.49
CA PHE F 1136 3.23 50.89 36.67
C PHE F 1136 2.03 50.61 35.78
N TYR F 1137 2.21 49.69 34.83
CA TYR F 1137 1.14 49.32 33.91
C TYR F 1137 0.43 48.08 34.44
N GLU F 1138 -0.86 48.21 34.70
CA GLU F 1138 -1.63 47.05 35.16
C GLU F 1138 -1.68 45.97 34.09
N VAL F 1139 -2.00 46.34 32.85
CA VAL F 1139 -1.99 45.42 31.72
C VAL F 1139 -1.30 46.10 30.55
N PHE F 1140 -0.89 45.31 29.58
CA PHE F 1140 -0.09 45.79 28.48
C PHE F 1140 -0.40 44.95 27.25
N ALA F 1141 -0.94 45.59 26.21
CA ALA F 1141 -1.38 44.87 25.00
C ALA F 1141 -1.00 45.72 23.80
N LYS F 1142 -0.10 45.21 22.96
CA LYS F 1142 0.39 45.95 21.82
C LYS F 1142 0.67 45.00 20.66
N GLU F 1143 0.57 45.52 19.44
CA GLU F 1143 0.95 44.76 18.26
C GLU F 1143 2.46 44.74 18.10
N LEU F 1144 2.97 43.73 17.39
CA LEU F 1144 4.37 43.65 17.05
C LEU F 1144 4.52 43.31 15.58
N PRO F 1145 5.62 43.73 14.94
CA PRO F 1145 5.80 43.42 13.53
C PRO F 1145 6.19 41.97 13.34
N PRO F 1146 5.94 41.40 12.15
CA PRO F 1146 6.22 39.97 11.94
C PRO F 1146 7.69 39.62 11.96
N ASN F 1147 8.60 40.59 12.05
CA ASN F 1147 10.01 40.26 12.21
C ASN F 1147 10.24 39.48 13.50
N GLN F 1148 9.46 39.80 14.53
CA GLN F 1148 9.86 39.50 15.90
C GLN F 1148 9.80 38.01 16.20
N THR F 1149 10.61 37.61 17.17
CA THR F 1149 10.47 36.32 17.84
C THR F 1149 10.50 36.43 19.35
N HIS F 1150 11.04 37.51 19.93
CA HIS F 1150 11.09 37.71 21.36
C HIS F 1150 11.04 39.20 21.63
N PHE F 1151 10.47 39.57 22.78
CA PHE F 1151 10.45 40.99 23.11
C PHE F 1151 10.26 41.17 24.61
N VAL F 1152 10.55 42.39 25.06
CA VAL F 1152 10.56 42.76 26.47
C VAL F 1152 9.45 43.77 26.71
N PHE F 1153 8.93 43.79 27.93
CA PHE F 1153 7.87 44.70 28.30
C PHE F 1153 8.29 45.47 29.55
N GLU F 1154 7.95 46.75 29.60
CA GLU F 1154 8.61 47.71 30.47
C GLU F 1154 7.62 48.31 31.46
N LYS F 1155 8.18 48.77 32.59
CA LYS F 1155 7.44 49.53 33.59
C LYS F 1155 6.30 48.70 34.17
N LEU F 1156 6.62 47.50 34.62
CA LEU F 1156 5.75 46.75 35.50
C LEU F 1156 6.25 46.89 36.93
N ARG F 1157 5.46 46.41 37.88
CA ARG F 1157 5.78 46.58 39.29
C ARG F 1157 6.44 45.33 39.86
N HIS F 1158 7.19 45.53 40.94
CA HIS F 1158 7.95 44.45 41.55
C HIS F 1158 7.03 43.38 42.12
N PHE F 1159 7.50 42.13 42.05
CA PHE F 1159 6.82 41.00 42.68
C PHE F 1159 5.40 40.84 42.17
N THR F 1160 5.22 40.50 40.89
CA THR F 1160 3.89 40.39 40.32
C THR F 1160 3.76 39.13 39.50
N ARG F 1161 2.51 38.75 39.25
CA ARG F 1161 2.15 37.62 38.41
C ARG F 1161 1.50 38.17 37.13
N TYR F 1162 2.34 38.38 36.11
CA TYR F 1162 1.88 38.92 34.84
C TYR F 1162 1.62 37.78 33.88
N ALA F 1163 0.36 37.41 33.73
CA ALA F 1163 -0.01 36.37 32.77
C ALA F 1163 0.30 36.84 31.36
N ILE F 1164 0.92 35.96 30.57
CA ILE F 1164 1.35 36.29 29.22
C ILE F 1164 0.46 35.56 28.24
N PHE F 1165 -0.12 36.31 27.32
CA PHE F 1165 -0.98 35.79 26.25
C PHE F 1165 -0.38 36.17 24.91
N VAL F 1166 -0.18 35.19 24.04
CA VAL F 1166 0.50 35.42 22.76
C VAL F 1166 -0.36 34.84 21.64
N VAL F 1167 -0.20 35.41 20.45
CA VAL F 1167 -1.02 35.02 19.30
C VAL F 1167 -0.35 35.51 18.03
N ALA F 1168 -0.68 34.86 16.92
CA ALA F 1168 -0.28 35.28 15.59
C ALA F 1168 -1.51 35.47 14.73
N CYS F 1169 -1.54 36.55 13.96
CA CYS F 1169 -2.71 36.93 13.18
C CYS F 1169 -2.38 36.84 11.70
N ARG F 1170 -3.32 36.32 10.92
CA ARG F 1170 -3.14 36.08 9.51
C ARG F 1170 -3.77 37.20 8.67
N GLU F 1171 -3.50 37.14 7.36
CA GLU F 1171 -4.08 38.09 6.43
C GLU F 1171 -5.57 37.80 6.22
N GLU F 1172 -6.19 38.61 5.35
CA GLU F 1172 -7.59 38.48 5.01
C GLU F 1172 -7.76 38.62 3.51
N ILE F 1173 -8.54 37.73 2.91
CA ILE F 1173 -8.80 37.76 1.47
C ILE F 1173 -9.82 38.85 1.18
N PRO F 1174 -9.76 39.50 0.02
CA PRO F 1174 -10.74 40.56 -0.27
C PRO F 1174 -12.19 40.11 -0.16
N SER F 1175 -12.51 38.88 -0.59
CA SER F 1175 -13.87 38.38 -0.45
C SER F 1175 -14.26 38.21 1.02
N GLU F 1176 -13.28 38.11 1.91
CA GLU F 1176 -13.56 37.98 3.34
C GLU F 1176 -13.83 39.32 4.01
N LYS F 1177 -13.51 40.44 3.34
CA LYS F 1177 -13.67 41.75 3.92
C LYS F 1177 -14.67 42.64 3.18
N LEU F 1178 -14.94 42.37 1.90
CA LEU F 1178 -15.92 43.15 1.15
C LEU F 1178 -17.12 42.28 0.81
N ARG F 1179 -16.87 41.03 0.43
CA ARG F 1179 -17.94 40.04 0.28
C ARG F 1179 -18.39 39.48 1.62
N ASP F 1180 -17.65 39.76 2.69
CA ASP F 1180 -18.00 39.34 4.03
C ASP F 1180 -17.62 40.45 4.99
N THR F 1181 -18.27 40.45 6.16
CA THR F 1181 -18.08 41.53 7.11
C THR F 1181 -17.44 41.03 8.40
N SER F 1182 -17.31 41.90 9.39
CA SER F 1182 -16.58 41.60 10.62
C SER F 1182 -17.39 40.68 11.55
N PHE F 1183 -17.52 39.42 11.16
CA PHE F 1183 -18.09 38.41 12.05
C PHE F 1183 -17.61 37.04 11.61
N LYS F 1184 -17.55 36.12 12.57
CA LYS F 1184 -16.92 34.81 12.41
C LYS F 1184 -15.40 34.94 12.46
N LYS F 1185 -14.90 36.18 12.48
CA LYS F 1185 -13.49 36.50 12.66
C LYS F 1185 -12.54 35.38 12.24
N SER F 1186 -12.11 34.55 13.21
CA SER F 1186 -11.11 33.52 12.98
C SER F 1186 -9.82 34.10 12.43
N LEU F 1187 -9.46 35.31 12.86
CA LEU F 1187 -8.35 36.02 12.25
C LEU F 1187 -7.02 35.69 12.91
N CYS F 1188 -7.05 35.23 14.16
CA CYS F 1188 -5.82 35.02 14.91
C CYS F 1188 -5.86 33.66 15.57
N SER F 1189 -4.68 33.13 15.88
CA SER F 1189 -4.52 31.73 16.20
C SER F 1189 -5.04 31.42 17.60
N ASP F 1190 -5.00 30.12 17.92
CA ASP F 1190 -5.18 29.68 19.29
C ASP F 1190 -3.96 30.07 20.12
N TYR F 1191 -4.14 30.04 21.43
CA TYR F 1191 -3.13 30.53 22.36
C TYR F 1191 -3.10 29.67 23.61
N ASP F 1192 -2.03 29.82 24.37
CA ASP F 1192 -1.86 29.14 25.65
C ASP F 1192 -1.15 30.08 26.61
N THR F 1193 -1.77 30.32 27.76
CA THR F 1193 -1.22 31.28 28.71
C THR F 1193 0.14 30.82 29.20
N VAL F 1194 1.07 31.76 29.36
CA VAL F 1194 2.37 31.51 29.93
C VAL F 1194 2.49 32.31 31.22
N PHE F 1195 2.77 31.64 32.32
CA PHE F 1195 2.83 32.27 33.63
C PHE F 1195 4.26 32.36 34.12
N GLN F 1196 4.56 33.49 34.75
CA GLN F 1196 5.91 33.81 35.18
C GLN F 1196 5.90 34.46 36.56
N THR F 1197 5.24 33.82 37.52
CA THR F 1197 5.08 34.41 38.84
C THR F 1197 6.36 34.31 39.64
N THR F 1198 7.39 35.07 39.25
CA THR F 1198 8.64 35.05 39.97
C THR F 1198 8.73 36.22 40.94
N LYS F 1199 9.65 36.11 41.90
CA LYS F 1199 9.88 37.17 42.87
C LYS F 1199 10.73 38.28 42.24
N ARG F 1200 10.23 38.90 41.18
CA ARG F 1200 10.99 39.89 40.44
C ARG F 1200 11.20 41.14 41.28
N LYS F 1201 12.45 41.55 41.48
CA LYS F 1201 13.70 40.83 41.23
C LYS F 1201 14.64 40.95 42.43
N LYS F 1202 14.56 42.08 43.14
CA LYS F 1202 15.40 42.34 44.30
C LYS F 1202 14.52 42.29 45.56
N PHE F 1203 15.10 42.63 46.71
CA PHE F 1203 14.27 42.94 47.87
C PHE F 1203 13.51 44.24 47.67
N ALA F 1204 14.14 45.21 46.99
CA ALA F 1204 13.49 46.46 46.60
C ALA F 1204 13.12 47.30 47.82
N ASP F 1205 12.07 46.89 48.53
CA ASP F 1205 11.57 47.64 49.67
C ASP F 1205 10.69 46.74 50.52
N ILE F 1206 11.00 46.68 51.81
CA ILE F 1206 10.24 45.83 52.73
C ILE F 1206 9.77 46.67 53.92
N VAL F 1207 10.68 47.40 54.55
CA VAL F 1207 10.36 48.24 55.70
C VAL F 1207 11.42 49.32 55.80
N MET F 1208 11.01 50.50 56.27
CA MET F 1208 11.90 51.65 56.35
C MET F 1208 11.46 52.56 57.48
N ASP F 1209 12.36 53.46 57.88
CA ASP F 1209 12.06 54.52 58.83
C ASP F 1209 11.59 53.96 60.18
N LEU F 1210 12.51 53.27 60.83
CA LEU F 1210 12.25 52.73 62.16
C LEU F 1210 12.58 53.76 63.24
N LYS F 1211 11.76 53.79 64.29
CA LYS F 1211 12.00 54.64 65.44
C LYS F 1211 11.47 53.96 66.69
N VAL F 1212 12.04 54.31 67.84
CA VAL F 1212 11.72 53.67 69.10
C VAL F 1212 11.52 54.72 70.19
N ASP F 1213 10.57 54.45 71.08
CA ASP F 1213 10.34 55.26 72.27
C ASP F 1213 9.90 54.33 73.40
N LEU F 1214 9.53 54.90 74.54
CA LEU F 1214 9.09 54.11 75.67
C LEU F 1214 7.91 54.80 76.34
N GLU F 1215 7.14 54.00 77.09
CA GLU F 1215 5.93 54.51 77.73
C GLU F 1215 6.24 55.45 78.89
N HIS F 1216 7.23 55.15 79.71
CA HIS F 1216 7.55 55.96 80.87
C HIS F 1216 9.05 56.18 81.00
N GLU F 1221 12.90 50.16 83.80
CA GLU F 1221 12.54 49.02 82.96
C GLU F 1221 11.17 49.24 82.30
N SER F 1222 10.90 50.50 81.93
CA SER F 1222 9.62 50.81 81.32
C SER F 1222 9.51 50.12 79.96
N PRO F 1223 8.30 49.74 79.55
CA PRO F 1223 8.17 49.09 78.24
C PRO F 1223 8.56 50.03 77.11
N VAL F 1224 9.09 49.44 76.03
CA VAL F 1224 9.64 50.19 74.91
C VAL F 1224 8.78 49.97 73.67
N ARG F 1225 8.45 51.06 72.98
CA ARG F 1225 7.63 51.02 71.78
C ARG F 1225 8.50 51.25 70.56
N VAL F 1226 8.33 50.39 69.55
CA VAL F 1226 9.07 50.46 68.30
C VAL F 1226 8.08 50.71 67.17
N ARG F 1227 8.40 51.68 66.32
CA ARG F 1227 7.57 52.03 65.17
C ARG F 1227 8.38 51.87 63.89
N TRP F 1228 7.67 51.68 62.78
CA TRP F 1228 8.30 51.52 61.48
C TRP F 1228 7.27 51.87 60.41
N THR F 1229 7.76 52.03 59.19
CA THR F 1229 6.93 52.40 58.05
C THR F 1229 6.81 51.23 57.09
N PRO F 1230 5.62 50.95 56.55
CA PRO F 1230 5.48 49.85 55.60
C PRO F 1230 6.15 50.18 54.27
N PRO F 1231 6.32 49.19 53.40
CA PRO F 1231 6.99 49.45 52.12
C PRO F 1231 6.11 50.26 51.19
N VAL F 1232 6.73 50.76 50.11
CA VAL F 1232 5.98 51.51 49.12
C VAL F 1232 4.83 50.68 48.57
N ASP F 1233 5.10 49.40 48.28
CA ASP F 1233 4.08 48.44 47.92
C ASP F 1233 4.36 47.16 48.70
N PRO F 1234 3.32 46.40 49.04
CA PRO F 1234 3.55 45.13 49.74
C PRO F 1234 4.53 44.25 48.98
N ASN F 1235 5.51 43.71 49.69
CA ASN F 1235 6.49 42.82 49.08
C ASN F 1235 5.88 41.43 48.92
N GLY F 1236 4.76 41.36 48.19
CA GLY F 1236 4.06 40.10 48.02
C GLY F 1236 2.99 39.86 49.06
N GLU F 1237 2.08 40.83 49.24
CA GLU F 1237 0.98 40.66 50.17
C GLU F 1237 1.48 40.43 51.58
N ILE F 1238 2.11 41.46 52.18
CA ILE F 1238 2.64 41.34 53.54
C ILE F 1238 1.64 40.61 54.43
N VAL F 1239 2.13 39.66 55.23
CA VAL F 1239 1.29 38.92 56.15
C VAL F 1239 1.72 39.11 57.60
N THR F 1240 2.96 39.52 57.85
CA THR F 1240 3.45 39.69 59.22
C THR F 1240 4.68 40.57 59.19
N TYR F 1241 5.06 41.06 60.38
CA TYR F 1241 6.25 41.85 60.56
C TYR F 1241 7.18 41.18 61.56
N GLU F 1242 8.44 41.00 61.16
CA GLU F 1242 9.47 40.50 62.07
C GLU F 1242 10.14 41.69 62.75
N VAL F 1243 10.06 41.75 64.07
CA VAL F 1243 10.59 42.85 64.86
C VAL F 1243 11.69 42.32 65.77
N ALA F 1244 12.83 43.01 65.78
CA ALA F 1244 14.00 42.54 66.51
C ALA F 1244 14.62 43.68 67.28
N TYR F 1245 15.35 43.33 68.34
CA TYR F 1245 16.09 44.30 69.13
C TYR F 1245 17.31 43.61 69.74
N LYS F 1246 18.30 44.42 70.13
CA LYS F 1246 19.52 43.91 70.73
C LYS F 1246 20.07 44.93 71.71
N LEU F 1247 20.90 44.46 72.63
CA LEU F 1247 21.49 45.33 73.65
C LEU F 1247 22.91 45.69 73.25
N GLN F 1248 23.27 46.97 73.42
CA GLN F 1248 24.59 47.46 73.08
C GLN F 1248 25.58 47.13 74.21
N LYS F 1249 25.77 45.83 74.42
CA LYS F 1249 26.71 45.33 75.40
C LYS F 1249 27.34 44.05 74.86
N PRO F 1250 28.53 43.70 75.33
CA PRO F 1250 29.20 42.48 74.83
C PRO F 1250 28.44 41.22 75.20
N ASP F 1251 28.58 40.21 74.36
CA ASP F 1251 28.03 38.89 74.59
C ASP F 1251 26.50 38.89 74.57
N GLN F 1252 25.90 39.98 74.09
CA GLN F 1252 24.46 40.05 73.95
C GLN F 1252 24.04 39.60 72.55
N VAL F 1253 22.82 39.07 72.45
CA VAL F 1253 22.30 38.54 71.21
C VAL F 1253 20.96 39.22 70.92
N GLU F 1254 20.60 39.28 69.64
CA GLU F 1254 19.40 39.97 69.22
C GLU F 1254 18.17 39.11 69.49
N GLU F 1255 17.18 39.69 70.15
CA GLU F 1255 15.89 39.05 70.34
C GLU F 1255 14.88 39.63 69.35
N LYS F 1256 13.92 38.80 68.96
CA LYS F 1256 12.95 39.21 67.95
C LYS F 1256 11.60 38.56 68.23
N LYS F 1257 10.56 39.18 67.70
CA LYS F 1257 9.18 38.72 67.88
C LYS F 1257 8.46 38.80 66.55
N CYS F 1258 7.15 38.57 66.59
CA CYS F 1258 6.31 38.59 65.41
C CYS F 1258 4.96 39.23 65.74
N ILE F 1259 4.31 39.75 64.71
CA ILE F 1259 2.94 40.27 64.86
C ILE F 1259 2.17 40.00 63.57
N PRO F 1260 0.84 39.92 63.68
CA PRO F 1260 0.02 39.69 62.48
C PRO F 1260 -0.23 40.96 61.69
N ALA F 1261 0.54 42.02 61.98
CA ALA F 1261 0.46 43.28 61.25
C ALA F 1261 -0.86 44.00 61.51
N ALA F 1262 -0.84 45.33 61.40
CA ALA F 1262 -2.04 46.16 61.52
C ALA F 1262 -2.54 46.24 62.96
N ASP F 1263 -1.85 45.58 63.89
CA ASP F 1263 -2.26 45.66 65.29
C ASP F 1263 -1.36 46.61 66.08
N PHE F 1264 -0.10 46.72 65.67
CA PHE F 1264 0.83 47.61 66.39
C PHE F 1264 0.39 49.06 66.31
N ASN F 1265 -0.36 49.43 65.25
CA ASN F 1265 -0.77 50.81 65.09
C ASN F 1265 -1.67 51.28 66.23
N GLN F 1266 -2.43 50.35 66.84
CA GLN F 1266 -3.29 50.73 67.95
C GLN F 1266 -2.49 51.35 69.09
N THR F 1267 -1.25 50.90 69.28
CA THR F 1267 -0.36 51.43 70.30
C THR F 1267 0.74 52.32 69.70
N ALA F 1268 0.57 52.72 68.43
CA ALA F 1268 1.56 53.53 67.73
C ALA F 1268 2.91 52.81 67.62
N GLY F 1269 2.90 51.50 67.65
CA GLY F 1269 4.11 50.71 67.59
C GLY F 1269 4.02 49.52 68.52
N TYR F 1270 4.86 48.52 68.24
CA TYR F 1270 4.88 47.31 69.05
C TYR F 1270 5.59 47.56 70.37
N LEU F 1271 5.01 47.04 71.45
CA LEU F 1271 5.51 47.27 72.79
C LEU F 1271 6.31 46.06 73.26
N ILE F 1272 7.49 46.31 73.83
CA ILE F 1272 8.37 45.26 74.33
C ILE F 1272 8.84 45.65 75.72
N LYS F 1273 8.79 44.70 76.65
CA LYS F 1273 9.34 44.92 77.98
C LYS F 1273 10.85 44.88 77.89
N LEU F 1274 11.51 45.96 78.37
CA LEU F 1274 12.94 46.11 78.21
C LEU F 1274 13.56 46.60 79.51
N ASN F 1275 14.79 46.18 79.75
CA ASN F 1275 15.51 46.53 80.97
C ASN F 1275 16.40 47.75 80.72
N GLU F 1276 17.22 48.07 81.74
CA GLU F 1276 18.14 49.20 81.64
C GLU F 1276 19.18 48.96 80.55
N GLY F 1277 19.65 50.02 79.92
CA GLY F 1277 20.69 49.94 78.92
C GLY F 1277 20.28 50.58 77.61
N LEU F 1278 21.22 50.55 76.67
CA LEU F 1278 21.03 51.09 75.33
C LEU F 1278 20.80 49.94 74.36
N TYR F 1279 19.71 50.02 73.60
CA TYR F 1279 19.28 48.93 72.73
C TYR F 1279 19.07 49.45 71.31
N SER F 1280 19.27 48.56 70.34
CA SER F 1280 19.03 48.86 68.93
C SER F 1280 17.93 47.96 68.42
N PHE F 1281 17.04 48.52 67.59
CA PHE F 1281 15.86 47.81 67.11
C PHE F 1281 15.90 47.67 65.59
N ARG F 1282 15.32 46.57 65.11
CA ARG F 1282 15.20 46.31 63.68
C ARG F 1282 13.85 45.67 63.39
N VAL F 1283 13.37 45.84 62.17
CA VAL F 1283 12.08 45.32 61.75
C VAL F 1283 12.12 45.01 60.26
N ARG F 1284 11.43 43.94 59.88
CA ARG F 1284 11.19 43.62 58.47
C ARG F 1284 9.82 43.00 58.32
N ALA F 1285 9.20 43.23 57.18
CA ALA F 1285 7.94 42.58 56.85
C ALA F 1285 8.21 41.22 56.22
N ASN F 1286 7.25 40.31 56.43
CA ASN F 1286 7.25 39.02 55.77
C ASN F 1286 5.88 38.84 55.13
N SER F 1287 5.87 38.28 53.91
CA SER F 1287 4.70 38.36 53.06
C SER F 1287 4.39 36.98 52.50
N ILE F 1288 3.39 36.94 51.61
CA ILE F 1288 3.11 35.74 50.84
C ILE F 1288 4.27 35.42 49.91
N ALA F 1289 5.17 36.38 49.68
CA ALA F 1289 6.34 36.17 48.84
C ALA F 1289 7.61 35.88 49.64
N GLY F 1290 7.49 35.78 50.97
CA GLY F 1290 8.62 35.37 51.78
C GLY F 1290 9.32 36.51 52.49
N TYR F 1291 10.57 36.25 52.86
CA TYR F 1291 11.33 37.17 53.69
C TYR F 1291 11.75 38.43 52.93
N GLY F 1292 11.94 39.51 53.69
CA GLY F 1292 12.68 40.66 53.22
C GLY F 1292 13.96 40.85 54.00
N ASP F 1293 14.57 42.02 53.82
CA ASP F 1293 15.81 42.34 54.53
C ASP F 1293 15.51 43.26 55.71
N PHE F 1294 16.15 42.98 56.84
CA PHE F 1294 15.95 43.77 58.04
C PHE F 1294 16.39 45.20 57.82
N THR F 1295 15.55 46.15 58.24
CA THR F 1295 15.87 47.56 58.06
C THR F 1295 16.98 47.98 59.03
N GLU F 1296 17.48 49.19 58.82
CA GLU F 1296 18.61 49.67 59.61
C GLU F 1296 18.19 49.90 61.06
N VAL F 1297 19.19 50.10 61.92
CA VAL F 1297 18.94 50.14 63.36
C VAL F 1297 18.69 51.57 63.82
N GLU F 1298 18.02 51.69 64.96
CA GLU F 1298 17.87 52.96 65.67
C GLU F 1298 17.78 52.65 67.16
N HIS F 1299 18.37 53.52 67.97
CA HIS F 1299 18.69 53.19 69.35
C HIS F 1299 17.81 53.96 70.33
N ILE F 1300 17.60 53.35 71.49
CA ILE F 1300 16.87 53.96 72.60
C ILE F 1300 17.57 53.59 73.89
N LYS F 1301 17.59 54.51 74.85
CA LYS F 1301 18.18 54.27 76.16
C LYS F 1301 17.05 54.34 77.20
N VAL F 1302 16.96 53.30 78.03
CA VAL F 1302 15.93 53.24 79.06
C VAL F 1302 16.48 53.87 80.33
N GLU F 1303 15.74 54.85 80.87
CA GLU F 1303 16.13 55.52 82.11
C GLU F 1303 14.90 56.17 82.75
N PRO F 1304 13.88 55.38 83.08
CA PRO F 1304 12.70 55.94 83.84
C PRO F 1304 13.10 56.45 85.21
N PRO F 1305 12.45 57.51 85.70
CA PRO F 1305 12.65 57.89 87.10
C PRO F 1305 11.75 57.06 88.01
N PRO F 1306 11.96 57.12 89.32
CA PRO F 1306 11.12 56.37 90.25
C PRO F 1306 9.75 57.00 90.46
C1 NAG G . -66.73 -13.10 -2.52
C2 NAG G . -67.59 -13.99 -1.62
C3 NAG G . -68.80 -13.21 -1.12
C4 NAG G . -68.37 -11.91 -0.46
C5 NAG G . -67.48 -11.12 -1.41
C6 NAG G . -66.91 -9.86 -0.78
C7 NAG G . -67.37 -16.36 -2.21
C8 NAG G . -67.94 -17.50 -3.00
N2 NAG G . -68.01 -15.19 -2.32
O3 NAG G . -69.52 -14.01 -0.19
O4 NAG G . -69.51 -11.13 -0.12
O5 NAG G . -66.35 -11.92 -1.82
O6 NAG G . -66.45 -8.95 -1.77
O7 NAG G . -66.37 -16.50 -1.51
H1 NAG G . -67.24 -12.86 -3.32
H2 NAG G . -67.06 -14.25 -0.84
H3 NAG G . -69.39 -13.00 -1.88
H4 NAG G . -67.86 -12.12 0.35
H5 NAG G . -67.99 -10.87 -2.20
H61 NAG G . -66.17 -10.11 -0.20
H62 NAG G . -67.61 -9.44 -0.26
H81 NAG G . -67.94 -17.27 -3.95
H82 NAG G . -67.40 -18.30 -2.86
H83 NAG G . -68.85 -17.67 -2.71
HN2 NAG G . -68.74 -15.15 -2.85
HO3 NAG G . -70.09 -13.50 0.27
HO4 NAG G . -69.32 -10.65 0.60
HO6 NAG G . -66.54 -8.12 -1.47
C1 NAG H . -64.37 -0.48 -1.11
C2 NAG H . -65.82 -0.33 -0.63
C3 NAG H . -66.71 -1.35 -1.31
C4 NAG H . -66.56 -1.28 -2.83
C5 NAG H . -65.09 -1.37 -3.22
C6 NAG H . -64.85 -1.14 -4.70
C7 NAG H . -65.70 0.57 1.64
C8 NAG H . -65.83 0.28 3.10
N2 NAG H . -65.90 -0.45 0.81
O3 NAG H . -68.06 -1.13 -0.95
O4 NAG H . -67.28 -2.34 -3.45
O5 NAG H . -64.32 -0.36 -2.53
O6 NAG H . -63.46 -1.09 -5.01
O7 NAG H . -65.41 1.70 1.24
H1 NAG H . -64.05 -1.37 -0.85
H2 NAG H . -66.13 0.57 -0.89
H3 NAG H . -66.45 -2.25 -1.02
H4 NAG H . -66.91 -0.42 -3.14
H5 NAG H . -64.75 -2.25 -2.97
H61 NAG H . -65.25 -1.89 -5.19
H62 NAG H . -65.28 -0.32 -4.97
H81 NAG H . -65.57 1.06 3.62
H82 NAG H . -66.76 0.05 3.30
H83 NAG H . -65.25 -0.48 3.34
HN2 NAG H . -66.12 -1.26 1.17
HO3 NAG H . -68.16 -1.26 -0.08
HO4 NAG H . -68.08 -2.41 -3.07
HO6 NAG H . -63.15 -0.28 -4.78
C1 NAG I . -18.10 -40.26 -17.40
C2 NAG I . -17.85 -41.45 -16.47
C3 NAG I . -19.15 -41.84 -15.76
C4 NAG I . -19.74 -40.63 -15.04
C5 NAG I . -19.91 -39.47 -16.03
C6 NAG I . -20.38 -38.20 -15.35
C7 NAG I . -16.07 -43.04 -17.03
C8 NAG I . -15.69 -44.22 -17.87
N2 NAG I . -17.31 -42.58 -17.20
O3 NAG I . -18.88 -42.88 -14.82
O4 NAG I . -21.00 -40.97 -14.49
O5 NAG I . -18.66 -39.18 -16.66
O6 NAG I . -19.89 -37.05 -16.05
O7 NAG I . -15.29 -42.52 -16.23
H1 NAG I . -18.73 -40.52 -18.10
H2 NAG I . -17.21 -41.18 -15.79
H3 NAG I . -19.78 -42.17 -16.42
H4 NAG I . -19.14 -40.35 -14.33
H5 NAG I . -20.56 -39.73 -16.71
H61 NAG I . -21.35 -38.18 -15.35
H62 NAG I . -20.05 -38.18 -14.44
H81 NAG I . -15.78 -44.00 -18.81
H82 NAG I . -14.75 -44.46 -17.69
H83 NAG I . -16.26 -44.98 -17.65
HN2 NAG I . -17.85 -43.00 -17.80
HO3 NAG I . -18.69 -43.62 -15.25
HO4 NAG I . -20.93 -41.70 -13.99
HO6 NAG I . -19.14 -37.25 -16.47
C1 NAG J . 7.17 -33.20 -2.16
C2 NAG J . 7.65 -34.57 -2.65
C3 NAG J . 6.51 -35.30 -3.35
C4 NAG J . 5.28 -35.37 -2.45
C5 NAG J . 4.91 -33.96 -1.97
C6 NAG J . 3.78 -33.96 -0.97
C7 NAG J . 9.93 -35.08 -3.41
C8 NAG J . 10.99 -34.81 -4.44
N2 NAG J . 8.78 -34.42 -3.56
O3 NAG J . 6.93 -36.62 -3.68
O4 NAG J . 4.18 -35.92 -3.17
O5 NAG J . 6.04 -33.38 -1.31
O6 NAG J . 4.25 -34.17 0.35
O7 NAG J . 10.11 -35.87 -2.49
H1 NAG J . 6.93 -32.65 -2.91
H2 NAG J . 7.93 -35.10 -1.88
H3 NAG J . 6.28 -34.83 -4.17
H4 NAG J . 5.48 -35.93 -1.68
H5 NAG J . 4.67 -33.42 -2.74
H61 NAG J . 3.33 -33.09 -1.01
H62 NAG J . 3.14 -34.66 -1.21
H81 NAG J . 11.83 -35.19 -4.15
H82 NAG J . 11.08 -33.86 -4.56
H83 NAG J . 10.73 -35.22 -5.29
HN2 NAG J . 8.70 -33.86 -4.27
HO3 NAG J . 7.05 -36.68 -4.56
HO4 NAG J . 4.47 -36.52 -3.74
HO6 NAG J . 5.04 -33.78 0.45
C1 NAG K . 20.14 -28.02 2.87
C2 NAG K . 19.89 -29.28 2.06
C3 NAG K . 21.22 -29.96 1.75
C4 NAG K . 22.17 -28.97 1.08
C5 NAG K . 22.27 -27.68 1.92
C6 NAG K . 23.07 -26.60 1.22
C7 NAG K . 18.38 -31.21 2.18
C8 NAG K . 17.50 -32.04 3.06
N2 NAG K . 19.01 -30.19 2.78
O3 NAG K . 20.99 -31.07 0.89
O4 NAG K . 23.46 -29.56 0.97
O5 NAG K . 20.97 -27.13 2.15
O6 NAG K . 22.95 -25.36 1.89
O7 NAG K . 18.51 -31.44 0.98
H1 NAG K . 20.58 -28.25 3.72
H2 NAG K . 19.47 -29.02 1.23
H3 NAG K . 21.62 -30.28 2.59
H4 NAG K . 21.84 -28.75 0.19
H5 NAG K . 22.69 -27.89 2.76
H61 NAG K . 24.02 -26.87 1.19
H62 NAG K . 22.75 -26.50 0.31
H81 NAG K . 18.04 -32.43 3.78
H82 NAG K . 17.09 -32.75 2.54
H83 NAG K . 16.80 -31.48 3.46
HN2 NAG K . 18.87 -30.05 3.66
HO3 NAG K . 20.30 -30.90 0.36
HO4 NAG K . 23.39 -30.44 0.95
HO6 NAG K . 23.67 -24.86 1.73
C1 NAG L . -7.18 -17.62 10.19
C2 NAG L . -8.06 -17.92 11.40
C3 NAG L . -8.95 -16.72 11.71
C4 NAG L . -8.11 -15.46 11.86
C5 NAG L . -7.22 -15.29 10.63
C6 NAG L . -6.27 -14.11 10.75
C7 NAG L . -8.42 -20.35 11.38
C8 NAG L . -9.39 -21.46 11.09
N2 NAG L . -8.88 -19.11 11.17
O3 NAG L . -9.68 -16.96 12.92
O4 NAG L . -8.96 -14.32 11.99
O5 NAG L . -6.41 -16.45 10.44
O6 NAG L . -5.32 -14.10 9.70
O7 NAG L . -7.28 -20.57 11.77
H1 NAG L . -7.74 -17.47 9.41
H2 NAG L . -7.49 -18.08 12.17
H3 NAG L . -9.59 -16.60 10.97
H4 NAG L . -7.55 -15.54 12.65
H5 NAG L . -7.78 -15.15 9.84
H61 NAG L . -5.79 -14.18 11.61
H62 NAG L . -6.77 -13.28 10.74
H81 NAG L . -9.99 -21.18 10.38
H82 NAG L . -9.90 -21.65 11.89
H83 NAG L . -8.89 -22.25 10.81
HN2 NAG L . -9.73 -19.00 10.87
HO3 NAG L . -10.19 -17.68 12.81
HO4 NAG L . -9.63 -14.52 12.54
HO6 NAG L . -5.22 -14.93 9.38
C1 NAG M . 3.50 -22.07 16.80
C2 NAG M . 2.14 -22.30 17.43
C3 NAG M . 2.22 -23.37 18.51
C4 NAG M . 2.85 -24.64 17.95
C5 NAG M . 4.19 -24.31 17.28
C6 NAG M . 4.80 -25.51 16.58
C7 NAG M . 0.31 -20.87 18.23
C8 NAG M . -0.07 -19.53 18.80
N2 NAG M . 1.61 -21.06 17.99
O3 NAG M . 0.92 -23.65 19.00
O4 NAG M . 3.07 -25.58 19.00
O5 NAG M . 4.00 -23.30 16.28
O6 NAG M . 5.90 -25.12 15.78
O7 NAG M . -0.53 -21.74 18.00
H1 NAG M . 4.12 -21.75 17.48
H2 NAG M . 1.52 -22.61 16.74
H3 NAG M . 2.77 -23.04 19.24
H4 NAG M . 2.26 -25.03 17.29
H5 NAG M . 4.81 -23.99 17.95
H61 NAG M . 4.13 -25.93 16.01
H62 NAG M . 5.10 -26.15 17.25
H81 NAG M . -1.04 -19.47 18.87
H82 NAG M . 0.26 -18.83 18.21
H83 NAG M . 0.33 -19.44 19.68
HN2 NAG M . 2.19 -20.38 18.17
HO3 NAG M . 0.33 -23.57 18.34
HO4 NAG M . 2.38 -25.56 19.55
HO6 NAG M . 6.12 -25.79 15.23
C1 NAG N . 1.33 -4.79 49.42
C2 NAG N . 0.39 -3.87 48.66
C3 NAG N . -0.93 -4.58 48.40
C4 NAG N . -0.69 -5.92 47.71
C5 NAG N . 0.34 -6.74 48.49
C6 NAG N . 0.72 -8.02 47.78
C7 NAG N . 0.88 -1.52 49.14
C8 NAG N . 0.53 -0.33 49.98
N2 NAG N . 0.17 -2.63 49.38
O3 NAG N . -1.76 -3.77 47.59
O4 NAG N . -1.90 -6.65 47.62
O5 NAG N . 1.56 -5.98 48.68
O6 NAG N . 2.07 -8.39 48.04
O7 NAG N . 1.75 -1.47 48.28
H1 NAG N . 0.94 -5.01 50.29
H2 NAG N . 0.80 -3.66 47.79
H3 NAG N . -1.37 -4.74 49.26
H4 NAG N . -0.34 -5.75 46.82
H5 NAG N . -0.03 -6.97 49.36
H61 NAG N . 0.61 -7.90 46.82
H62 NAG N . 0.13 -8.73 48.07
H81 NAG N . 1.10 -0.32 50.78
H82 NAG N . 0.68 0.49 49.46
H83 NAG N . -0.40 -0.38 50.25
HN2 NAG N . -0.46 -2.61 50.03
HO3 NAG N . -1.87 -2.98 47.98
HO4 NAG N . -2.56 -6.09 47.46
HO6 NAG N . 2.25 -9.15 47.64
C1 NAG O . 0.12 -20.34 42.51
C2 NAG O . -1.03 -20.86 41.65
C3 NAG O . -1.28 -22.33 41.95
C4 NAG O . 0.01 -23.13 41.83
C5 NAG O . 1.11 -22.49 42.67
C6 NAG O . 2.46 -23.16 42.49
C7 NAG O . -3.20 -19.96 40.95
C8 NAG O . -4.37 -19.11 41.33
N2 NAG O . -2.24 -20.08 41.86
O3 NAG O . -2.26 -22.84 41.04
O4 NAG O . -0.21 -24.47 42.28
O5 NAG O . 1.29 -21.12 42.28
O6 NAG O . 3.44 -22.59 43.34
O7 NAG O . -3.13 -20.51 39.85
H1 NAG O . -0.14 -20.40 43.45
H2 NAG O . -0.77 -20.78 40.71
H3 NAG O . -1.62 -22.41 42.86
H4 NAG O . 0.28 -23.15 40.90
H5 NAG O . 0.86 -22.53 43.60
H61 NAG O . 2.37 -24.11 42.71
H62 NAG O . 2.74 -23.07 41.56
H81 NAG O . -4.78 -19.48 42.14
H82 NAG O . -4.07 -18.19 41.50
H83 NAG O . -5.02 -19.10 40.60
HN2 NAG O . -2.34 -19.64 42.66
HO3 NAG O . -2.29 -22.32 40.33
HO4 NAG O . -1.07 -24.61 42.36
HO6 NAG O . 4.09 -23.16 43.49
C1 NAG P . 59.08 -2.91 -35.06
C2 NAG P . 59.58 -4.02 -34.13
C3 NAG P . 61.09 -4.23 -34.31
C4 NAG P . 61.42 -4.44 -35.78
C5 NAG P . 60.88 -3.28 -36.61
C6 NAG P . 61.09 -3.45 -38.09
C7 NAG P . 59.56 -4.51 -31.72
C8 NAG P . 59.20 -4.00 -30.36
N2 NAG P . 59.29 -3.69 -32.74
O3 NAG P . 61.50 -5.37 -33.56
O4 NAG P . 62.83 -4.52 -35.95
O5 NAG P . 59.47 -3.19 -36.40
O6 NAG P . 60.42 -2.44 -38.83
O7 NAG P . 60.08 -5.61 -31.89
H1 NAG P . 59.45 -2.05 -34.78
H2 NAG P . 59.12 -4.85 -34.35
H3 NAG P . 61.56 -3.45 -33.98
H4 NAG P . 61.02 -5.27 -36.09
H5 NAG P . 61.31 -2.45 -36.31
H61 NAG P . 62.06 -3.41 -38.29
H62 NAG P . 60.76 -4.32 -38.35
H81 NAG P . 59.88 -3.35 -30.06
H82 NAG P . 58.33 -3.57 -30.39
H83 NAG P . 59.18 -4.75 -29.72
HN2 NAG P . 58.90 -2.88 -32.55
HO3 NAG P . 60.88 -6.00 -33.63
HO4 NAG P . 63.10 -5.37 -35.86
HO6 NAG P . 60.56 -1.65 -38.45
C1 NAG Q . 58.53 -10.36 -22.61
C2 NAG Q . 59.80 -11.20 -22.65
C3 NAG Q . 60.45 -11.08 -24.03
C4 NAG Q . 59.45 -11.42 -25.13
C5 NAG Q . 58.19 -10.58 -24.97
C6 NAG Q . 57.10 -10.96 -25.95
C7 NAG Q . 60.96 -11.55 -20.52
C8 NAG Q . 61.95 -10.99 -19.54
N2 NAG Q . 60.73 -10.81 -21.61
O3 NAG Q . 61.57 -11.95 -24.09
O4 NAG Q . 60.03 -11.15 -26.40
O5 NAG Q . 57.64 -10.76 -23.66
O6 NAG Q . 56.03 -10.04 -25.91
O7 NAG Q . 60.40 -12.62 -20.34
H1 NAG Q . 58.77 -9.43 -22.76
H2 NAG Q . 59.55 -12.14 -22.52
H3 NAG Q . 60.77 -10.16 -24.15
H4 NAG Q . 59.22 -12.36 -25.07
H5 NAG Q . 58.41 -9.63 -25.10
H61 NAG Q . 57.48 -10.98 -26.84
H62 NAG Q . 56.77 -11.86 -25.72
H81 NAG Q . 62.82 -10.94 -19.96
H82 NAG Q . 61.99 -11.58 -18.77
H83 NAG Q . 61.67 -10.10 -19.27
HN2 NAG Q . 61.17 -10.02 -21.69
HO3 NAG Q . 62.21 -11.67 -23.55
HO4 NAG Q . 60.87 -11.42 -26.40
HO6 NAG Q . 55.36 -10.34 -26.42
C1 NAG R . -13.86 22.89 -23.30
C2 NAG R . -12.67 22.01 -23.68
C3 NAG R . -12.37 22.13 -25.18
C4 NAG R . -13.64 21.86 -25.99
C5 NAG R . -14.77 22.76 -25.51
C6 NAG R . -16.08 22.46 -26.19
C7 NAG R . -10.33 21.72 -22.97
C8 NAG R . -9.23 22.23 -22.09
N2 NAG R . -11.49 22.38 -22.90
O3 NAG R . -11.36 21.21 -25.55
O4 NAG R . -13.39 22.13 -27.37
O5 NAG R . -14.99 22.53 -24.10
O6 NAG R . -17.03 23.50 -25.96
O7 NAG R . -10.18 20.74 -23.70
H1 NAG R . -13.63 23.83 -23.46
H2 NAG R . -12.88 21.09 -23.50
H3 NAG R . -12.06 23.05 -25.37
H4 NAG R . -13.89 20.93 -25.89
H5 NAG R . -14.53 23.69 -25.64
H61 NAG R . -15.93 22.38 -27.15
H62 NAG R . -16.45 21.62 -25.85
H81 NAG R . -9.04 23.16 -22.32
H82 NAG R . -8.42 21.70 -22.25
H83 NAG R . -9.50 22.16 -21.16
HN2 NAG R . -11.55 23.10 -22.35
HO3 NAG R . -11.46 20.46 -25.08
HO4 NAG R . -12.98 21.43 -27.74
HO6 NAG R . -17.58 23.56 -26.65
C1 NAG S . -21.92 23.52 -13.39
C2 NAG S . -23.23 23.91 -12.71
C3 NAG S . -24.28 24.27 -13.74
C4 NAG S . -23.77 25.32 -14.72
C5 NAG S . -22.44 24.85 -15.32
C6 NAG S . -21.79 25.91 -16.18
C7 NAG S . -23.92 23.02 -10.53
C8 NAG S . -24.41 21.82 -9.78
N2 NAG S . -23.70 22.85 -11.83
O3 NAG S . -25.45 24.75 -13.08
O4 NAG S . -24.70 25.53 -15.76
O5 NAG S . -21.50 24.56 -14.26
O6 NAG S . -20.39 25.72 -16.28
O7 NAG S . -23.73 24.11 -9.97
H1 NAG S . -22.07 22.71 -13.91
H2 NAG S . -23.06 24.71 -12.17
H3 NAG S . -24.52 23.46 -14.25
H4 NAG S . -23.62 26.16 -14.23
H5 NAG S . -22.59 24.05 -15.85
H61 NAG S . -22.19 25.87 -17.07
H62 NAG S . -21.96 26.79 -15.79
H81 NAG S . -24.09 21.01 -10.22
H82 NAG S . -25.39 21.83 -9.77
H83 NAG S . -24.06 21.85 -8.86
HN2 NAG S . -23.85 22.03 -12.19
HO3 NAG S . -25.91 24.06 -12.75
HO4 NAG S . -25.51 25.67 -15.40
HO6 NAG S . -20.01 26.45 -16.59
C1 NAG T . 7.55 18.84 -8.87
C2 NAG T . 8.29 17.51 -8.67
C3 NAG T . 9.34 17.64 -7.57
C4 NAG T . 10.26 18.83 -7.86
C5 NAG T . 9.43 20.09 -8.05
C6 NAG T . 10.27 21.29 -8.42
C7 NAG T . 6.93 15.55 -9.25
C8 NAG T . 5.98 14.51 -8.74
N2 NAG T . 7.36 16.44 -8.35
O3 NAG T . 10.10 16.45 -7.50
O4 NAG T . 11.17 19.01 -6.77
O5 NAG T . 8.50 19.89 -9.12
O6 NAG T . 11.10 21.71 -7.35
O7 NAG T . 7.30 15.58 -10.42
H1 NAG T . 7.04 19.05 -8.07
H2 NAG T . 8.75 17.29 -9.50
H3 NAG T . 8.89 17.80 -6.72
H4 NAG T . 10.77 18.64 -8.67
H5 NAG T . 8.95 20.28 -7.23
H61 NAG T . 10.83 21.06 -9.19
H62 NAG T . 9.67 22.03 -8.68
H81 NAG T . 5.27 14.95 -8.22
H82 NAG T . 6.46 13.89 -8.16
H83 NAG T . 5.59 14.02 -9.49
HN2 NAG T . 7.06 16.37 -7.49
HO3 NAG T . 9.56 15.77 -7.29
HO4 NAG T . 11.82 18.41 -6.83
HO6 NAG T . 11.55 21.01 -7.03
C1 NAG U . -0.99 27.26 -5.16
C2 NAG U . 0.48 27.65 -5.26
C3 NAG U . 0.61 29.17 -5.44
C4 NAG U . -0.24 29.64 -6.61
C5 NAG U . -1.68 29.15 -6.45
C6 NAG U . -2.55 29.50 -7.63
C7 NAG U . 2.54 27.02 -4.09
C8 NAG U . 3.14 26.57 -2.80
N2 NAG U . 1.22 27.21 -4.09
O3 NAG U . 1.97 29.50 -5.66
O4 NAG U . -0.23 31.07 -6.66
O5 NAG U . -1.69 27.73 -6.32
O6 NAG U . -3.88 29.03 -7.45
O7 NAG U . 3.22 27.21 -5.09
H1 NAG U . -1.38 27.67 -4.37
H2 NAG U . 0.86 27.23 -6.06
H3 NAG U . 0.30 29.60 -4.62
H4 NAG U . 0.12 29.28 -7.44
H5 NAG U . -2.06 29.56 -5.64
H61 NAG U . -2.57 30.46 -7.76
H62 NAG U . -2.18 29.07 -8.44
H81 NAG U . 2.72 25.73 -2.53
H82 NAG U . 2.97 27.24 -2.11
H83 NAG U . 4.09 26.43 -2.91
HN2 NAG U . 0.76 27.05 -3.32
HO3 NAG U . 2.37 28.84 -6.12
HO4 NAG U . 0.61 31.35 -6.68
HO6 NAG U . -4.34 29.10 -8.21
C1 NAG V . 15.49 39.00 26.35
C2 NAG V . 15.47 37.77 25.47
C3 NAG V . 16.36 37.98 24.24
C4 NAG V . 15.95 39.25 23.52
C5 NAG V . 15.92 40.43 24.48
C6 NAG V . 15.40 41.70 23.85
C7 NAG V . 15.08 35.87 26.98
C8 NAG V . 15.69 34.68 27.66
N2 NAG V . 15.90 36.59 26.20
O3 NAG V . 16.24 36.86 23.37
O4 NAG V . 16.87 39.53 22.46
O5 NAG V . 15.07 40.14 25.60
O6 NAG V . 15.15 42.70 24.84
O7 NAG V . 13.89 36.15 27.10
H1 NAG V . 16.40 39.15 26.68
H2 NAG V . 14.56 37.63 25.16
H3 NAG V . 17.29 38.07 24.54
H4 NAG V . 15.05 39.13 23.14
H5 NAG V . 16.83 40.60 24.80
H61 NAG V . 16.04 42.03 23.21
H62 NAG V . 14.56 41.50 23.39
H81 NAG V . 15.02 34.25 28.22
H82 NAG V . 16.44 34.98 28.22
H83 NAG V . 16.01 34.05 26.99
HN2 NAG V . 16.77 36.33 26.14
HO3 NAG V . 16.47 36.12 23.81
HO4 NAG V . 16.90 38.82 21.91
HO6 NAG V . 15.42 42.41 25.63
C1 NAG W . 11.24 44.59 10.07
C2 NAG W . 11.83 44.14 8.74
C3 NAG W . 11.82 45.29 7.73
C4 NAG W . 10.42 45.87 7.62
C5 NAG W . 9.88 46.23 9.01
C6 NAG W . 8.44 46.71 8.98
C7 NAG W . 13.78 42.81 8.06
C8 NAG W . 15.18 42.40 8.42
N2 NAG W . 13.19 43.65 8.93
O3 NAG W . 12.25 44.82 6.47
O4 NAG W . 10.45 47.05 6.82
O5 NAG W . 9.91 45.08 9.85
O6 NAG W . 8.09 47.34 10.20
O7 NAG W . 13.22 42.40 7.06
H1 NAG W . 11.79 45.30 10.44
H2 NAG W . 11.28 43.41 8.38
H3 NAG W . 12.43 45.99 8.04
H4 NAG W . 9.83 45.22 7.21
H5 NAG W . 10.43 46.93 9.40
H61 NAG W . 8.33 47.34 8.25
H62 NAG W . 7.86 45.95 8.83
H81 NAG W . 15.51 41.75 7.76
H82 NAG W . 15.20 42.00 9.31
H83 NAG W . 15.77 43.18 8.40
HN2 NAG W . 13.66 43.91 9.66
HO3 NAG W . 12.10 43.95 6.41
HO4 NAG W . 10.96 46.91 6.12
HO6 NAG W . 7.25 47.63 10.16
#